data_4X6D
#
_entry.id   4X6D
#
_cell.length_a   90.133
_cell.length_b   126.322
_cell.length_c   226.852
_cell.angle_alpha   90.00
_cell.angle_beta   90.00
_cell.angle_gamma   90.00
#
_symmetry.space_group_name_H-M   'P 21 21 21'
#
loop_
_entity.id
_entity.type
_entity.pdbx_description
1 polymer 'T-cell surface glycoprotein CD1a'
2 polymer Beta-2-microglobulin
3 polymer 'TCR alpha'
4 polymer 'TCR beta'
5 branched 2-acetamido-2-deoxy-beta-D-glucopyranose-(1-4)-[alpha-L-fucopyranose-(1-6)]2-acetamido-2-deoxy-beta-D-glucopyranose
6 non-polymer 'OLEIC ACID'
7 non-polymer 'PALMITOLEIC ACID'
8 water water
#
loop_
_entity_poly.entity_id
_entity_poly.type
_entity_poly.pdbx_seq_one_letter_code
_entity_poly.pdbx_strand_id
1 'polypeptide(L)'
;LKEPLSFHVIWIASFYNHSWKQNLVSGWLSDLQTHTWDSNSSTIVFLWPWSRGNFSNEEWKELETLFRIRTIRSFEGIRR
YAHELQFEYPFEIQVTGGCELHSGKVSGSFLQLAYQGSDFVSFQNNSWLPYPVAGNMAKHFCKVLNQNQHENDITHNLLS
DTCPRFILGLLDAGKAHLQRQVKPEAWLSHGPSPGPGHLQLVCHVSGFYPKPVWVMWMRGEQEQQGTQRGDILPSADGTW
YLRATLEVAAGEAADLSCRVKHSSLEGQDIVLYWE
;
A,C
2 'polypeptide(L)'
;IQRTPKIQVYSRHPAENGKSNFLNCYVSGFHPSDIEVDLLKNGERIEKVEHSDLSFSKDWSFYLLYYTEFTPTEKDEYAC
RVNHVTLSQPKIVKWDRDM
;
B,D
3 'polypeptide(L)'
;QKEVEQDPGPLSVPEGAIVSLNCTYSNSAFQYFMWYRQYSRKGPELLMYTYSSGNKEDGRFTAQVDKSSKYISLFIRDSQ
PSDSATYLCAMSTSLPNAGKSTFGDGTTLTVKPNIQNPDPAVYQLRDSKSSDKSVCLFTDFDSQTNVSQSKDSDVYITDK
CVLDMRSMDFKSNSAVAWSNKSDFACANAFNNSIIPEDTFFPSPESS
;
E,G
4 'polypeptide(L)'
;NAGVTQTPKFRVLKTGQSMTLLCAQDMNHEYMYWYRQDPGMGLRLIHYSVGEGTTAKGEVPDGYNVSRLKKQNFLLGLES
AAPSQTSVYFCASRYFLPTQGMGAFFGQGTRLTVVEDLNKVFPPEVAVFEPSEAEISHTQKATLVCLATGFYPDHVELSW
WVNGKEVHSGVCTDPQPLKEQPALNDSRYALSSRLRVSATFWQNPRNHFRCQVQFYGLSENDEWTQDRAKPVTQIVSAEA
WGRAD
;
F,H
#
loop_
_chem_comp.id
_chem_comp.type
_chem_comp.name
_chem_comp.formula
FUC L-saccharide, alpha linking alpha-L-fucopyranose 'C6 H12 O5'
NAG D-saccharide, beta linking 2-acetamido-2-deoxy-beta-D-glucopyranose 'C8 H15 N O6'
OLA non-polymer 'OLEIC ACID' 'C18 H34 O2'
PAM non-polymer 'PALMITOLEIC ACID' 'C16 H30 O2'
#
# COMPACT_ATOMS: atom_id res chain seq x y z
N PRO A 4 33.54 -32.12 -5.11
CA PRO A 4 33.02 -30.92 -5.77
C PRO A 4 32.95 -29.72 -4.82
N LEU A 5 32.05 -28.78 -5.09
CA LEU A 5 31.89 -27.58 -4.27
C LEU A 5 30.99 -27.85 -3.07
N SER A 6 31.54 -27.75 -1.87
CA SER A 6 30.77 -28.18 -0.71
C SER A 6 31.00 -27.33 0.52
N PHE A 7 29.92 -26.72 1.01
CA PHE A 7 29.96 -25.98 2.25
C PHE A 7 29.49 -26.82 3.44
N HIS A 8 30.35 -26.94 4.45
CA HIS A 8 30.01 -27.70 5.64
C HIS A 8 30.24 -26.90 6.93
N VAL A 9 29.55 -27.31 7.99
CA VAL A 9 29.79 -26.75 9.33
C VAL A 9 30.19 -27.90 10.23
N ILE A 10 31.35 -27.80 10.88
CA ILE A 10 31.84 -28.91 11.70
C ILE A 10 31.79 -28.61 13.20
N TRP A 11 31.64 -29.67 13.98
CA TRP A 11 31.54 -29.60 15.43
C TRP A 11 32.55 -30.54 16.06
N ILE A 12 33.37 -30.05 16.97
CA ILE A 12 34.31 -30.93 17.65
C ILE A 12 34.08 -30.83 19.16
N ALA A 13 33.60 -31.92 19.74
CA ALA A 13 33.25 -31.95 21.15
C ALA A 13 34.25 -32.79 21.94
N SER A 14 34.81 -32.22 23.01
CA SER A 14 35.84 -32.90 23.79
C SER A 14 35.42 -33.03 25.25
N PHE A 15 35.68 -34.19 25.85
CA PHE A 15 35.28 -34.43 27.24
C PHE A 15 36.41 -35.13 28.04
N LYS A 21 35.69 -29.74 29.20
CA LYS A 21 34.68 -30.08 28.20
C LYS A 21 34.54 -28.97 27.15
N GLN A 22 35.60 -28.74 26.38
CA GLN A 22 35.60 -27.73 25.33
C GLN A 22 34.71 -28.10 24.15
N ASN A 23 34.50 -27.14 23.25
CA ASN A 23 33.59 -27.26 22.12
C ASN A 23 34.00 -26.31 21.00
N LEU A 24 34.13 -26.84 19.79
CA LEU A 24 34.57 -26.01 18.67
C LEU A 24 33.55 -26.05 17.53
N VAL A 25 33.38 -24.91 16.86
CA VAL A 25 32.45 -24.77 15.75
C VAL A 25 33.02 -23.92 14.61
N SER A 26 33.12 -24.50 13.42
CA SER A 26 33.54 -23.70 12.28
C SER A 26 32.74 -24.04 11.02
N GLY A 27 32.77 -23.14 10.05
CA GLY A 27 32.07 -23.32 8.81
C GLY A 27 33.01 -23.15 7.66
N TRP A 28 33.03 -24.15 6.78
CA TRP A 28 34.03 -24.22 5.71
C TRP A 28 33.39 -24.34 4.35
N LEU A 29 33.94 -23.63 3.37
CA LEU A 29 33.61 -23.88 1.98
C LEU A 29 34.71 -24.74 1.40
N SER A 30 34.45 -26.04 1.30
CA SER A 30 35.46 -27.04 0.95
C SER A 30 36.64 -27.00 1.89
N ASP A 31 37.83 -26.74 1.36
CA ASP A 31 39.03 -26.71 2.17
C ASP A 31 39.20 -25.35 2.80
N LEU A 32 38.45 -24.38 2.30
CA LEU A 32 38.60 -22.99 2.74
C LEU A 32 37.62 -22.61 3.84
N GLN A 33 38.17 -22.18 4.97
CA GLN A 33 37.34 -21.71 6.08
C GLN A 33 36.75 -20.33 5.80
N THR A 34 35.48 -20.16 6.17
CA THR A 34 34.73 -18.93 5.94
C THR A 34 33.99 -18.44 7.19
N HIS A 35 33.86 -19.31 8.19
CA HIS A 35 33.12 -18.93 9.39
C HIS A 35 33.75 -19.50 10.66
N THR A 36 33.75 -18.70 11.71
CA THR A 36 34.32 -19.07 13.00
C THR A 36 33.32 -18.72 14.08
N TRP A 37 33.21 -19.55 15.12
CA TRP A 37 32.34 -19.26 16.24
C TRP A 37 33.15 -18.74 17.44
N ASP A 38 32.78 -17.57 17.93
CA ASP A 38 33.40 -16.98 19.12
C ASP A 38 32.85 -17.59 20.42
N SER A 39 33.69 -18.34 21.11
CA SER A 39 33.32 -19.02 22.35
C SER A 39 32.76 -18.07 23.40
N ASN A 40 33.54 -17.04 23.73
CA ASN A 40 33.18 -16.06 24.75
C ASN A 40 31.80 -15.43 24.54
N SER A 41 31.60 -14.76 23.40
CA SER A 41 30.41 -13.92 23.20
C SER A 41 29.30 -14.54 22.34
N SER A 42 29.45 -15.80 21.96
CA SER A 42 28.46 -16.50 21.11
C SER A 42 28.10 -15.70 19.85
N THR A 43 29.00 -15.70 18.88
CA THR A 43 28.81 -14.87 17.69
C THR A 43 29.47 -15.52 16.47
N ILE A 44 28.77 -15.53 15.35
CA ILE A 44 29.34 -16.01 14.11
C ILE A 44 30.35 -14.98 13.60
N VAL A 45 31.59 -15.41 13.39
CA VAL A 45 32.65 -14.53 12.92
C VAL A 45 32.93 -14.72 11.44
N PHE A 46 32.71 -13.67 10.66
CA PHE A 46 33.00 -13.71 9.23
C PHE A 46 34.50 -13.50 8.96
N LEU A 47 35.13 -14.41 8.21
CA LEU A 47 36.56 -14.29 7.94
C LEU A 47 36.80 -13.58 6.62
N TRP A 48 35.76 -13.52 5.79
CA TRP A 48 35.79 -12.70 4.59
C TRP A 48 34.58 -11.77 4.60
N PRO A 49 34.71 -10.58 3.98
CA PRO A 49 33.57 -9.68 3.83
C PRO A 49 32.37 -10.37 3.16
N TRP A 50 32.67 -11.24 2.21
CA TRP A 50 31.63 -11.98 1.52
C TRP A 50 31.42 -13.29 2.27
N SER A 51 31.86 -13.37 3.52
CA SER A 51 31.67 -14.58 4.33
C SER A 51 30.19 -14.73 4.57
N ARG A 52 29.47 -13.61 4.54
CA ARG A 52 28.03 -13.53 4.78
C ARG A 52 27.07 -13.82 3.62
N GLY A 53 27.52 -13.63 2.39
CA GLY A 53 26.71 -13.93 1.22
C GLY A 53 25.35 -13.30 0.98
N ASN A 54 24.36 -14.10 0.63
CA ASN A 54 23.00 -13.60 0.37
C ASN A 54 22.34 -13.01 1.58
N PHE A 55 22.39 -13.72 2.68
CA PHE A 55 21.77 -13.27 3.89
C PHE A 55 22.05 -11.84 4.26
N SER A 56 21.26 -11.37 5.22
CA SER A 56 21.29 -10.02 5.78
C SER A 56 21.43 -10.07 7.30
N ASN A 57 21.76 -8.92 7.90
CA ASN A 57 22.06 -8.83 9.33
C ASN A 57 20.93 -9.42 10.15
N GLU A 58 19.72 -9.09 9.73
CA GLU A 58 18.50 -9.60 10.33
C GLU A 58 18.57 -11.12 10.41
N GLU A 59 18.75 -11.75 9.28
CA GLU A 59 18.81 -13.18 9.26
C GLU A 59 19.96 -13.77 10.03
N TRP A 60 21.15 -13.25 9.79
CA TRP A 60 22.35 -13.79 10.42
C TRP A 60 22.22 -13.87 11.94
N LYS A 61 21.72 -12.79 12.55
CA LYS A 61 21.46 -12.76 13.99
C LYS A 61 20.52 -13.90 14.35
N GLU A 62 19.45 -14.04 13.56
CA GLU A 62 18.46 -15.10 13.75
C GLU A 62 19.08 -16.50 13.73
N LEU A 63 20.00 -16.72 12.81
CA LEU A 63 20.67 -18.01 12.66
C LEU A 63 21.64 -18.26 13.80
N GLU A 64 22.52 -17.28 14.02
CA GLU A 64 23.46 -17.27 15.13
C GLU A 64 22.76 -17.68 16.42
N THR A 65 21.61 -17.03 16.68
CA THR A 65 20.76 -17.35 17.82
C THR A 65 20.31 -18.80 17.83
N LEU A 66 19.81 -19.25 16.68
CA LEU A 66 19.40 -20.64 16.50
C LEU A 66 20.57 -21.59 16.76
N PHE A 67 21.78 -21.19 16.40
CA PHE A 67 22.95 -22.03 16.60
C PHE A 67 23.33 -22.09 18.06
N ARG A 68 23.07 -21.02 18.78
CA ARG A 68 23.44 -20.96 20.18
C ARG A 68 22.58 -21.95 20.96
N ILE A 69 21.26 -21.79 20.84
CA ILE A 69 20.31 -22.63 21.56
C ILE A 69 20.53 -24.10 21.26
N ARG A 70 20.55 -24.43 19.97
CA ARG A 70 20.56 -25.81 19.53
C ARG A 70 21.82 -26.52 19.97
N THR A 71 22.96 -25.82 19.86
CA THR A 71 24.24 -26.37 20.32
C THR A 71 24.19 -26.65 21.82
N ILE A 72 23.77 -25.66 22.61
CA ILE A 72 23.57 -25.84 24.04
C ILE A 72 22.73 -27.08 24.37
N ARG A 73 21.53 -27.15 23.79
CA ARG A 73 20.62 -28.30 23.99
C ARG A 73 21.30 -29.62 23.69
N SER A 74 22.13 -29.63 22.65
CA SER A 74 22.83 -30.83 22.22
C SER A 74 24.01 -31.13 23.14
N PHE A 75 24.66 -30.08 23.62
CA PHE A 75 25.83 -30.26 24.47
C PHE A 75 25.43 -30.73 25.86
N GLU A 76 24.56 -29.97 26.53
CA GLU A 76 24.10 -30.36 27.86
C GLU A 76 23.33 -31.66 27.75
N GLY A 77 22.66 -31.85 26.62
CA GLY A 77 21.97 -33.09 26.33
C GLY A 77 22.87 -34.24 25.92
N ILE A 78 24.10 -34.25 26.44
CA ILE A 78 24.98 -35.40 26.26
C ILE A 78 25.53 -35.88 27.60
N ARG A 79 26.12 -35.00 28.41
CA ARG A 79 26.55 -35.41 29.75
C ARG A 79 25.31 -35.68 30.59
N ARG A 80 24.15 -35.30 30.04
CA ARG A 80 22.87 -35.75 30.56
C ARG A 80 22.67 -37.24 30.23
N TYR A 81 23.04 -37.64 29.03
CA TYR A 81 22.85 -39.02 28.64
C TYR A 81 24.14 -39.77 28.43
N ALA A 82 25.25 -39.18 28.88
CA ALA A 82 26.52 -39.85 28.70
C ALA A 82 26.52 -41.18 29.41
N HIS A 83 26.04 -41.20 30.64
CA HIS A 83 26.00 -42.43 31.41
C HIS A 83 25.04 -43.48 30.84
N GLU A 84 23.86 -43.04 30.45
CA GLU A 84 22.86 -43.96 29.94
C GLU A 84 23.43 -44.60 28.68
N LEU A 85 24.07 -43.79 27.85
CA LEU A 85 24.69 -44.29 26.64
C LEU A 85 25.96 -44.93 27.16
N GLN A 86 26.54 -45.86 26.40
CA GLN A 86 27.75 -46.51 26.87
C GLN A 86 28.87 -45.52 27.07
N PHE A 87 28.97 -44.56 26.16
CA PHE A 87 29.99 -43.51 26.23
C PHE A 87 30.74 -43.37 27.54
N GLU A 88 32.00 -43.79 27.54
CA GLU A 88 32.85 -43.68 28.73
C GLU A 88 33.99 -42.70 28.47
N TYR A 89 34.37 -41.96 29.52
CA TYR A 89 35.35 -40.89 29.44
C TYR A 89 36.77 -41.40 29.28
N PRO A 90 37.61 -40.67 28.53
CA PRO A 90 37.20 -39.48 27.78
C PRO A 90 36.80 -39.83 26.35
N PHE A 91 36.01 -38.98 25.70
CA PHE A 91 35.58 -39.27 24.33
C PHE A 91 35.38 -37.99 23.50
N GLU A 92 35.29 -38.17 22.18
CA GLU A 92 35.11 -37.04 21.28
C GLU A 92 34.01 -37.27 20.25
N ILE A 93 33.10 -36.30 20.16
CA ILE A 93 31.99 -36.33 19.21
C ILE A 93 32.25 -35.32 18.07
N GLN A 94 32.12 -35.79 16.82
CA GLN A 94 32.36 -34.94 15.66
C GLN A 94 31.13 -34.88 14.76
N VAL A 95 30.67 -33.68 14.44
CA VAL A 95 29.52 -33.54 13.58
C VAL A 95 29.86 -32.70 12.35
N THR A 96 29.50 -33.19 11.17
CA THR A 96 29.66 -32.40 9.96
C THR A 96 28.31 -32.31 9.23
N GLY A 97 27.95 -31.09 8.84
CA GLY A 97 26.67 -30.88 8.17
C GLY A 97 26.79 -29.84 7.07
N GLY A 98 25.97 -30.01 6.04
CA GLY A 98 25.99 -29.06 4.93
C GLY A 98 25.37 -29.58 3.65
N CYS A 99 25.81 -29.03 2.53
CA CYS A 99 25.25 -29.33 1.23
C CYS A 99 26.33 -29.14 0.18
N GLU A 100 26.12 -29.69 -1.00
CA GLU A 100 27.12 -29.57 -2.05
C GLU A 100 26.50 -29.21 -3.40
N LEU A 101 27.35 -28.80 -4.33
CA LEU A 101 26.94 -28.44 -5.68
C LEU A 101 27.73 -29.22 -6.72
N HIS A 102 27.03 -29.79 -7.69
CA HIS A 102 27.68 -30.45 -8.81
C HIS A 102 27.49 -29.59 -10.06
N SER A 103 28.51 -28.79 -10.38
CA SER A 103 28.48 -27.84 -11.50
C SER A 103 27.26 -26.91 -11.42
N GLY A 104 27.22 -26.10 -10.37
CA GLY A 104 26.24 -25.02 -10.25
C GLY A 104 24.85 -25.43 -9.80
N LYS A 105 24.71 -26.69 -9.40
CA LYS A 105 23.39 -27.24 -9.07
C LYS A 105 23.37 -28.01 -7.75
N VAL A 106 22.28 -27.89 -6.99
CA VAL A 106 22.16 -28.52 -5.67
C VAL A 106 22.20 -30.06 -5.75
N SER A 107 23.37 -30.62 -5.44
CA SER A 107 23.62 -32.05 -5.56
C SER A 107 23.37 -32.82 -4.26
N GLY A 108 22.41 -32.38 -3.46
CA GLY A 108 22.07 -33.05 -2.22
C GLY A 108 22.73 -32.47 -0.97
N SER A 109 22.35 -32.98 0.20
CA SER A 109 22.90 -32.51 1.47
C SER A 109 23.14 -33.65 2.49
N PHE A 110 23.78 -33.32 3.61
CA PHE A 110 24.28 -34.32 4.55
C PHE A 110 24.40 -33.82 5.98
N LEU A 111 24.47 -34.77 6.89
CA LEU A 111 24.68 -34.48 8.29
C LEU A 111 25.05 -35.77 9.02
N GLN A 112 26.31 -35.86 9.43
CA GLN A 112 26.85 -37.09 10.00
C GLN A 112 27.55 -36.87 11.33
N LEU A 113 27.28 -37.77 12.27
CA LEU A 113 27.87 -37.69 13.60
C LEU A 113 28.84 -38.86 13.81
N ALA A 114 29.95 -38.58 14.48
CA ALA A 114 30.98 -39.58 14.71
C ALA A 114 31.34 -39.75 16.18
N TYR A 115 31.41 -41.00 16.60
CA TYR A 115 31.85 -41.35 17.94
C TYR A 115 33.27 -41.88 17.87
N GLN A 116 34.19 -41.19 18.53
CA GLN A 116 35.60 -41.65 18.66
C GLN A 116 36.32 -41.85 17.32
N GLY A 117 35.87 -41.19 16.28
CA GLY A 117 36.57 -41.24 15.01
C GLY A 117 36.01 -42.28 14.05
N SER A 118 34.92 -42.92 14.43
CA SER A 118 34.20 -43.84 13.55
C SER A 118 32.72 -43.45 13.47
N ASP A 119 32.10 -43.63 12.30
CA ASP A 119 30.70 -43.26 12.06
C ASP A 119 29.78 -43.75 13.16
N PHE A 120 28.74 -42.97 13.46
CA PHE A 120 27.80 -43.36 14.50
C PHE A 120 26.36 -43.20 14.06
N VAL A 121 25.92 -41.98 13.82
CA VAL A 121 24.58 -41.76 13.26
C VAL A 121 24.60 -40.77 12.10
N SER A 122 23.62 -40.93 11.22
CA SER A 122 23.49 -40.08 10.06
C SER A 122 22.09 -39.54 10.05
N PHE A 123 21.91 -38.37 9.44
CA PHE A 123 20.57 -37.84 9.26
C PHE A 123 20.13 -38.05 7.82
N GLN A 124 19.09 -38.86 7.65
CA GLN A 124 18.59 -39.24 6.34
C GLN A 124 17.10 -38.96 6.28
N ASN A 125 16.62 -38.45 5.15
CA ASN A 125 15.20 -38.15 5.00
C ASN A 125 14.78 -37.14 6.06
N ASN A 126 13.90 -37.59 6.95
CA ASN A 126 13.40 -36.73 7.99
C ASN A 126 13.80 -37.21 9.39
N SER A 127 14.77 -38.11 9.48
CA SER A 127 15.13 -38.63 10.80
C SER A 127 16.55 -39.18 10.87
N TRP A 128 16.94 -39.63 12.06
CA TRP A 128 18.30 -40.10 12.32
C TRP A 128 18.37 -41.60 12.10
N LEU A 129 19.43 -42.03 11.43
CA LEU A 129 19.67 -43.45 11.14
C LEU A 129 21.03 -43.90 11.64
N PRO A 130 21.08 -45.06 12.28
CA PRO A 130 22.37 -45.58 12.74
C PRO A 130 23.16 -46.17 11.59
N TYR A 131 24.48 -46.04 11.63
CA TYR A 131 25.33 -46.86 10.81
C TYR A 131 25.32 -48.22 11.43
N PRO A 132 25.06 -49.26 10.61
CA PRO A 132 24.97 -50.65 11.08
C PRO A 132 26.23 -51.08 11.83
N VAL A 133 27.38 -50.59 11.35
CA VAL A 133 28.68 -50.84 11.96
C VAL A 133 28.72 -50.51 13.46
N ALA A 134 28.26 -49.31 13.80
CA ALA A 134 28.40 -48.76 15.15
C ALA A 134 27.58 -49.49 16.21
N GLY A 135 26.89 -50.56 15.83
CA GLY A 135 26.26 -51.43 16.80
C GLY A 135 24.99 -50.92 17.49
N ASN A 136 24.67 -51.51 18.63
CA ASN A 136 23.37 -51.35 19.27
C ASN A 136 23.25 -50.21 20.27
N MET A 137 24.31 -49.40 20.41
CA MET A 137 24.17 -48.17 21.17
C MET A 137 23.79 -47.07 20.17
N ALA A 138 24.33 -47.16 18.96
CA ALA A 138 23.96 -46.24 17.89
C ALA A 138 22.46 -46.32 17.63
N LYS A 139 21.93 -47.54 17.59
CA LYS A 139 20.49 -47.75 17.39
C LYS A 139 19.71 -47.14 18.54
N HIS A 140 20.32 -47.05 19.70
CA HIS A 140 19.64 -46.49 20.84
C HIS A 140 19.68 -44.98 20.77
N PHE A 141 20.81 -44.46 20.31
CA PHE A 141 21.01 -43.01 20.19
C PHE A 141 19.97 -42.37 19.26
N CYS A 142 19.64 -43.06 18.17
CA CYS A 142 18.61 -42.60 17.26
C CYS A 142 17.25 -42.56 17.94
N LYS A 143 16.92 -43.62 18.67
CA LYS A 143 15.64 -43.71 19.36
C LYS A 143 15.41 -42.48 20.22
N VAL A 144 16.51 -41.94 20.74
CA VAL A 144 16.45 -40.75 21.58
C VAL A 144 16.17 -39.52 20.73
N LEU A 145 17.03 -39.28 19.74
CA LEU A 145 16.92 -38.12 18.86
C LEU A 145 15.56 -38.06 18.16
N ASN A 146 15.17 -39.17 17.54
CA ASN A 146 13.93 -39.26 16.78
C ASN A 146 12.65 -39.13 17.62
N GLN A 147 12.82 -39.03 18.95
CA GLN A 147 11.69 -39.03 19.87
C GLN A 147 10.84 -37.79 19.67
N ASN A 148 11.50 -36.66 19.50
CA ASN A 148 10.79 -35.43 19.14
C ASN A 148 11.00 -35.14 17.68
N GLN A 149 9.93 -35.18 16.92
CA GLN A 149 10.01 -35.01 15.48
C GLN A 149 10.16 -33.56 15.06
N HIS A 150 9.61 -32.64 15.85
CA HIS A 150 9.70 -31.23 15.52
C HIS A 150 11.16 -30.82 15.50
N GLU A 151 11.96 -31.44 16.35
CA GLU A 151 13.39 -31.25 16.29
C GLU A 151 13.91 -31.68 14.92
N ASN A 152 13.42 -32.82 14.44
CA ASN A 152 13.85 -33.30 13.14
C ASN A 152 13.38 -32.42 11.99
N ASP A 153 12.17 -31.87 12.08
CA ASP A 153 11.67 -30.93 11.06
C ASP A 153 12.61 -29.73 10.90
N ILE A 154 13.07 -29.15 12.00
CA ILE A 154 14.01 -28.02 11.95
C ILE A 154 15.36 -28.39 11.33
N THR A 155 15.95 -29.51 11.77
CA THR A 155 17.18 -30.02 11.16
C THR A 155 17.01 -30.17 9.66
N HIS A 156 15.86 -30.69 9.27
CA HIS A 156 15.55 -30.95 7.88
C HIS A 156 15.43 -29.68 7.05
N ASN A 157 14.79 -28.66 7.62
CA ASN A 157 14.61 -27.40 6.92
C ASN A 157 15.94 -26.70 6.63
N LEU A 158 16.87 -26.81 7.58
CA LEU A 158 18.17 -26.19 7.43
C LEU A 158 19.01 -26.88 6.38
N LEU A 159 18.96 -28.20 6.35
CA LEU A 159 19.77 -28.99 5.43
C LEU A 159 19.30 -28.87 4.00
N SER A 160 17.99 -28.79 3.83
CA SER A 160 17.42 -28.93 2.49
C SER A 160 16.82 -27.65 1.91
N ASP A 161 16.77 -26.59 2.69
CA ASP A 161 16.31 -25.32 2.13
C ASP A 161 17.14 -24.13 2.55
N THR A 162 17.51 -24.03 3.82
CA THR A 162 18.40 -22.94 4.23
C THR A 162 19.73 -23.07 3.50
N CYS A 163 20.45 -24.15 3.78
CA CYS A 163 21.80 -24.36 3.29
C CYS A 163 21.94 -24.18 1.76
N PRO A 164 21.04 -24.79 0.95
CA PRO A 164 21.16 -24.55 -0.50
C PRO A 164 21.03 -23.08 -0.91
N ARG A 165 20.09 -22.37 -0.32
CA ARG A 165 19.96 -20.97 -0.63
C ARG A 165 21.23 -20.27 -0.26
N PHE A 166 21.78 -20.64 0.88
CA PHE A 166 22.95 -19.96 1.37
C PHE A 166 24.15 -20.15 0.44
N ILE A 167 24.58 -21.39 0.25
CA ILE A 167 25.80 -21.66 -0.51
C ILE A 167 25.77 -20.96 -1.87
N LEU A 168 24.62 -20.90 -2.50
CA LEU A 168 24.52 -20.23 -3.78
C LEU A 168 24.90 -18.77 -3.62
N GLY A 169 24.35 -18.13 -2.61
CA GLY A 169 24.67 -16.75 -2.36
C GLY A 169 26.15 -16.59 -2.15
N LEU A 170 26.70 -17.34 -1.21
CA LEU A 170 28.13 -17.29 -0.93
C LEU A 170 28.93 -17.33 -2.20
N LEU A 171 28.77 -18.40 -2.95
CA LEU A 171 29.46 -18.55 -4.23
C LEU A 171 29.50 -17.27 -5.05
N ASP A 172 28.32 -16.71 -5.31
CA ASP A 172 28.16 -15.46 -6.05
C ASP A 172 28.87 -14.29 -5.35
N ALA A 173 28.82 -14.29 -4.02
CA ALA A 173 29.39 -13.21 -3.23
C ALA A 173 30.89 -13.12 -3.30
N GLY A 174 31.56 -14.26 -3.34
CA GLY A 174 33.01 -14.29 -3.39
C GLY A 174 33.55 -14.74 -4.73
N LYS A 175 32.84 -14.43 -5.81
CA LYS A 175 33.27 -14.82 -7.15
C LYS A 175 34.57 -14.12 -7.55
N ALA A 176 34.94 -13.11 -6.77
CA ALA A 176 36.18 -12.39 -6.97
C ALA A 176 37.35 -13.10 -6.30
N HIS A 177 37.03 -13.88 -5.26
CA HIS A 177 38.04 -14.61 -4.50
C HIS A 177 38.27 -15.98 -5.12
N LEU A 178 37.28 -16.86 -5.01
CA LEU A 178 37.29 -18.11 -5.78
C LEU A 178 37.03 -17.74 -7.24
N GLN A 179 37.14 -18.71 -8.15
CA GLN A 179 37.07 -18.48 -9.62
C GLN A 179 38.30 -17.72 -10.15
N ARG A 180 39.19 -17.31 -9.25
CA ARG A 180 40.41 -16.59 -9.60
C ARG A 180 41.51 -17.58 -9.98
N GLN A 181 42.45 -17.14 -10.81
CA GLN A 181 43.53 -18.01 -11.29
C GLN A 181 44.90 -17.52 -10.83
N VAL A 182 45.61 -18.34 -10.06
CA VAL A 182 46.96 -18.01 -9.62
C VAL A 182 47.98 -18.97 -10.24
N LYS A 183 48.82 -18.44 -11.13
CA LYS A 183 49.80 -19.24 -11.87
C LYS A 183 50.82 -19.90 -10.97
N PRO A 184 51.10 -21.20 -11.20
CA PRO A 184 52.01 -22.01 -10.38
C PRO A 184 53.48 -21.74 -10.65
N GLU A 185 54.34 -22.13 -9.71
CA GLU A 185 55.78 -22.01 -9.85
C GLU A 185 56.39 -23.40 -9.91
N ALA A 186 57.34 -23.61 -10.82
CA ALA A 186 57.82 -24.97 -11.08
C ALA A 186 59.35 -25.12 -11.12
N TRP A 187 59.87 -26.05 -10.33
CA TRP A 187 61.32 -26.30 -10.26
C TRP A 187 61.64 -27.77 -9.98
N LEU A 188 62.89 -28.18 -10.23
CA LEU A 188 63.29 -29.59 -10.15
C LEU A 188 64.36 -29.88 -9.09
N SER A 189 64.40 -31.11 -8.58
CA SER A 189 65.39 -31.50 -7.56
C SER A 189 65.61 -33.00 -7.42
N HIS A 190 66.72 -33.38 -6.77
CA HIS A 190 66.94 -34.76 -6.36
C HIS A 190 66.13 -35.10 -5.12
N GLY A 191 65.80 -36.37 -4.95
CA GLY A 191 65.14 -36.85 -3.75
C GLY A 191 66.15 -37.71 -3.02
N PRO A 192 65.68 -38.54 -2.09
CA PRO A 192 66.61 -39.49 -1.47
C PRO A 192 66.95 -40.63 -2.42
N SER A 193 68.22 -41.01 -2.46
CA SER A 193 68.68 -42.06 -3.32
C SER A 193 67.92 -43.36 -3.08
N PRO A 194 67.31 -43.91 -4.14
CA PRO A 194 66.52 -45.12 -4.00
C PRO A 194 67.41 -46.35 -3.97
N GLY A 195 68.67 -46.17 -4.35
CA GLY A 195 69.63 -47.24 -4.28
C GLY A 195 70.80 -46.88 -5.16
N PRO A 196 71.86 -47.72 -5.15
CA PRO A 196 72.98 -47.36 -6.02
C PRO A 196 72.55 -47.26 -7.47
N GLY A 197 73.17 -46.34 -8.19
CA GLY A 197 72.96 -46.16 -9.62
C GLY A 197 71.65 -45.49 -9.98
N HIS A 198 70.82 -45.20 -9.00
CA HIS A 198 69.52 -44.63 -9.33
C HIS A 198 69.26 -43.28 -8.68
N LEU A 199 68.22 -42.61 -9.17
CA LEU A 199 67.86 -41.28 -8.70
C LEU A 199 66.40 -41.17 -8.41
N GLN A 200 66.03 -40.15 -7.63
CA GLN A 200 64.65 -39.74 -7.58
C GLN A 200 64.54 -38.34 -8.17
N LEU A 201 63.90 -38.22 -9.32
CA LEU A 201 63.65 -36.90 -9.87
C LEU A 201 62.40 -36.37 -9.19
N VAL A 202 62.45 -35.10 -8.80
CA VAL A 202 61.38 -34.47 -8.07
C VAL A 202 60.94 -33.19 -8.75
N CYS A 203 59.68 -33.17 -9.20
CA CYS A 203 59.09 -31.98 -9.78
C CYS A 203 58.32 -31.22 -8.71
N HIS A 204 58.57 -29.93 -8.60
CA HIS A 204 57.87 -29.12 -7.62
C HIS A 204 56.94 -28.14 -8.30
N VAL A 205 55.66 -28.20 -7.94
CA VAL A 205 54.70 -27.20 -8.36
C VAL A 205 54.15 -26.56 -7.10
N SER A 206 54.36 -25.25 -6.95
CA SER A 206 53.96 -24.57 -5.73
C SER A 206 53.06 -23.35 -5.99
N GLY A 207 52.26 -23.01 -4.99
CA GLY A 207 51.47 -21.80 -5.01
C GLY A 207 50.46 -21.66 -6.14
N PHE A 208 49.75 -22.74 -6.45
CA PHE A 208 48.73 -22.65 -7.49
C PHE A 208 47.30 -22.65 -6.93
N TYR A 209 46.41 -22.02 -7.68
CA TYR A 209 44.99 -21.93 -7.35
C TYR A 209 44.21 -21.74 -8.64
N PRO A 210 43.10 -22.47 -8.82
CA PRO A 210 42.45 -23.45 -7.95
C PRO A 210 43.23 -24.76 -7.79
N LYS A 211 42.65 -25.68 -7.02
CA LYS A 211 43.33 -26.89 -6.58
C LYS A 211 43.58 -27.99 -7.63
N PRO A 212 42.67 -28.21 -8.60
CA PRO A 212 42.98 -29.29 -9.55
C PRO A 212 44.20 -29.02 -10.44
N VAL A 213 45.07 -30.01 -10.54
CA VAL A 213 46.30 -29.84 -11.29
C VAL A 213 46.76 -31.14 -11.95
N TRP A 214 47.59 -31.04 -12.97
CA TRP A 214 48.14 -32.20 -13.67
C TRP A 214 49.66 -32.11 -13.78
N VAL A 215 50.35 -33.07 -13.18
CA VAL A 215 51.81 -33.08 -13.18
C VAL A 215 52.34 -34.48 -13.53
N MET A 216 53.12 -34.60 -14.60
CA MET A 216 53.56 -35.90 -15.05
C MET A 216 54.97 -35.85 -15.62
N TRP A 217 55.76 -36.89 -15.34
CA TRP A 217 57.09 -37.00 -15.94
C TRP A 217 56.99 -37.56 -17.35
N MET A 218 57.83 -37.05 -18.24
CA MET A 218 57.66 -37.28 -19.66
C MET A 218 58.97 -37.61 -20.40
N ARG A 219 58.89 -38.57 -21.29
CA ARG A 219 59.99 -38.79 -22.23
C ARG A 219 59.50 -38.33 -23.59
N GLY A 220 59.62 -37.04 -23.85
CA GLY A 220 58.99 -36.45 -25.00
C GLY A 220 57.51 -36.45 -24.75
N GLU A 221 56.79 -37.30 -25.48
CA GLU A 221 55.35 -37.43 -25.34
C GLU A 221 55.02 -38.65 -24.47
N GLN A 222 56.02 -39.51 -24.32
CA GLN A 222 55.87 -40.76 -23.59
C GLN A 222 55.65 -40.52 -22.10
N GLU A 223 54.37 -40.34 -21.74
CA GLU A 223 53.93 -40.19 -20.37
C GLU A 223 54.45 -41.36 -19.53
N GLN A 224 55.40 -41.06 -18.64
CA GLN A 224 56.02 -42.09 -17.80
C GLN A 224 55.11 -42.50 -16.64
N GLN A 225 54.52 -43.69 -16.74
CA GLN A 225 53.93 -44.33 -15.57
C GLN A 225 55.01 -44.50 -14.53
N GLY A 226 54.63 -44.66 -13.28
CA GLY A 226 55.62 -44.74 -12.23
C GLY A 226 55.88 -43.37 -11.66
N THR A 227 55.52 -42.34 -12.44
CA THR A 227 55.35 -41.00 -11.89
C THR A 227 54.47 -41.14 -10.68
N GLN A 228 54.85 -40.49 -9.60
CA GLN A 228 54.20 -40.74 -8.33
C GLN A 228 53.76 -39.43 -7.71
N ARG A 229 52.45 -39.24 -7.64
CA ARG A 229 51.87 -38.00 -7.16
C ARG A 229 51.83 -37.98 -5.64
N GLY A 230 52.20 -36.85 -5.03
CA GLY A 230 52.21 -36.74 -3.58
C GLY A 230 50.94 -36.09 -3.02
N ASP A 231 50.96 -35.79 -1.72
CA ASP A 231 49.86 -35.06 -1.11
C ASP A 231 49.78 -33.66 -1.71
N ILE A 232 48.57 -33.16 -1.94
CA ILE A 232 48.42 -31.73 -2.23
C ILE A 232 48.48 -30.98 -0.91
N LEU A 233 49.51 -30.16 -0.72
CA LEU A 233 49.73 -29.50 0.55
C LEU A 233 49.30 -28.03 0.54
N PRO A 234 48.67 -27.58 1.62
CA PRO A 234 48.14 -26.23 1.79
C PRO A 234 49.17 -25.22 2.26
N SER A 235 48.85 -23.94 2.12
CA SER A 235 49.59 -22.85 2.74
C SER A 235 48.55 -21.83 3.21
N ALA A 236 48.96 -20.88 4.04
CA ALA A 236 48.00 -19.93 4.62
C ALA A 236 47.42 -18.96 3.60
N ASP A 237 47.96 -18.93 2.40
CA ASP A 237 47.45 -18.03 1.36
C ASP A 237 46.44 -18.73 0.45
N GLY A 238 46.05 -19.94 0.81
CA GLY A 238 45.00 -20.66 0.10
C GLY A 238 45.50 -21.37 -1.13
N THR A 239 46.76 -21.15 -1.47
CA THR A 239 47.40 -21.81 -2.62
C THR A 239 47.76 -23.25 -2.27
N TRP A 240 48.19 -24.00 -3.27
CA TRP A 240 48.53 -25.39 -3.06
C TRP A 240 49.96 -25.69 -3.50
N TYR A 241 50.50 -26.78 -2.98
CA TYR A 241 51.85 -27.23 -3.31
C TYR A 241 51.84 -28.74 -3.52
N LEU A 242 52.64 -29.22 -4.47
CA LEU A 242 52.59 -30.62 -4.86
C LEU A 242 53.88 -31.15 -5.46
N ARG A 243 54.29 -32.36 -5.04
CA ARG A 243 55.49 -33.01 -5.54
C ARG A 243 55.11 -34.20 -6.38
N ALA A 244 55.74 -34.35 -7.53
CA ALA A 244 55.58 -35.55 -8.36
C ALA A 244 56.93 -36.17 -8.62
N THR A 245 57.13 -37.40 -8.19
CA THR A 245 58.45 -38.00 -8.29
C THR A 245 58.53 -39.18 -9.26
N LEU A 246 59.76 -39.54 -9.64
CA LEU A 246 60.02 -40.63 -10.56
C LEU A 246 61.39 -41.25 -10.25
N GLU A 247 61.45 -42.56 -10.14
CA GLU A 247 62.72 -43.19 -9.84
C GLU A 247 63.30 -43.70 -11.12
N VAL A 248 64.55 -43.37 -11.40
CA VAL A 248 65.16 -43.78 -12.65
C VAL A 248 66.59 -44.22 -12.41
N ALA A 249 67.13 -44.97 -13.36
CA ALA A 249 68.55 -45.23 -13.40
C ALA A 249 69.22 -43.95 -13.83
N ALA A 250 70.47 -43.74 -13.41
CA ALA A 250 71.12 -42.45 -13.63
C ALA A 250 71.14 -42.04 -15.10
N GLY A 251 71.40 -42.98 -15.99
CA GLY A 251 71.55 -42.65 -17.40
C GLY A 251 70.25 -42.19 -18.02
N GLU A 252 69.15 -42.79 -17.58
CA GLU A 252 67.84 -42.51 -18.13
C GLU A 252 67.39 -41.07 -17.93
N ALA A 253 68.13 -40.34 -17.12
CA ALA A 253 67.61 -39.11 -16.51
C ALA A 253 67.54 -37.94 -17.48
N ALA A 254 68.63 -37.66 -18.19
CA ALA A 254 68.71 -36.52 -19.10
C ALA A 254 67.61 -36.51 -20.18
N ASP A 255 67.18 -37.70 -20.63
CA ASP A 255 66.07 -37.81 -21.58
C ASP A 255 64.77 -37.20 -21.07
N LEU A 256 64.66 -37.05 -19.75
CA LEU A 256 63.37 -36.75 -19.11
C LEU A 256 63.05 -35.28 -18.89
N SER A 257 61.74 -35.00 -18.79
CA SER A 257 61.22 -33.66 -18.59
C SER A 257 59.96 -33.73 -17.73
N CYS A 258 59.53 -32.57 -17.24
CA CYS A 258 58.36 -32.49 -16.38
C CYS A 258 57.30 -31.61 -17.03
N ARG A 259 56.07 -32.09 -17.10
CA ARG A 259 55.01 -31.33 -17.73
C ARG A 259 53.93 -30.98 -16.70
N VAL A 260 53.57 -29.71 -16.64
CA VAL A 260 52.58 -29.23 -15.68
C VAL A 260 51.42 -28.54 -16.37
N LYS A 261 50.21 -29.05 -16.13
CA LYS A 261 48.99 -28.52 -16.73
C LYS A 261 48.09 -27.94 -15.66
N HIS A 262 47.69 -26.69 -15.83
CA HIS A 262 46.86 -26.01 -14.85
C HIS A 262 45.98 -25.02 -15.56
N SER A 263 44.83 -24.72 -14.96
CA SER A 263 43.83 -23.86 -15.57
C SER A 263 44.36 -22.46 -15.92
N SER A 264 45.31 -21.95 -15.13
CA SER A 264 45.84 -20.60 -15.32
C SER A 264 46.85 -20.47 -16.46
N LEU A 265 47.38 -21.60 -16.91
CA LEU A 265 48.35 -21.62 -18.01
C LEU A 265 47.66 -21.43 -19.37
N GLU A 266 46.34 -21.61 -19.38
CA GLU A 266 45.51 -21.55 -20.58
C GLU A 266 46.13 -22.19 -21.84
N GLY A 267 46.50 -23.46 -21.76
CA GLY A 267 47.01 -24.18 -22.92
C GLY A 267 48.51 -24.20 -23.05
N GLN A 268 49.18 -23.17 -22.51
CA GLN A 268 50.64 -23.11 -22.53
C GLN A 268 51.22 -23.78 -21.29
N ASP A 269 51.47 -25.09 -21.39
CA ASP A 269 51.96 -25.87 -20.26
C ASP A 269 53.37 -25.48 -19.83
N ILE A 270 53.70 -25.82 -18.59
CA ILE A 270 55.06 -25.67 -18.09
C ILE A 270 55.86 -26.94 -18.38
N VAL A 271 56.99 -26.81 -19.05
CA VAL A 271 57.84 -27.96 -19.31
C VAL A 271 59.25 -27.70 -18.79
N LEU A 272 59.71 -28.57 -17.89
CA LEU A 272 61.05 -28.48 -17.33
C LEU A 272 61.90 -29.70 -17.68
N TYR A 273 62.93 -29.47 -18.46
CA TYR A 273 63.85 -30.53 -18.85
C TYR A 273 64.91 -30.75 -17.78
N TRP A 274 65.24 -31.99 -17.50
CA TRP A 274 66.21 -32.31 -16.45
C TRP A 274 67.59 -31.73 -16.68
N GLU A 275 67.93 -31.43 -17.93
CA GLU A 275 69.17 -30.70 -18.23
C GLU A 275 68.92 -29.21 -18.51
N ILE B 1 40.24 -47.53 18.25
CA ILE B 1 41.69 -47.33 18.20
C ILE B 1 42.05 -45.86 18.02
N GLN B 2 43.34 -45.55 18.04
CA GLN B 2 43.83 -44.19 17.85
C GLN B 2 44.72 -44.10 16.61
N ARG B 3 45.01 -42.88 16.16
CA ARG B 3 45.78 -42.67 14.93
C ARG B 3 46.96 -41.74 15.16
N THR B 4 48.06 -42.01 14.46
CA THR B 4 49.28 -41.23 14.64
C THR B 4 49.39 -40.10 13.62
N PRO B 5 49.69 -38.88 14.09
CA PRO B 5 49.89 -37.73 13.21
C PRO B 5 50.94 -37.96 12.12
N LYS B 6 50.57 -37.64 10.88
CA LYS B 6 51.50 -37.61 9.76
C LYS B 6 52.08 -36.20 9.63
N ILE B 7 53.39 -36.09 9.70
CA ILE B 7 54.06 -34.79 9.72
C ILE B 7 54.85 -34.50 8.45
N GLN B 8 54.51 -33.40 7.78
CA GLN B 8 55.19 -32.99 6.56
C GLN B 8 55.69 -31.55 6.62
N VAL B 9 57.02 -31.37 6.70
CA VAL B 9 57.62 -30.04 6.75
C VAL B 9 58.04 -29.57 5.36
N TYR B 10 57.84 -28.30 5.07
CA TYR B 10 58.20 -27.74 3.77
C TYR B 10 58.11 -26.21 3.73
N SER B 11 58.50 -25.64 2.59
CA SER B 11 58.57 -24.20 2.40
C SER B 11 57.62 -23.73 1.30
N ARG B 12 57.24 -22.46 1.36
CA ARG B 12 56.30 -21.87 0.41
C ARG B 12 56.92 -21.64 -0.98
N HIS B 13 58.10 -21.04 -1.00
CA HIS B 13 58.85 -20.84 -2.23
C HIS B 13 60.11 -21.71 -2.22
N PRO B 14 60.77 -21.87 -3.38
CA PRO B 14 62.08 -22.53 -3.35
C PRO B 14 63.04 -21.78 -2.42
N ALA B 15 63.78 -22.54 -1.61
CA ALA B 15 64.64 -21.94 -0.60
C ALA B 15 65.94 -21.42 -1.20
N GLU B 16 66.02 -20.09 -1.33
CA GLU B 16 67.27 -19.42 -1.67
C GLU B 16 67.75 -18.57 -0.50
N ASN B 17 69.03 -18.72 -0.16
CA ASN B 17 69.63 -18.05 0.99
C ASN B 17 69.55 -16.53 0.95
N GLY B 18 68.92 -15.94 1.96
CA GLY B 18 68.82 -14.49 2.06
C GLY B 18 67.54 -13.92 1.50
N LYS B 19 66.60 -14.79 1.13
CA LYS B 19 65.32 -14.35 0.58
C LYS B 19 64.17 -14.76 1.50
N SER B 20 63.26 -13.82 1.74
CA SER B 20 62.12 -14.05 2.63
C SER B 20 61.22 -15.18 2.14
N ASN B 21 60.84 -16.06 3.06
CA ASN B 21 60.11 -17.26 2.72
C ASN B 21 59.08 -17.60 3.80
N PHE B 22 58.40 -18.73 3.66
CA PHE B 22 57.43 -19.22 4.64
C PHE B 22 57.63 -20.71 4.91
N LEU B 23 57.58 -21.08 6.19
CA LEU B 23 57.79 -22.47 6.57
C LEU B 23 56.52 -23.14 7.10
N ASN B 24 55.90 -23.96 6.28
CA ASN B 24 54.68 -24.68 6.69
C ASN B 24 54.97 -26.04 7.33
N CYS B 25 54.07 -26.49 8.20
CA CYS B 25 54.12 -27.85 8.73
C CYS B 25 52.72 -28.46 8.71
N TYR B 26 52.53 -29.53 7.94
CA TYR B 26 51.21 -30.13 7.77
C TYR B 26 51.04 -31.39 8.63
N VAL B 27 50.38 -31.22 9.77
CA VAL B 27 50.11 -32.35 10.65
C VAL B 27 48.71 -32.88 10.37
N SER B 28 48.66 -34.11 9.87
CA SER B 28 47.40 -34.71 9.43
C SER B 28 47.18 -36.10 10.01
N GLY B 29 45.98 -36.64 9.79
CA GLY B 29 45.71 -38.07 9.98
C GLY B 29 45.61 -38.57 11.40
N PHE B 30 45.62 -37.65 12.36
CA PHE B 30 45.67 -38.07 13.75
C PHE B 30 44.32 -38.05 14.42
N HIS B 31 44.22 -38.84 15.49
CA HIS B 31 43.04 -38.90 16.34
C HIS B 31 43.44 -39.45 17.71
N PRO B 32 42.92 -38.87 18.80
CA PRO B 32 42.06 -37.69 18.88
C PRO B 32 42.82 -36.37 18.80
N SER B 33 42.08 -35.26 18.87
CA SER B 33 42.58 -33.93 18.53
C SER B 33 43.42 -33.24 19.62
N ASP B 34 43.59 -33.89 20.76
CA ASP B 34 44.53 -33.40 21.77
C ASP B 34 45.95 -33.53 21.20
N ILE B 35 46.49 -32.43 20.67
CA ILE B 35 47.83 -32.46 20.08
C ILE B 35 48.59 -31.13 20.29
N GLU B 36 49.91 -31.23 20.46
CA GLU B 36 50.75 -30.05 20.60
C GLU B 36 51.88 -30.06 19.57
N VAL B 37 52.20 -28.86 19.04
CA VAL B 37 53.07 -28.73 17.87
C VAL B 37 54.05 -27.55 17.99
N ASP B 38 55.29 -27.76 17.52
CA ASP B 38 56.33 -26.72 17.47
C ASP B 38 57.16 -26.80 16.18
N LYS B 48 57.43 -17.24 17.71
CA LYS B 48 56.11 -16.64 17.53
C LYS B 48 55.39 -17.22 16.30
N VAL B 49 54.65 -18.30 16.51
CA VAL B 49 54.07 -19.06 15.40
C VAL B 49 52.55 -19.10 15.41
N GLU B 50 51.94 -18.96 14.24
CA GLU B 50 50.48 -19.03 14.11
C GLU B 50 50.02 -20.31 13.40
N HIS B 51 48.84 -20.81 13.77
CA HIS B 51 48.27 -22.00 13.12
C HIS B 51 46.87 -21.76 12.53
N SER B 52 46.28 -22.83 12.00
CA SER B 52 44.95 -22.78 11.38
C SER B 52 43.90 -23.36 12.29
N ASP B 53 42.62 -23.09 12.01
CA ASP B 53 41.55 -23.68 12.80
C ASP B 53 41.56 -25.20 12.60
N LEU B 54 41.06 -25.92 13.59
CA LEU B 54 41.14 -27.38 13.57
C LEU B 54 40.00 -28.05 12.76
N SER B 55 40.32 -28.59 11.59
CA SER B 55 39.34 -29.30 10.76
C SER B 55 39.66 -30.80 10.68
N PHE B 56 38.77 -31.57 10.06
CA PHE B 56 39.00 -33.01 9.92
C PHE B 56 38.51 -33.58 8.59
N SER B 57 39.19 -34.62 8.12
CA SER B 57 38.92 -35.21 6.82
C SER B 57 37.72 -36.17 6.86
N LYS B 58 37.43 -36.80 5.72
CA LYS B 58 36.20 -37.58 5.61
C LYS B 58 36.28 -38.83 6.46
N ASP B 59 37.49 -39.30 6.70
CA ASP B 59 37.69 -40.49 7.52
C ASP B 59 37.70 -40.14 9.00
N TRP B 60 37.31 -38.89 9.29
CA TRP B 60 37.17 -38.31 10.63
C TRP B 60 38.48 -37.93 11.35
N SER B 61 39.64 -38.09 10.70
CA SER B 61 40.91 -37.72 11.33
C SER B 61 41.21 -36.22 11.17
N PHE B 62 41.84 -35.63 12.17
CA PHE B 62 42.08 -34.19 12.20
C PHE B 62 43.30 -33.78 11.39
N TYR B 63 43.35 -32.51 11.00
CA TYR B 63 44.54 -31.96 10.36
C TYR B 63 44.74 -30.48 10.72
N LEU B 64 46.01 -30.06 10.82
CA LEU B 64 46.37 -28.69 11.16
C LEU B 64 47.52 -28.18 10.30
N LEU B 65 47.58 -26.87 10.09
CA LEU B 65 48.71 -26.25 9.40
C LEU B 65 49.38 -25.22 10.29
N TYR B 66 50.70 -25.27 10.37
CA TYR B 66 51.48 -24.28 11.14
C TYR B 66 52.42 -23.53 10.21
N TYR B 67 52.62 -22.23 10.44
CA TYR B 67 53.50 -21.45 9.57
C TYR B 67 54.23 -20.30 10.27
N THR B 68 55.38 -19.94 9.71
CA THR B 68 56.18 -18.80 10.19
C THR B 68 56.99 -18.22 9.04
N GLU B 69 57.02 -16.89 8.95
CA GLU B 69 57.86 -16.19 7.99
C GLU B 69 59.30 -16.29 8.48
N PHE B 70 60.23 -16.44 7.53
CA PHE B 70 61.63 -16.61 7.90
C PHE B 70 62.57 -16.37 6.73
N THR B 71 63.86 -16.54 6.99
CA THR B 71 64.87 -16.47 5.94
C THR B 71 65.78 -17.69 6.04
N PRO B 72 65.71 -18.57 5.03
CA PRO B 72 66.48 -19.81 4.99
C PRO B 72 67.99 -19.57 4.82
N THR B 73 68.73 -19.74 5.90
CA THR B 73 70.18 -19.54 5.86
C THR B 73 70.89 -20.84 5.50
N GLU B 74 72.20 -20.88 5.77
CA GLU B 74 73.05 -22.02 5.40
C GLU B 74 73.60 -22.78 6.60
N LYS B 75 73.42 -22.22 7.79
CA LYS B 75 73.87 -22.89 9.01
C LYS B 75 72.67 -23.29 9.86
N ASP B 76 71.47 -22.95 9.40
CA ASP B 76 70.25 -23.26 10.15
C ASP B 76 69.27 -24.15 9.38
N GLU B 77 68.59 -25.01 10.12
CA GLU B 77 67.58 -25.93 9.59
C GLU B 77 66.55 -26.26 10.67
N TYR B 78 65.49 -25.46 10.72
CA TYR B 78 64.48 -25.57 11.78
C TYR B 78 63.66 -26.85 11.65
N ALA B 79 62.89 -27.18 12.69
CA ALA B 79 62.18 -28.44 12.72
C ALA B 79 60.72 -28.34 13.20
N CYS B 80 60.01 -29.45 13.10
CA CYS B 80 58.62 -29.55 13.55
C CYS B 80 58.51 -30.62 14.63
N ARG B 81 58.35 -30.18 15.88
CA ARG B 81 58.21 -31.12 17.00
C ARG B 81 56.74 -31.38 17.28
N VAL B 82 56.37 -32.64 17.48
CA VAL B 82 54.98 -32.99 17.73
C VAL B 82 54.85 -34.05 18.82
N ASN B 83 53.92 -33.83 19.76
CA ASN B 83 53.61 -34.83 20.78
C ASN B 83 52.13 -35.20 20.73
N HIS B 84 51.84 -36.50 20.88
CA HIS B 84 50.47 -36.98 20.81
C HIS B 84 50.21 -38.11 21.80
N VAL B 85 48.93 -38.35 22.06
CA VAL B 85 48.47 -39.42 22.94
C VAL B 85 48.84 -40.80 22.38
N THR B 86 49.32 -40.84 21.14
CA THR B 86 49.83 -42.07 20.55
C THR B 86 51.34 -42.11 20.60
N LEU B 87 51.96 -40.94 20.72
CA LEU B 87 53.41 -40.86 20.76
C LEU B 87 53.97 -41.14 22.15
N SER B 88 54.95 -42.03 22.20
CA SER B 88 55.70 -42.31 23.42
C SER B 88 56.78 -41.25 23.60
N GLN B 89 57.10 -40.58 22.50
CA GLN B 89 58.14 -39.57 22.49
C GLN B 89 57.94 -38.60 21.33
N PRO B 90 58.14 -37.29 21.58
CA PRO B 90 58.02 -36.25 20.56
C PRO B 90 58.82 -36.55 19.29
N LYS B 91 58.14 -36.56 18.15
CA LYS B 91 58.76 -36.84 16.86
C LYS B 91 59.16 -35.55 16.15
N ILE B 92 60.43 -35.43 15.80
CA ILE B 92 60.95 -34.19 15.25
C ILE B 92 61.34 -34.35 13.77
N VAL B 93 60.77 -33.52 12.91
CA VAL B 93 60.96 -33.64 11.45
C VAL B 93 61.58 -32.37 10.86
N LYS B 94 62.65 -32.51 10.07
CA LYS B 94 63.34 -31.34 9.50
C LYS B 94 63.05 -31.09 8.02
N TRP B 95 64.02 -30.49 7.33
CA TRP B 95 63.73 -29.91 6.01
C TRP B 95 64.99 -29.46 5.24
N PRO C 4 28.79 17.93 -17.70
CA PRO C 4 27.49 18.60 -17.79
C PRO C 4 26.44 17.77 -18.52
N LEU C 5 25.74 16.90 -17.79
CA LEU C 5 24.65 16.12 -18.36
C LEU C 5 23.45 17.01 -18.57
N SER C 6 23.00 17.09 -19.82
CA SER C 6 21.99 18.06 -20.19
C SER C 6 20.90 17.44 -21.06
N PHE C 7 19.76 17.07 -20.47
CA PHE C 7 18.67 16.51 -21.27
C PHE C 7 17.85 17.59 -21.98
N HIS C 8 17.94 17.62 -23.31
CA HIS C 8 17.19 18.58 -24.08
C HIS C 8 16.29 17.93 -25.14
N VAL C 9 15.14 18.56 -25.36
CA VAL C 9 14.25 18.24 -26.46
C VAL C 9 14.44 19.30 -27.53
N ILE C 10 14.54 18.89 -28.80
CA ILE C 10 14.72 19.85 -29.89
C ILE C 10 13.63 19.82 -30.97
N TRP C 11 13.29 21.00 -31.46
CA TRP C 11 12.39 21.17 -32.61
C TRP C 11 13.14 21.78 -33.78
N ILE C 12 13.02 21.18 -34.97
CA ILE C 12 13.50 21.85 -36.17
C ILE C 12 12.34 22.08 -37.13
N ALA C 13 12.12 23.35 -37.48
CA ALA C 13 11.04 23.75 -38.36
C ALA C 13 11.56 24.41 -39.62
N SER C 14 11.52 23.69 -40.74
CA SER C 14 12.01 24.24 -42.00
C SER C 14 10.85 24.75 -42.84
N PHE C 15 10.98 25.99 -43.30
CA PHE C 15 10.01 26.61 -44.19
C PHE C 15 10.73 27.22 -45.40
N TYR C 16 10.98 26.44 -46.45
CA TYR C 16 11.59 27.00 -47.67
C TYR C 16 10.54 27.87 -48.34
N ASN C 17 9.32 27.36 -48.48
CA ASN C 17 8.24 28.17 -49.05
C ASN C 17 6.89 27.86 -48.41
N HIS C 18 5.83 28.37 -49.03
CA HIS C 18 4.46 28.12 -48.57
C HIS C 18 4.14 26.64 -48.79
N SER C 19 4.79 26.04 -49.78
CA SER C 19 4.59 24.65 -50.16
C SER C 19 5.25 23.68 -49.18
N TRP C 20 6.45 24.01 -48.70
CA TRP C 20 7.24 23.11 -47.86
C TRP C 20 7.15 23.48 -46.37
N LYS C 21 6.81 22.50 -45.55
CA LYS C 21 6.80 22.63 -44.09
C LYS C 21 7.24 21.30 -43.47
N GLN C 22 8.23 21.33 -42.57
CA GLN C 22 8.72 20.08 -41.98
C GLN C 22 8.88 20.16 -40.47
N ASN C 23 8.57 19.06 -39.80
CA ASN C 23 8.53 19.03 -38.34
C ASN C 23 9.40 17.93 -37.74
N LEU C 24 10.51 18.30 -37.13
CA LEU C 24 11.41 17.34 -36.47
C LEU C 24 11.39 17.48 -34.95
N VAL C 25 11.15 16.38 -34.24
CA VAL C 25 11.13 16.40 -32.77
C VAL C 25 11.87 15.23 -32.14
N SER C 26 12.81 15.56 -31.25
CA SER C 26 13.69 14.56 -30.67
C SER C 26 14.16 14.93 -29.26
N GLY C 27 14.42 13.91 -28.46
CA GLY C 27 14.94 14.14 -27.13
C GLY C 27 16.30 13.50 -27.00
N TRP C 28 17.27 14.26 -26.50
CA TRP C 28 18.63 13.78 -26.36
C TRP C 28 19.15 13.94 -24.95
N LEU C 29 19.88 12.94 -24.48
CA LEU C 29 20.70 13.09 -23.28
C LEU C 29 22.14 13.43 -23.71
N SER C 30 22.52 14.69 -23.52
CA SER C 30 23.76 15.27 -24.07
C SER C 30 23.93 14.95 -25.53
N ASP C 31 24.77 13.97 -25.85
CA ASP C 31 25.05 13.59 -27.23
C ASP C 31 24.24 12.37 -27.68
N LEU C 32 23.54 11.75 -26.74
CA LEU C 32 22.87 10.48 -27.02
C LEU C 32 21.35 10.64 -27.21
N GLN C 33 20.86 10.35 -28.42
CA GLN C 33 19.43 10.39 -28.68
C GLN C 33 18.72 9.31 -27.87
N THR C 34 17.54 9.64 -27.34
CA THR C 34 16.82 8.78 -26.40
C THR C 34 15.32 8.70 -26.71
N HIS C 35 14.84 9.68 -27.47
CA HIS C 35 13.44 9.76 -27.83
C HIS C 35 13.27 10.33 -29.22
N THR C 36 12.27 9.84 -29.94
CA THR C 36 11.91 10.44 -31.22
C THR C 36 10.39 10.51 -31.33
N TRP C 37 9.88 11.20 -32.34
CA TRP C 37 8.45 11.51 -32.42
C TRP C 37 7.76 10.93 -33.65
N ASP C 38 6.43 10.89 -33.57
CA ASP C 38 5.50 10.62 -34.67
C ASP C 38 5.47 9.16 -35.11
N SER C 39 6.09 8.89 -36.26
CA SER C 39 5.89 7.64 -36.98
C SER C 39 4.41 7.52 -37.35
N ASN C 40 3.86 8.64 -37.82
CA ASN C 40 2.50 8.72 -38.37
C ASN C 40 1.41 8.53 -37.31
N SER C 41 1.84 8.35 -36.06
CA SER C 41 0.91 8.07 -34.97
C SER C 41 0.83 9.20 -33.95
N SER C 42 1.62 10.25 -34.16
CA SER C 42 1.73 11.33 -33.19
C SER C 42 2.04 10.81 -31.78
N THR C 43 3.05 9.94 -31.66
CA THR C 43 3.45 9.36 -30.36
C THR C 43 4.96 9.33 -30.15
N ILE C 44 5.35 9.37 -28.88
CA ILE C 44 6.74 9.31 -28.46
C ILE C 44 7.31 7.89 -28.57
N VAL C 45 8.43 7.75 -29.28
CA VAL C 45 9.09 6.45 -29.39
C VAL C 45 10.28 6.31 -28.46
N PHE C 46 10.38 5.18 -27.78
CA PHE C 46 11.49 4.96 -26.85
C PHE C 46 12.61 4.15 -27.49
N LEU C 47 13.82 4.70 -27.44
CA LEU C 47 14.99 4.07 -28.04
C LEU C 47 15.62 3.09 -27.07
N TRP C 48 15.35 3.27 -25.79
CA TRP C 48 15.88 2.38 -24.78
C TRP C 48 14.80 2.01 -23.77
N PRO C 49 14.73 0.70 -23.42
CA PRO C 49 13.89 0.21 -22.33
C PRO C 49 13.99 1.08 -21.06
N TRP C 50 15.10 1.80 -20.92
CA TRP C 50 15.35 2.65 -19.77
C TRP C 50 15.03 4.11 -20.00
N SER C 51 14.68 4.49 -21.23
CA SER C 51 14.42 5.91 -21.50
C SER C 51 12.97 6.24 -21.15
N ARG C 52 12.29 5.26 -20.55
CA ARG C 52 10.95 5.48 -20.00
C ARG C 52 11.05 6.28 -18.71
N GLY C 53 12.24 6.31 -18.12
CA GLY C 53 12.47 7.01 -16.87
C GLY C 53 11.68 6.40 -15.72
N ASN C 54 11.46 7.17 -14.66
CA ASN C 54 10.62 6.70 -13.58
C ASN C 54 9.19 7.17 -13.76
N PHE C 55 8.88 7.64 -14.98
CA PHE C 55 7.51 7.97 -15.33
C PHE C 55 6.73 6.69 -15.66
N SER C 56 5.49 6.65 -15.21
CA SER C 56 4.62 5.54 -15.53
C SER C 56 4.04 5.69 -16.94
N ASN C 57 3.48 4.59 -17.46
CA ASN C 57 2.74 4.61 -18.71
C ASN C 57 1.66 5.66 -18.72
N GLU C 58 0.93 5.73 -17.61
CA GLU C 58 -0.20 6.64 -17.46
C GLU C 58 0.27 8.07 -17.72
N GLU C 59 1.48 8.38 -17.26
CA GLU C 59 2.02 9.73 -17.36
C GLU C 59 2.56 10.00 -18.75
N TRP C 60 3.23 9.01 -19.31
CA TRP C 60 3.82 9.15 -20.64
C TRP C 60 2.75 9.44 -21.69
N LYS C 61 1.61 8.77 -21.58
CA LYS C 61 0.44 9.10 -22.39
C LYS C 61 0.11 10.56 -22.24
N GLU C 62 -0.05 10.99 -20.98
CA GLU C 62 -0.40 12.36 -20.66
C GLU C 62 0.57 13.34 -21.28
N LEU C 63 1.86 13.02 -21.16
CA LEU C 63 2.92 13.90 -21.65
C LEU C 63 2.93 13.93 -23.16
N GLU C 64 2.63 12.76 -23.73
CA GLU C 64 2.55 12.60 -25.16
C GLU C 64 1.43 13.46 -25.76
N THR C 65 0.27 13.43 -25.11
CA THR C 65 -0.87 14.24 -25.55
C THR C 65 -0.54 15.72 -25.50
N LEU C 66 0.15 16.11 -24.44
CA LEU C 66 0.56 17.48 -24.23
C LEU C 66 1.46 17.95 -25.37
N PHE C 67 2.44 17.15 -25.73
CA PHE C 67 3.35 17.55 -26.80
C PHE C 67 2.61 17.65 -28.11
N ARG C 68 1.65 16.75 -28.32
CA ARG C 68 0.86 16.72 -29.53
C ARG C 68 0.15 18.07 -29.72
N ILE C 69 -0.78 18.37 -28.82
CA ILE C 69 -1.55 19.61 -28.85
C ILE C 69 -0.68 20.86 -28.95
N ARG C 70 0.23 21.01 -27.97
CA ARG C 70 1.10 22.18 -27.87
C ARG C 70 1.85 22.46 -29.16
N THR C 71 2.35 21.40 -29.79
CA THR C 71 3.09 21.49 -31.06
C THR C 71 2.18 21.99 -32.17
N ILE C 72 1.04 21.33 -32.34
CA ILE C 72 0.06 21.74 -33.34
C ILE C 72 -0.36 23.19 -33.14
N ARG C 73 -0.71 23.55 -31.91
CA ARG C 73 -1.11 24.93 -31.60
C ARG C 73 0.11 25.86 -31.51
N SER C 74 1.20 25.45 -32.16
CA SER C 74 2.39 26.28 -32.33
C SER C 74 2.79 26.29 -33.80
N PHE C 75 2.81 25.11 -34.41
CA PHE C 75 3.11 24.95 -35.82
C PHE C 75 2.00 25.59 -36.66
N GLU C 76 0.75 25.33 -36.29
CA GLU C 76 -0.40 25.93 -36.97
C GLU C 76 -0.66 27.35 -36.47
N GLY C 77 0.15 27.80 -35.51
CA GLY C 77 0.08 29.17 -35.04
C GLY C 77 1.01 30.06 -35.86
N ILE C 78 2.17 29.53 -36.19
CA ILE C 78 3.12 30.21 -37.06
C ILE C 78 2.73 30.00 -38.53
N ARG C 79 1.94 28.97 -38.78
CA ARG C 79 1.42 28.71 -40.13
C ARG C 79 0.42 29.79 -40.51
N ARG C 80 -0.04 30.54 -39.51
CA ARG C 80 -1.02 31.60 -39.74
C ARG C 80 -0.36 32.98 -39.87
N TYR C 81 0.41 33.38 -38.86
CA TYR C 81 0.95 34.75 -38.83
C TYR C 81 2.47 34.82 -38.83
N ALA C 82 3.05 34.52 -40.00
CA ALA C 82 4.49 34.61 -40.23
C ALA C 82 4.82 35.71 -41.25
N HIS C 83 3.78 36.21 -41.91
CA HIS C 83 3.91 37.33 -42.82
C HIS C 83 4.27 38.58 -42.03
N GLU C 84 3.92 38.56 -40.75
CA GLU C 84 3.86 39.75 -39.92
C GLU C 84 5.15 40.09 -39.16
N LEU C 85 6.13 39.21 -39.23
CA LEU C 85 7.41 39.46 -38.57
C LEU C 85 8.54 39.46 -39.60
N GLN C 86 8.18 39.69 -40.86
CA GLN C 86 9.08 39.52 -42.00
C GLN C 86 9.90 38.24 -41.85
N PHE C 87 9.21 37.11 -41.80
CA PHE C 87 9.85 35.82 -41.96
C PHE C 87 9.89 35.52 -43.45
N GLU C 88 11.10 35.37 -44.00
CA GLU C 88 11.31 35.29 -45.44
C GLU C 88 10.67 34.09 -46.11
N TYR C 89 10.91 33.92 -47.40
CA TYR C 89 10.49 32.71 -48.07
C TYR C 89 11.22 31.55 -47.37
N PRO C 90 12.57 31.47 -47.45
CA PRO C 90 13.20 30.35 -46.77
C PRO C 90 13.72 30.73 -45.38
N PHE C 91 13.38 29.93 -44.36
CA PHE C 91 13.91 30.12 -43.03
C PHE C 91 13.63 28.91 -42.15
N GLU C 92 14.49 28.70 -41.16
CA GLU C 92 14.37 27.54 -40.28
C GLU C 92 14.38 27.97 -38.83
N ILE C 93 13.41 27.45 -38.07
CA ILE C 93 13.29 27.74 -36.64
C ILE C 93 13.73 26.54 -35.80
N GLN C 94 14.63 26.79 -34.85
CA GLN C 94 15.15 25.73 -33.98
C GLN C 94 14.82 26.01 -32.51
N VAL C 95 14.50 24.97 -31.75
CA VAL C 95 14.16 25.14 -30.34
C VAL C 95 14.89 24.10 -29.47
N THR C 96 15.51 24.55 -28.39
CA THR C 96 16.00 23.64 -27.35
C THR C 96 15.32 23.91 -26.04
N GLY C 97 14.72 22.88 -25.46
CA GLY C 97 14.21 23.00 -24.12
C GLY C 97 14.77 21.88 -23.30
N GLY C 98 14.97 22.12 -22.01
CA GLY C 98 15.49 21.09 -21.16
C GLY C 98 16.09 21.64 -19.88
N CYS C 99 16.71 20.73 -19.14
CA CYS C 99 17.36 21.03 -17.88
C CYS C 99 18.71 20.38 -17.94
N GLU C 100 19.65 20.84 -17.14
CA GLU C 100 20.93 20.18 -17.07
C GLU C 100 21.36 19.98 -15.62
N LEU C 101 22.31 19.07 -15.42
CA LEU C 101 22.78 18.72 -14.09
C LEU C 101 24.29 18.93 -13.95
N HIS C 102 24.68 19.64 -12.89
CA HIS C 102 26.08 19.64 -12.46
C HIS C 102 26.20 18.68 -11.30
N SER C 103 27.21 17.81 -11.35
CA SER C 103 27.33 16.70 -10.40
C SER C 103 26.06 15.85 -10.45
N GLY C 104 25.39 15.74 -9.32
CA GLY C 104 24.10 15.06 -9.26
C GLY C 104 23.01 16.05 -8.86
N LYS C 105 23.29 17.33 -9.10
CA LYS C 105 22.38 18.41 -8.73
C LYS C 105 21.97 19.25 -9.94
N VAL C 106 20.76 19.80 -9.89
CA VAL C 106 20.23 20.58 -11.00
C VAL C 106 21.02 21.85 -11.22
N SER C 107 20.71 22.54 -12.31
CA SER C 107 21.46 23.73 -12.71
C SER C 107 20.52 24.84 -13.12
N GLY C 108 19.28 24.47 -13.39
CA GLY C 108 18.35 25.37 -14.02
C GLY C 108 17.97 24.84 -15.39
N SER C 109 16.89 25.38 -15.92
CA SER C 109 16.38 24.94 -17.19
C SER C 109 16.79 25.93 -18.24
N PHE C 110 16.30 25.72 -19.45
CA PHE C 110 16.55 26.64 -20.54
C PHE C 110 15.49 26.39 -21.59
N LEU C 111 15.12 27.43 -22.32
CA LEU C 111 14.31 27.28 -23.53
C LEU C 111 14.67 28.39 -24.49
N GLN C 112 15.28 28.00 -25.61
CA GLN C 112 15.78 28.95 -26.59
C GLN C 112 15.28 28.65 -27.99
N LEU C 113 14.84 29.69 -28.68
CA LEU C 113 14.36 29.59 -30.05
C LEU C 113 15.30 30.35 -31.01
N ALA C 114 15.38 29.90 -32.26
CA ALA C 114 16.27 30.55 -33.22
C ALA C 114 15.58 30.83 -34.55
N TYR C 115 16.06 31.86 -35.23
CA TYR C 115 15.58 32.25 -36.55
C TYR C 115 16.77 32.51 -37.44
N GLN C 116 16.81 31.83 -38.59
CA GLN C 116 17.96 31.88 -39.48
C GLN C 116 19.24 31.52 -38.72
N GLY C 117 19.14 30.51 -37.86
CA GLY C 117 20.29 30.05 -37.10
C GLY C 117 20.95 31.14 -36.28
N SER C 118 20.13 32.00 -35.68
CA SER C 118 20.61 33.01 -34.75
C SER C 118 19.66 33.11 -33.55
N ASP C 119 20.20 33.43 -32.39
CA ASP C 119 19.41 33.59 -31.18
C ASP C 119 18.30 34.62 -31.39
N PHE C 120 17.05 34.13 -31.45
CA PHE C 120 15.90 35.01 -31.64
C PHE C 120 15.24 35.40 -30.32
N VAL C 121 14.65 34.41 -29.66
CA VAL C 121 13.97 34.62 -28.37
C VAL C 121 14.32 33.50 -27.39
N SER C 122 14.15 33.77 -26.10
CA SER C 122 14.35 32.73 -25.10
C SER C 122 13.38 32.89 -23.93
N PHE C 123 13.17 31.80 -23.20
CA PHE C 123 12.20 31.77 -22.09
C PHE C 123 12.94 31.92 -20.78
N GLN C 124 12.70 33.05 -20.11
CA GLN C 124 13.34 33.41 -18.85
C GLN C 124 12.28 33.80 -17.81
N ASN C 125 12.60 33.64 -16.52
CA ASN C 125 11.60 33.80 -15.45
C ASN C 125 10.43 32.90 -15.82
N ASN C 126 9.27 33.47 -16.11
CA ASN C 126 8.26 32.71 -16.82
C ASN C 126 7.57 33.57 -17.87
N SER C 127 8.39 34.21 -18.70
CA SER C 127 7.92 34.94 -19.87
C SER C 127 8.94 34.79 -20.98
N TRP C 128 8.60 35.30 -22.16
CA TRP C 128 9.52 35.29 -23.28
C TRP C 128 10.26 36.62 -23.42
N LEU C 129 11.60 36.54 -23.44
CA LEU C 129 12.46 37.69 -23.65
C LEU C 129 13.06 37.66 -25.04
N PRO C 130 13.08 38.82 -25.72
CA PRO C 130 13.74 38.95 -27.02
C PRO C 130 15.22 39.26 -26.84
N TYR C 131 16.05 38.76 -27.76
CA TYR C 131 17.45 39.15 -27.81
C TYR C 131 17.57 40.53 -28.44
N PRO C 132 18.64 41.28 -28.10
CA PRO C 132 18.88 42.59 -28.72
C PRO C 132 19.03 42.47 -30.23
N VAL C 133 19.86 41.51 -30.67
CA VAL C 133 20.04 41.23 -32.09
C VAL C 133 18.72 40.77 -32.73
N ALA C 134 18.39 41.38 -33.87
CA ALA C 134 17.10 41.20 -34.54
C ALA C 134 15.96 41.70 -33.66
N GLY C 135 16.22 42.78 -32.92
CA GLY C 135 15.27 43.33 -31.97
C GLY C 135 14.03 43.97 -32.54
N ASN C 136 14.08 44.42 -33.79
CA ASN C 136 12.91 45.02 -34.43
C ASN C 136 11.72 44.06 -34.45
N MET C 137 11.98 42.80 -34.77
CA MET C 137 10.92 41.79 -34.93
C MET C 137 10.86 40.84 -33.74
N ALA C 138 11.91 40.83 -32.92
CA ALA C 138 11.92 39.98 -31.74
C ALA C 138 10.98 40.53 -30.67
N LYS C 139 10.91 41.85 -30.59
CA LYS C 139 9.97 42.51 -29.70
C LYS C 139 8.54 42.14 -30.08
N HIS C 140 8.26 42.17 -31.38
CA HIS C 140 6.91 41.93 -31.87
C HIS C 140 6.63 40.45 -32.06
N PHE C 141 7.46 39.60 -31.47
CA PHE C 141 7.23 38.15 -31.48
C PHE C 141 7.02 37.65 -30.07
N CYS C 142 7.76 38.23 -29.13
CA CYS C 142 7.55 37.94 -27.72
C CYS C 142 6.19 38.46 -27.26
N LYS C 143 5.83 39.68 -27.66
CA LYS C 143 4.53 40.24 -27.29
C LYS C 143 3.41 39.29 -27.72
N VAL C 144 3.65 38.54 -28.80
CA VAL C 144 2.72 37.52 -29.26
C VAL C 144 2.62 36.33 -28.30
N LEU C 145 3.76 35.75 -27.96
CA LEU C 145 3.82 34.56 -27.11
C LEU C 145 3.44 34.86 -25.67
N ASN C 146 3.68 36.10 -25.25
CA ASN C 146 3.31 36.56 -23.91
C ASN C 146 1.94 37.22 -23.83
N GLN C 147 1.00 36.79 -24.66
CA GLN C 147 -0.33 37.38 -24.60
C GLN C 147 -1.19 36.59 -23.62
N ASN C 148 -0.94 35.28 -23.54
CA ASN C 148 -1.63 34.43 -22.58
C ASN C 148 -0.65 33.90 -21.56
N GLN C 149 -0.83 34.27 -20.29
CA GLN C 149 0.16 33.89 -19.29
C GLN C 149 -0.02 32.45 -18.80
N HIS C 150 -1.23 31.89 -18.92
CA HIS C 150 -1.43 30.50 -18.52
C HIS C 150 -0.68 29.55 -19.45
N GLU C 151 -0.52 29.94 -20.72
CA GLU C 151 0.35 29.21 -21.63
C GLU C 151 1.77 29.17 -21.06
N ASN C 152 2.29 30.36 -20.76
CA ASN C 152 3.62 30.47 -20.18
C ASN C 152 3.76 29.74 -18.84
N ASP C 153 2.67 29.65 -18.09
CA ASP C 153 2.73 28.96 -16.81
C ASP C 153 3.02 27.48 -17.03
N ILE C 154 2.31 26.88 -17.96
CA ILE C 154 2.55 25.49 -18.33
C ILE C 154 3.99 25.28 -18.84
N THR C 155 4.44 26.16 -19.73
CA THR C 155 5.82 26.08 -20.20
C THR C 155 6.77 26.03 -19.00
N HIS C 156 6.58 27.00 -18.10
CA HIS C 156 7.38 27.13 -16.90
C HIS C 156 7.33 25.89 -16.00
N ASN C 157 6.14 25.41 -15.68
CA ASN C 157 5.96 24.17 -14.92
C ASN C 157 6.70 22.96 -15.52
N LEU C 158 6.62 22.78 -16.83
CA LEU C 158 7.33 21.71 -17.53
C LEU C 158 8.86 21.83 -17.42
N LEU C 159 9.37 23.04 -17.67
CA LEU C 159 10.81 23.29 -17.61
C LEU C 159 11.36 23.15 -16.19
N SER C 160 10.68 23.76 -15.25
CA SER C 160 11.29 23.98 -13.95
C SER C 160 10.87 22.93 -12.94
N ASP C 161 10.04 21.97 -13.35
CA ASP C 161 9.55 20.98 -12.41
C ASP C 161 9.51 19.57 -12.97
N THR C 162 9.07 19.46 -14.22
CA THR C 162 8.90 18.15 -14.85
C THR C 162 10.22 17.61 -15.34
N CYS C 163 10.93 18.46 -16.08
CA CYS C 163 12.21 18.06 -16.64
C CYS C 163 13.19 17.62 -15.53
N PRO C 164 13.31 18.40 -14.43
CA PRO C 164 14.18 17.96 -13.32
C PRO C 164 13.86 16.59 -12.77
N ARG C 165 12.59 16.32 -12.50
CA ARG C 165 12.19 15.00 -12.05
C ARG C 165 12.53 13.98 -13.12
N PHE C 166 12.20 14.31 -14.36
CA PHE C 166 12.46 13.37 -15.45
C PHE C 166 13.93 13.00 -15.55
N ILE C 167 14.78 14.01 -15.68
CA ILE C 167 16.18 13.77 -16.03
C ILE C 167 16.80 12.85 -14.99
N LEU C 168 16.26 12.88 -13.76
CA LEU C 168 16.80 12.09 -12.66
C LEU C 168 16.38 10.63 -12.73
N GLY C 169 15.09 10.41 -12.97
CA GLY C 169 14.59 9.07 -13.18
C GLY C 169 15.30 8.45 -14.37
N LEU C 170 15.61 9.28 -15.36
CA LEU C 170 16.28 8.82 -16.58
C LEU C 170 17.70 8.36 -16.30
N LEU C 171 18.35 8.97 -15.32
CA LEU C 171 19.72 8.59 -14.98
C LEU C 171 19.75 7.26 -14.26
N ASP C 172 18.79 7.02 -13.39
CA ASP C 172 18.73 5.76 -12.67
C ASP C 172 18.53 4.58 -13.60
N ALA C 173 17.69 4.75 -14.61
CA ALA C 173 17.42 3.66 -15.52
C ALA C 173 18.57 3.50 -16.51
N GLY C 174 19.13 4.61 -16.96
CA GLY C 174 20.26 4.60 -17.88
C GLY C 174 21.57 4.32 -17.19
N LYS C 175 21.52 4.32 -15.86
CA LYS C 175 22.65 3.91 -15.04
C LYS C 175 23.22 2.60 -15.56
N ALA C 176 24.48 2.33 -15.22
CA ALA C 176 25.17 1.15 -15.70
C ALA C 176 25.42 1.24 -17.22
N HIS C 177 24.42 1.67 -17.99
CA HIS C 177 24.67 1.98 -19.39
C HIS C 177 25.43 3.30 -19.53
N LEU C 178 25.03 4.31 -18.77
CA LEU C 178 25.68 5.62 -18.85
C LEU C 178 27.07 5.60 -18.20
N GLN C 179 27.26 4.75 -17.19
CA GLN C 179 28.54 4.64 -16.52
C GLN C 179 29.35 3.46 -17.04
N ARG C 180 28.96 2.91 -18.19
CA ARG C 180 29.71 1.85 -18.85
C ARG C 180 31.13 2.33 -19.13
N GLN C 181 32.06 1.41 -19.36
CA GLN C 181 33.45 1.81 -19.53
C GLN C 181 34.18 1.06 -20.63
N VAL C 182 34.22 1.64 -21.82
CA VAL C 182 34.92 1.06 -22.95
C VAL C 182 36.33 1.64 -23.11
N LYS C 183 37.32 0.75 -23.22
CA LYS C 183 38.69 1.18 -23.47
C LYS C 183 39.03 1.04 -24.97
N PRO C 184 39.79 2.01 -25.51
CA PRO C 184 40.19 2.06 -26.92
C PRO C 184 41.45 1.25 -27.24
N LEU C 188 49.10 5.80 -34.01
CA LEU C 188 50.36 6.32 -34.56
C LEU C 188 50.44 6.27 -36.10
N SER C 189 50.34 7.44 -36.73
CA SER C 189 50.44 7.56 -38.19
C SER C 189 51.50 8.59 -38.60
N HIS C 190 51.54 8.89 -39.90
CA HIS C 190 52.51 9.84 -40.43
C HIS C 190 51.88 11.22 -40.63
N CYS C 203 49.48 9.18 -33.40
CA CYS C 203 48.92 8.81 -32.11
C CYS C 203 47.41 8.59 -32.18
N HIS C 204 47.01 7.35 -32.47
CA HIS C 204 45.60 7.00 -32.59
C HIS C 204 44.93 6.71 -31.25
N VAL C 205 43.72 7.25 -31.08
CA VAL C 205 42.83 6.89 -29.98
C VAL C 205 41.42 6.65 -30.52
N SER C 206 40.92 5.42 -30.45
CA SER C 206 39.61 5.13 -31.03
C SER C 206 38.79 4.09 -30.25
N GLY C 207 37.60 4.51 -29.80
CA GLY C 207 36.62 3.60 -29.25
C GLY C 207 36.47 3.64 -27.74
N PHE C 208 36.23 4.82 -27.18
CA PHE C 208 36.14 4.92 -25.73
C PHE C 208 34.86 5.60 -25.23
N TYR C 209 34.60 5.41 -23.94
CA TYR C 209 33.41 5.93 -23.28
C TYR C 209 33.72 5.82 -21.79
N PRO C 210 33.41 6.85 -20.99
CA PRO C 210 32.79 8.13 -21.38
C PRO C 210 33.70 9.00 -22.23
N LYS C 211 33.12 10.08 -22.74
CA LYS C 211 33.78 11.00 -23.67
C LYS C 211 35.02 11.76 -23.14
N PRO C 212 35.07 12.13 -21.84
CA PRO C 212 36.29 12.83 -21.40
C PRO C 212 37.55 11.96 -21.47
N VAL C 213 38.62 12.54 -22.01
CA VAL C 213 39.87 11.83 -22.15
C VAL C 213 41.02 12.84 -22.28
N TRP C 214 42.26 12.36 -22.13
CA TRP C 214 43.43 13.24 -22.09
C TRP C 214 44.59 12.69 -22.92
N VAL C 215 45.33 13.58 -23.60
CA VAL C 215 46.51 13.17 -24.38
C VAL C 215 47.60 14.25 -24.50
N GLN C 228 49.40 19.51 -29.57
CA GLN C 228 48.45 20.03 -30.56
C GLN C 228 47.17 19.16 -30.71
N ARG C 229 46.09 19.61 -30.07
CA ARG C 229 44.88 18.78 -29.91
C ARG C 229 43.95 18.79 -31.13
N GLY C 230 43.43 17.61 -31.47
CA GLY C 230 42.72 17.40 -32.72
C GLY C 230 41.23 17.67 -32.67
N ASP C 231 40.44 16.61 -32.81
CA ASP C 231 38.98 16.74 -32.84
C ASP C 231 38.30 15.44 -32.39
N ILE C 232 37.22 15.55 -31.62
CA ILE C 232 36.50 14.38 -31.10
C ILE C 232 35.34 13.94 -32.00
N LEU C 233 35.48 12.78 -32.64
CA LEU C 233 34.52 12.34 -33.65
C LEU C 233 33.73 11.11 -33.21
N PRO C 234 32.41 11.14 -33.41
CA PRO C 234 31.50 10.10 -32.92
C PRO C 234 31.46 8.85 -33.80
N SER C 235 30.93 7.76 -33.24
CA SER C 235 30.62 6.56 -33.98
C SER C 235 29.26 6.05 -33.51
N ALA C 236 28.52 5.39 -34.40
CA ALA C 236 27.13 5.03 -34.13
C ALA C 236 26.95 4.09 -32.93
N ASP C 237 27.98 3.31 -32.61
CA ASP C 237 27.88 2.41 -31.47
C ASP C 237 27.76 3.20 -30.18
N GLY C 238 28.49 4.31 -30.08
CA GLY C 238 28.41 5.18 -28.93
C GLY C 238 29.75 5.74 -28.47
N THR C 239 30.83 5.15 -28.97
CA THR C 239 32.18 5.53 -28.57
C THR C 239 32.74 6.68 -29.41
N TRP C 240 34.03 6.97 -29.25
CA TRP C 240 34.63 8.14 -29.89
C TRP C 240 36.00 7.87 -30.49
N TYR C 241 36.51 8.85 -31.24
CA TYR C 241 37.80 8.77 -31.94
C TYR C 241 38.47 10.15 -31.94
N LEU C 242 39.78 10.21 -31.75
CA LEU C 242 40.48 11.49 -31.59
C LEU C 242 41.94 11.44 -31.99
N ARG C 243 42.35 12.34 -32.90
CA ARG C 243 43.74 12.42 -33.37
C ARG C 243 44.56 13.40 -32.53
N ALA C 244 45.88 13.16 -32.46
CA ALA C 244 46.76 14.04 -31.68
C ALA C 244 48.12 14.23 -32.37
N THR C 245 48.46 15.48 -32.69
CA THR C 245 49.72 15.80 -33.35
C THR C 245 50.84 16.00 -32.33
N SER C 263 40.09 8.32 -16.64
CA SER C 263 39.04 7.61 -15.93
C SER C 263 38.78 6.24 -16.56
N SER C 264 38.93 6.21 -17.89
CA SER C 264 38.73 5.00 -18.67
C SER C 264 39.61 3.86 -18.14
N LEU C 265 40.70 4.22 -17.47
CA LEU C 265 41.68 3.25 -16.98
C LEU C 265 41.79 3.28 -15.44
N ILE D 1 24.41 35.21 -42.00
CA ILE D 1 24.45 34.64 -43.34
C ILE D 1 24.63 33.12 -43.26
N GLN D 2 24.70 32.45 -44.41
CA GLN D 2 24.79 30.98 -44.49
C GLN D 2 26.17 30.42 -44.15
N ARG D 3 26.17 29.19 -43.63
CA ARG D 3 27.37 28.53 -43.13
C ARG D 3 27.60 27.21 -43.84
N THR D 4 28.83 26.96 -44.26
CA THR D 4 29.17 25.80 -45.09
C THR D 4 29.73 24.63 -44.27
N PRO D 5 29.36 23.38 -44.66
CA PRO D 5 29.68 22.18 -43.87
C PRO D 5 31.17 21.84 -43.76
N LYS D 6 31.50 21.11 -42.69
CA LYS D 6 32.83 20.52 -42.51
C LYS D 6 32.75 19.00 -42.58
N ILE D 7 33.49 18.40 -43.50
CA ILE D 7 33.35 16.98 -43.78
C ILE D 7 34.56 16.15 -43.34
N GLN D 8 34.34 15.25 -42.37
CA GLN D 8 35.43 14.44 -41.83
C GLN D 8 35.19 12.95 -42.04
N VAL D 9 36.05 12.30 -42.82
CA VAL D 9 35.90 10.86 -43.11
C VAL D 9 36.92 10.01 -42.37
N TYR D 10 36.45 8.91 -41.75
CA TYR D 10 37.31 8.05 -40.93
C TYR D 10 36.67 6.68 -40.64
N SER D 11 37.33 5.85 -39.82
CA SER D 11 36.85 4.51 -39.49
C SER D 11 36.67 4.31 -37.99
N PHE D 22 33.46 -0.60 -40.99
CA PHE D 22 32.65 0.57 -40.63
C PHE D 22 33.31 1.89 -41.06
N LEU D 23 32.59 2.65 -41.89
CA LEU D 23 33.10 3.90 -42.45
C LEU D 23 32.22 5.11 -42.10
N ASN D 24 32.82 6.11 -41.49
CA ASN D 24 32.08 7.28 -41.00
C ASN D 24 32.32 8.55 -41.79
N CYS D 25 31.23 9.20 -42.19
CA CYS D 25 31.31 10.56 -42.71
C CYS D 25 30.56 11.48 -41.75
N TYR D 26 31.30 12.39 -41.12
CA TYR D 26 30.71 13.28 -40.14
C TYR D 26 30.66 14.71 -40.66
N VAL D 27 29.47 15.17 -41.02
CA VAL D 27 29.28 16.52 -41.52
C VAL D 27 28.79 17.42 -40.40
N SER D 28 29.32 18.63 -40.33
CA SER D 28 29.09 19.51 -39.20
C SER D 28 29.13 20.99 -39.57
N GLY D 29 28.36 21.80 -38.84
CA GLY D 29 28.48 23.23 -38.93
C GLY D 29 27.85 23.91 -40.14
N PHE D 30 26.67 23.47 -40.53
CA PHE D 30 26.01 24.05 -41.69
C PHE D 30 24.64 24.66 -41.40
N HIS D 31 24.29 25.69 -42.16
CA HIS D 31 22.96 26.27 -42.10
C HIS D 31 22.61 26.87 -43.48
N PRO D 32 21.41 26.57 -44.00
CA PRO D 32 20.34 25.72 -43.46
C PRO D 32 20.65 24.22 -43.46
N SER D 33 19.70 23.43 -42.96
CA SER D 33 19.86 21.99 -42.77
C SER D 33 19.59 21.16 -44.03
N ASP D 34 19.02 21.80 -45.05
CA ASP D 34 18.74 21.11 -46.30
C ASP D 34 20.03 20.73 -47.03
N ILE D 35 20.39 19.45 -46.94
CA ILE D 35 21.65 18.96 -47.44
C ILE D 35 21.55 17.45 -47.79
N GLU D 36 22.41 16.99 -48.70
CA GLU D 36 22.45 15.58 -49.07
C GLU D 36 23.88 15.04 -49.10
N VAL D 37 24.05 13.85 -48.53
CA VAL D 37 25.36 13.21 -48.44
C VAL D 37 25.31 11.79 -49.01
N ASP D 38 26.27 11.49 -49.89
CA ASP D 38 26.42 10.14 -50.43
C ASP D 38 27.72 9.51 -49.97
N LEU D 39 27.73 8.18 -49.87
CA LEU D 39 28.96 7.44 -49.61
C LEU D 39 29.40 6.69 -50.86
N LEU D 40 30.71 6.52 -51.05
CA LEU D 40 31.22 6.05 -52.32
C LEU D 40 32.17 4.84 -52.22
N LYS D 41 31.79 3.75 -52.88
CA LYS D 41 32.67 2.61 -53.10
C LYS D 41 33.32 2.77 -54.47
N ASN D 42 34.62 3.04 -54.48
CA ASN D 42 35.40 3.29 -55.70
C ASN D 42 34.68 4.19 -56.72
N GLY D 43 33.95 5.19 -56.23
CA GLY D 43 33.29 6.16 -57.09
C GLY D 43 31.79 6.05 -57.22
N GLU D 44 31.22 4.93 -56.77
CA GLU D 44 29.78 4.70 -56.91
C GLU D 44 29.03 4.91 -55.60
N ARG D 45 27.84 5.50 -55.70
CA ARG D 45 26.97 5.68 -54.53
C ARG D 45 26.68 4.36 -53.84
N ILE D 46 27.30 4.15 -52.68
CA ILE D 46 27.01 2.98 -51.86
C ILE D 46 25.52 3.01 -51.49
N GLU D 47 24.90 1.83 -51.52
CA GLU D 47 23.46 1.71 -51.34
C GLU D 47 23.08 1.43 -49.88
N LYS D 48 23.96 0.71 -49.18
CA LYS D 48 23.68 0.16 -47.86
C LYS D 48 24.00 1.13 -46.72
N VAL D 49 23.80 2.43 -46.94
CA VAL D 49 24.25 3.44 -45.98
C VAL D 49 23.16 3.88 -44.98
N GLU D 50 23.51 3.87 -43.69
CA GLU D 50 22.57 4.29 -42.65
C GLU D 50 22.98 5.60 -41.96
N HIS D 51 22.04 6.24 -41.29
CA HIS D 51 22.34 7.52 -40.65
C HIS D 51 21.49 7.83 -39.42
N SER D 52 22.00 8.79 -38.63
CA SER D 52 21.38 9.21 -37.39
C SER D 52 20.48 10.42 -37.61
N ASP D 53 19.65 10.73 -36.61
CA ASP D 53 18.70 11.83 -36.70
C ASP D 53 19.39 13.16 -36.54
N LEU D 54 18.86 14.19 -37.20
CA LEU D 54 19.50 15.50 -37.26
C LEU D 54 19.41 16.23 -35.92
N SER D 55 20.55 16.71 -35.44
CA SER D 55 20.59 17.52 -34.22
C SER D 55 21.35 18.81 -34.53
N PHE D 56 21.51 19.67 -33.54
CA PHE D 56 22.37 20.82 -33.72
C PHE D 56 23.19 21.15 -32.49
N SER D 57 24.30 21.86 -32.70
CA SER D 57 25.15 22.34 -31.61
C SER D 57 24.65 23.69 -31.10
N LYS D 58 25.25 24.17 -30.01
CA LYS D 58 24.73 25.36 -29.35
C LYS D 58 24.69 26.60 -30.28
N ASP D 59 25.58 26.64 -31.27
CA ASP D 59 25.62 27.74 -32.24
C ASP D 59 24.64 27.54 -33.40
N TRP D 60 23.69 26.62 -33.20
CA TRP D 60 22.57 26.36 -34.10
C TRP D 60 22.96 25.65 -35.39
N SER D 61 24.24 25.33 -35.54
CA SER D 61 24.71 24.58 -36.70
C SER D 61 24.26 23.12 -36.62
N PHE D 62 23.84 22.56 -37.75
CA PHE D 62 23.38 21.18 -37.79
C PHE D 62 24.54 20.18 -37.99
N TYR D 63 24.36 18.93 -37.57
CA TYR D 63 25.36 17.91 -37.79
C TYR D 63 24.75 16.51 -37.91
N LEU D 64 25.32 15.71 -38.82
CA LEU D 64 24.87 14.35 -39.06
C LEU D 64 26.04 13.36 -39.06
N LEU D 65 25.72 12.08 -38.84
CA LEU D 65 26.73 11.04 -38.97
C LEU D 65 26.26 9.92 -39.91
N TYR D 66 27.04 9.67 -40.95
CA TYR D 66 26.76 8.60 -41.89
C TYR D 66 27.71 7.42 -41.67
N TYR D 67 27.16 6.20 -41.68
CA TYR D 67 27.99 5.02 -41.49
C TYR D 67 27.50 3.84 -42.35
N THR D 68 28.45 3.03 -42.83
CA THR D 68 28.15 1.94 -43.74
C THR D 68 29.03 0.71 -43.47
N GLU D 69 28.70 -0.42 -44.12
CA GLU D 69 29.42 -1.69 -43.98
C GLU D 69 29.41 -2.19 -42.55
N TYR D 78 37.41 5.31 -51.63
CA TYR D 78 36.29 5.36 -50.69
C TYR D 78 36.05 6.77 -50.15
N ALA D 79 35.20 7.53 -50.85
CA ALA D 79 35.04 8.96 -50.56
C ALA D 79 33.64 9.35 -50.06
N CYS D 80 33.48 10.64 -49.77
CA CYS D 80 32.22 11.20 -49.29
C CYS D 80 31.90 12.46 -50.09
N ARG D 81 30.70 12.51 -50.67
CA ARG D 81 30.30 13.65 -51.48
C ARG D 81 29.13 14.40 -50.84
N VAL D 82 29.23 15.72 -50.82
CA VAL D 82 28.28 16.61 -50.14
C VAL D 82 27.91 17.82 -51.02
N ASN D 83 26.65 18.26 -51.00
CA ASN D 83 26.27 19.52 -51.65
C ASN D 83 25.35 20.34 -50.75
N HIS D 84 25.58 21.66 -50.72
CA HIS D 84 24.82 22.56 -49.89
C HIS D 84 24.51 23.83 -50.66
N VAL D 85 23.60 24.64 -50.14
CA VAL D 85 23.23 25.89 -50.80
C VAL D 85 24.41 26.87 -50.82
N THR D 86 25.39 26.63 -49.94
CA THR D 86 26.53 27.51 -49.79
C THR D 86 27.59 27.23 -50.85
N LEU D 87 27.39 26.13 -51.58
CA LEU D 87 28.38 25.70 -52.57
C LEU D 87 27.78 25.63 -53.97
N SER D 88 28.58 26.01 -54.96
CA SER D 88 28.13 25.96 -56.34
C SER D 88 28.16 24.52 -56.85
N GLN D 89 29.29 23.84 -56.63
CA GLN D 89 29.46 22.46 -57.07
C GLN D 89 29.65 21.52 -55.87
N PRO D 90 29.26 20.24 -56.03
CA PRO D 90 29.45 19.21 -55.00
C PRO D 90 30.91 19.03 -54.55
N LYS D 91 31.11 18.99 -53.23
CA LYS D 91 32.44 18.84 -52.63
C LYS D 91 32.72 17.37 -52.34
N ILE D 92 33.94 16.91 -52.61
CA ILE D 92 34.31 15.51 -52.38
C ILE D 92 35.49 15.38 -51.42
N VAL D 93 35.45 14.37 -50.54
CA VAL D 93 36.52 14.13 -49.58
C VAL D 93 36.92 12.65 -49.53
N LYS D 94 38.19 12.36 -49.80
CA LYS D 94 38.71 10.98 -49.76
C LYS D 94 39.19 10.59 -48.36
N TRP D 95 39.78 9.40 -48.24
CA TRP D 95 40.18 8.86 -46.93
C TRP D 95 41.50 8.05 -47.00
N ASP D 96 42.25 8.03 -45.88
CA ASP D 96 43.50 7.27 -45.79
C ASP D 96 43.44 6.22 -44.68
N GLU E 3 -2.91 15.67 1.56
CA GLU E 3 -4.14 16.09 2.26
C GLU E 3 -4.27 17.61 2.34
N VAL E 4 -5.51 18.06 2.45
CA VAL E 4 -5.85 19.47 2.47
C VAL E 4 -6.72 19.79 3.67
N GLU E 5 -6.15 20.47 4.67
CA GLU E 5 -6.92 20.81 5.87
C GLU E 5 -7.62 22.18 5.72
N GLN E 6 -8.92 22.20 5.95
CA GLN E 6 -9.74 23.41 5.82
C GLN E 6 -10.63 23.53 7.05
N ASP E 7 -10.74 24.73 7.63
CA ASP E 7 -11.59 24.91 8.81
C ASP E 7 -13.08 24.80 8.43
N PRO E 8 -13.82 23.90 9.10
CA PRO E 8 -15.22 23.73 8.73
C PRO E 8 -16.05 24.96 9.04
N GLY E 9 -15.56 25.79 9.95
CA GLY E 9 -16.37 26.89 10.44
C GLY E 9 -17.43 26.29 11.32
N PRO E 10 -18.68 26.72 11.17
CA PRO E 10 -19.14 27.78 10.25
C PRO E 10 -18.77 29.18 10.69
N LEU E 11 -18.73 30.08 9.71
CA LEU E 11 -18.49 31.49 9.94
C LEU E 11 -19.75 32.31 9.74
N SER E 12 -20.06 33.18 10.69
CA SER E 12 -21.12 34.13 10.49
C SER E 12 -20.50 35.52 10.63
N VAL E 13 -20.47 36.28 9.56
CA VAL E 13 -19.91 37.63 9.58
C VAL E 13 -21.02 38.62 9.18
N PRO E 14 -20.90 39.87 9.64
CA PRO E 14 -21.88 40.85 9.19
C PRO E 14 -21.56 41.36 7.80
N GLU E 15 -22.59 41.84 7.10
CA GLU E 15 -22.43 42.43 5.78
C GLU E 15 -21.43 43.58 5.87
N GLY E 16 -20.47 43.64 4.96
CA GLY E 16 -19.50 44.72 4.95
C GLY E 16 -18.12 44.28 5.41
N ALA E 17 -18.09 43.12 6.07
CA ALA E 17 -16.88 42.62 6.68
C ALA E 17 -15.93 42.02 5.66
N ILE E 18 -14.64 42.08 5.96
CA ILE E 18 -13.65 41.27 5.24
C ILE E 18 -13.69 39.87 5.84
N VAL E 19 -13.80 38.87 4.98
CA VAL E 19 -13.81 37.47 5.37
C VAL E 19 -12.50 36.86 4.95
N SER E 20 -11.95 36.01 5.78
CA SER E 20 -10.73 35.32 5.45
C SER E 20 -10.91 33.80 5.53
N LEU E 21 -10.69 33.14 4.40
CA LEU E 21 -10.76 31.68 4.31
C LEU E 21 -9.37 31.09 4.05
N ASN E 22 -9.03 30.02 4.74
CA ASN E 22 -7.67 29.49 4.66
C ASN E 22 -7.61 27.98 4.57
N CYS E 23 -6.69 27.49 3.75
CA CYS E 23 -6.42 26.05 3.69
C CYS E 23 -4.94 25.82 3.92
N THR E 24 -4.65 24.69 4.51
CA THR E 24 -3.28 24.25 4.67
C THR E 24 -3.13 22.92 3.95
N TYR E 25 -1.97 22.70 3.35
CA TYR E 25 -1.71 21.41 2.76
C TYR E 25 -0.38 20.86 3.24
N SER E 26 -0.15 19.58 2.98
CA SER E 26 1.08 18.93 3.43
C SER E 26 1.99 18.52 2.26
N ASN E 27 1.40 18.37 1.07
CA ASN E 27 2.13 17.91 -0.10
C ASN E 27 2.80 19.06 -0.86
N SER E 28 4.12 19.10 -0.86
CA SER E 28 4.83 20.20 -1.51
C SER E 28 4.75 20.16 -3.04
N ALA E 29 4.29 19.03 -3.59
CA ALA E 29 4.17 18.88 -5.05
C ALA E 29 3.04 19.75 -5.62
N PHE E 30 2.13 20.19 -4.75
CA PHE E 30 1.02 21.05 -5.15
C PHE E 30 1.52 22.32 -5.80
N GLN E 31 0.92 22.65 -6.95
CA GLN E 31 1.35 23.80 -7.75
C GLN E 31 0.18 24.62 -8.32
N TYR E 32 -1.01 24.02 -8.35
CA TYR E 32 -2.21 24.70 -8.85
C TYR E 32 -3.24 24.86 -7.77
N PHE E 33 -3.74 26.09 -7.58
CA PHE E 33 -4.62 26.35 -6.43
C PHE E 33 -5.95 26.98 -6.85
N MET E 34 -7.02 26.31 -6.47
CA MET E 34 -8.35 26.67 -6.91
C MET E 34 -9.23 26.94 -5.71
N TRP E 35 -10.06 27.96 -5.81
CA TRP E 35 -11.13 28.10 -4.84
C TRP E 35 -12.50 27.92 -5.54
N TYR E 36 -13.34 27.02 -5.01
CA TYR E 36 -14.73 26.87 -5.49
C TYR E 36 -15.70 27.36 -4.44
N ARG E 37 -16.79 27.98 -4.85
CA ARG E 37 -17.87 28.16 -3.89
C ARG E 37 -19.09 27.44 -4.42
N GLN E 38 -19.82 26.80 -3.53
CA GLN E 38 -21.00 26.01 -3.81
C GLN E 38 -22.23 26.48 -3.00
N TYR E 39 -23.22 27.01 -3.72
CA TYR E 39 -24.49 27.41 -3.11
C TYR E 39 -25.38 26.20 -2.84
N SER E 40 -26.35 26.35 -1.95
CA SER E 40 -27.24 25.28 -1.54
C SER E 40 -27.93 24.58 -2.70
N ARG E 41 -27.81 23.24 -2.75
CA ARG E 41 -28.47 22.42 -3.79
C ARG E 41 -28.04 22.78 -5.20
N LYS E 42 -26.78 23.15 -5.34
CA LYS E 42 -26.16 23.41 -6.64
C LYS E 42 -24.72 22.87 -6.68
N GLY E 43 -24.08 22.98 -7.83
CA GLY E 43 -22.73 22.47 -8.01
C GLY E 43 -21.65 23.47 -7.65
N PRO E 44 -20.43 23.00 -7.45
CA PRO E 44 -19.25 23.85 -7.25
C PRO E 44 -19.03 24.80 -8.42
N GLU E 45 -18.75 26.07 -8.16
CA GLU E 45 -18.39 27.00 -9.22
C GLU E 45 -16.99 27.57 -8.96
N LEU E 46 -16.12 27.54 -9.97
CA LEU E 46 -14.78 28.07 -9.82
C LEU E 46 -14.88 29.52 -9.41
N LEU E 47 -14.16 29.90 -8.35
CA LEU E 47 -14.21 31.26 -7.87
C LEU E 47 -12.92 31.98 -8.25
N MET E 48 -11.78 31.39 -7.86
CA MET E 48 -10.43 31.90 -8.20
C MET E 48 -9.43 30.77 -8.48
N TYR E 49 -8.49 31.02 -9.41
CA TYR E 49 -7.38 30.09 -9.69
C TYR E 49 -6.07 30.87 -9.82
N THR E 50 -5.01 30.30 -9.24
CA THR E 50 -3.69 30.92 -9.15
C THR E 50 -2.62 29.88 -9.40
N TYR E 51 -1.54 30.27 -10.10
CA TYR E 51 -0.45 29.34 -10.39
C TYR E 51 0.79 29.62 -9.56
N SER E 52 1.13 28.65 -8.73
CA SER E 52 2.27 28.73 -7.82
C SER E 52 2.10 29.85 -6.80
N SER E 53 3.23 30.30 -6.24
CA SER E 53 3.22 31.34 -5.21
C SER E 53 2.82 32.74 -5.71
N GLY E 54 2.01 33.44 -4.93
CA GLY E 54 1.59 34.78 -5.28
C GLY E 54 0.16 35.16 -4.97
N ASN E 55 -0.20 36.39 -5.31
CA ASN E 55 -1.54 36.91 -5.10
C ASN E 55 -2.20 37.18 -6.43
N LYS E 56 -3.51 37.07 -6.48
CA LYS E 56 -4.27 37.47 -7.65
C LYS E 56 -5.51 38.19 -7.17
N GLU E 57 -5.72 39.40 -7.70
CA GLU E 57 -6.87 40.21 -7.30
C GLU E 57 -7.92 40.23 -8.41
N ASP E 58 -9.13 39.80 -8.07
CA ASP E 58 -10.26 39.87 -8.96
C ASP E 58 -11.48 40.45 -8.26
N GLY E 59 -11.73 41.74 -8.45
CA GLY E 59 -12.85 42.40 -7.82
C GLY E 59 -12.74 42.42 -6.30
N ARG E 60 -13.74 41.91 -5.63
CA ARG E 60 -13.74 41.89 -4.18
C ARG E 60 -12.89 40.74 -3.64
N PHE E 61 -12.38 39.91 -4.54
CA PHE E 61 -11.69 38.71 -4.11
C PHE E 61 -10.19 38.77 -4.25
N THR E 62 -9.48 38.25 -3.26
CA THR E 62 -8.03 38.09 -3.39
C THR E 62 -7.59 36.67 -3.05
N ALA E 63 -6.94 36.02 -4.00
CA ALA E 63 -6.44 34.69 -3.75
C ALA E 63 -4.96 34.76 -3.48
N GLN E 64 -4.48 33.97 -2.54
CA GLN E 64 -3.14 34.16 -2.04
C GLN E 64 -2.52 32.80 -1.78
N VAL E 65 -1.28 32.59 -2.21
CA VAL E 65 -0.64 31.28 -2.06
C VAL E 65 0.79 31.38 -1.57
N ASP E 66 1.05 30.80 -0.42
CA ASP E 66 2.40 30.86 0.15
C ASP E 66 2.92 29.43 0.25
N LYS E 67 3.62 29.00 -0.79
CA LYS E 67 4.12 27.65 -0.87
C LYS E 67 5.11 27.24 0.24
N SER E 68 5.91 28.19 0.74
CA SER E 68 6.88 27.83 1.79
C SER E 68 6.19 27.54 3.14
N SER E 69 5.08 28.23 3.41
CA SER E 69 4.29 28.01 4.61
C SER E 69 3.24 26.95 4.35
N LYS E 70 3.13 26.56 3.07
CA LYS E 70 2.07 25.68 2.58
C LYS E 70 0.73 26.15 3.09
N TYR E 71 0.36 27.37 2.70
CA TYR E 71 -0.79 28.06 3.28
C TYR E 71 -1.46 28.90 2.22
N ILE E 72 -2.73 28.63 1.96
CA ILE E 72 -3.41 29.40 0.94
C ILE E 72 -4.64 30.10 1.56
N SER E 73 -5.03 31.23 0.98
CA SER E 73 -6.06 32.09 1.57
C SER E 73 -6.90 32.75 0.50
N LEU E 74 -8.20 32.79 0.76
CA LEU E 74 -9.11 33.60 -0.04
C LEU E 74 -9.65 34.77 0.80
N PHE E 75 -9.53 35.98 0.28
CA PHE E 75 -10.07 37.13 1.02
C PHE E 75 -11.27 37.69 0.29
N ILE E 76 -12.35 37.96 1.00
CA ILE E 76 -13.50 38.64 0.41
C ILE E 76 -13.69 39.99 1.07
N ARG E 77 -13.59 41.05 0.28
CA ARG E 77 -13.89 42.40 0.74
C ARG E 77 -15.38 42.69 0.65
N ASP E 78 -15.88 43.59 1.48
CA ASP E 78 -17.27 44.03 1.40
C ASP E 78 -18.21 42.84 1.27
N SER E 79 -18.06 41.84 2.14
CA SER E 79 -18.77 40.58 1.95
C SER E 79 -20.26 40.85 1.84
N GLN E 80 -20.87 40.32 0.78
CA GLN E 80 -22.29 40.50 0.52
C GLN E 80 -23.06 39.29 1.00
N PRO E 81 -24.33 39.48 1.31
CA PRO E 81 -25.16 38.33 1.70
C PRO E 81 -25.16 37.30 0.57
N SER E 82 -25.08 37.80 -0.66
CA SER E 82 -25.00 36.98 -1.85
C SER E 82 -23.77 36.04 -1.84
N ASP E 83 -22.82 36.31 -0.95
CA ASP E 83 -21.62 35.47 -0.83
C ASP E 83 -21.86 34.26 0.02
N SER E 84 -23.01 34.15 0.68
CA SER E 84 -23.21 33.02 1.60
C SER E 84 -23.23 31.74 0.81
N ALA E 85 -22.28 30.87 1.13
CA ALA E 85 -22.12 29.65 0.39
C ALA E 85 -21.12 28.76 1.10
N THR E 86 -20.75 27.64 0.48
CA THR E 86 -19.69 26.85 1.05
C THR E 86 -18.50 27.01 0.14
N TYR E 87 -17.33 27.22 0.73
CA TYR E 87 -16.13 27.49 -0.02
C TYR E 87 -15.21 26.32 0.08
N LEU E 88 -14.81 25.81 -1.09
CA LEU E 88 -13.90 24.67 -1.16
C LEU E 88 -12.61 25.04 -1.86
N CYS E 89 -11.49 24.66 -1.25
CA CYS E 89 -10.23 24.85 -1.94
C CYS E 89 -9.86 23.52 -2.53
N ALA E 90 -9.22 23.57 -3.69
CA ALA E 90 -8.74 22.36 -4.35
C ALA E 90 -7.34 22.61 -4.92
N MET E 91 -6.55 21.55 -5.03
CA MET E 91 -5.17 21.68 -5.50
C MET E 91 -4.75 20.55 -6.44
N SER E 92 -3.96 20.90 -7.46
CA SER E 92 -3.34 19.90 -8.32
C SER E 92 -1.82 20.01 -8.27
N THR E 93 -1.12 18.90 -8.47
CA THR E 93 0.35 18.92 -8.50
C THR E 93 0.87 19.28 -9.89
N SER E 94 2.18 19.42 -10.01
CA SER E 94 2.82 19.74 -11.28
C SER E 94 2.50 18.71 -12.35
N LEU E 95 2.54 19.14 -13.62
CA LEU E 95 2.32 18.22 -14.73
C LEU E 95 3.43 17.18 -14.76
N PRO E 96 3.09 15.90 -15.02
CA PRO E 96 1.77 15.34 -15.27
C PRO E 96 0.97 15.09 -14.00
N ASN E 97 -0.24 15.67 -13.92
CA ASN E 97 -1.03 15.64 -12.69
C ASN E 97 -2.26 14.77 -12.85
N ALA E 98 -2.37 14.20 -14.05
CA ALA E 98 -3.48 13.32 -14.46
C ALA E 98 -4.83 14.04 -14.46
N GLY E 99 -4.80 15.36 -14.40
CA GLY E 99 -6.02 16.16 -14.32
C GLY E 99 -6.75 16.06 -13.00
N LYS E 100 -6.15 15.38 -12.04
CA LYS E 100 -6.77 15.15 -10.74
C LYS E 100 -6.61 16.36 -9.80
N SER E 101 -7.57 16.52 -8.90
CA SER E 101 -7.53 17.57 -7.90
C SER E 101 -7.95 17.09 -6.52
N THR E 102 -7.27 17.60 -5.50
CA THR E 102 -7.61 17.25 -4.13
C THR E 102 -8.42 18.37 -3.49
N PHE E 103 -9.54 18.01 -2.87
CA PHE E 103 -10.47 18.98 -2.30
C PHE E 103 -10.48 19.07 -0.76
N GLY E 104 -10.47 20.28 -0.21
CA GLY E 104 -10.74 20.42 1.22
C GLY E 104 -12.20 20.13 1.48
N ASP E 105 -12.59 19.87 2.73
CA ASP E 105 -13.99 19.53 2.98
C ASP E 105 -14.86 20.75 3.11
N GLY E 106 -14.33 21.90 2.71
CA GLY E 106 -15.10 23.15 2.65
C GLY E 106 -15.30 23.96 3.93
N THR E 107 -15.59 25.26 3.74
CA THR E 107 -15.95 26.16 4.85
C THR E 107 -17.30 26.81 4.55
N THR E 108 -18.21 26.77 5.50
CA THR E 108 -19.52 27.37 5.26
C THR E 108 -19.54 28.81 5.74
N LEU E 109 -19.87 29.73 4.84
CA LEU E 109 -19.88 31.14 5.18
C LEU E 109 -21.29 31.75 5.08
N THR E 110 -21.75 32.36 6.16
CA THR E 110 -23.01 33.12 6.14
C THR E 110 -22.79 34.61 6.32
N VAL E 111 -23.28 35.40 5.37
CA VAL E 111 -23.24 36.85 5.52
C VAL E 111 -24.61 37.42 5.89
N LYS E 112 -24.75 37.77 7.16
CA LYS E 112 -25.96 38.40 7.70
C LYS E 112 -26.18 39.77 7.08
N PRO E 113 -27.38 40.00 6.52
CA PRO E 113 -27.57 41.28 5.83
C PRO E 113 -27.96 42.37 6.82
N ASN E 114 -27.60 43.62 6.54
CA ASN E 114 -27.87 44.72 7.45
C ASN E 114 -29.32 45.19 7.41
N ILE E 115 -30.05 45.02 8.52
CA ILE E 115 -31.43 45.49 8.54
C ILE E 115 -31.53 46.97 8.92
N GLN E 116 -31.79 47.83 7.95
CA GLN E 116 -31.76 49.28 8.17
C GLN E 116 -32.81 49.67 9.20
N ASN E 117 -34.04 49.19 9.06
CA ASN E 117 -35.09 49.51 10.04
C ASN E 117 -35.85 48.29 10.51
N PRO E 118 -35.34 47.61 11.55
CA PRO E 118 -35.99 46.42 12.08
C PRO E 118 -37.30 46.76 12.74
N ASP E 119 -38.25 45.84 12.66
CA ASP E 119 -39.58 46.03 13.20
C ASP E 119 -40.19 44.68 13.51
N PRO E 120 -39.59 43.97 14.47
CA PRO E 120 -39.98 42.59 14.77
C PRO E 120 -41.44 42.45 15.17
N ALA E 121 -42.08 41.41 14.64
CA ALA E 121 -43.48 41.11 14.92
C ALA E 121 -43.75 39.65 14.61
N VAL E 122 -44.81 39.13 15.23
CA VAL E 122 -45.30 37.78 14.96
C VAL E 122 -46.73 37.85 14.47
N TYR E 123 -46.97 37.45 13.22
CA TYR E 123 -48.31 37.54 12.65
C TYR E 123 -48.94 36.16 12.46
N GLN E 124 -50.27 36.10 12.50
CA GLN E 124 -51.00 34.86 12.22
C GLN E 124 -51.60 34.88 10.81
N LEU E 125 -51.54 33.74 10.14
CA LEU E 125 -52.02 33.62 8.76
C LEU E 125 -53.00 32.45 8.66
N ARG E 126 -54.14 32.60 7.99
CA ARG E 126 -55.09 31.48 7.91
C ARG E 126 -55.25 30.87 6.52
N ASP E 127 -55.42 29.55 6.49
CA ASP E 127 -55.57 28.80 5.24
C ASP E 127 -56.89 29.14 4.56
N SER E 134 -53.78 26.90 10.32
CA SER E 134 -53.21 28.15 10.81
C SER E 134 -51.68 28.12 11.04
N VAL E 135 -51.01 29.20 10.59
CA VAL E 135 -49.55 29.34 10.59
C VAL E 135 -49.06 30.65 11.25
N CYS E 136 -47.94 30.59 11.97
CA CYS E 136 -47.37 31.77 12.65
C CYS E 136 -46.12 32.29 11.95
N LEU E 137 -46.10 33.59 11.67
CA LEU E 137 -44.95 34.21 10.99
C LEU E 137 -44.20 35.22 11.85
N PHE E 138 -42.92 34.95 12.09
CA PHE E 138 -42.03 35.89 12.76
C PHE E 138 -41.23 36.59 11.67
N THR E 139 -41.33 37.91 11.58
CA THR E 139 -40.69 38.58 10.46
C THR E 139 -40.18 39.95 10.87
N ASP E 140 -39.29 40.51 10.04
CA ASP E 140 -38.75 41.85 10.18
C ASP E 140 -37.86 42.09 11.39
N PHE E 141 -37.22 41.03 11.90
CA PHE E 141 -36.33 41.20 13.05
C PHE E 141 -34.90 41.43 12.62
N ASP E 142 -34.08 41.86 13.57
CA ASP E 142 -32.69 42.21 13.30
C ASP E 142 -31.88 40.94 13.07
N SER E 143 -30.72 41.07 12.43
CA SER E 143 -29.94 39.89 12.04
C SER E 143 -29.20 39.23 13.21
N GLN E 144 -28.94 39.99 14.27
CA GLN E 144 -28.33 39.44 15.49
C GLN E 144 -29.31 38.58 16.29
N THR E 145 -30.57 38.55 15.87
CA THR E 145 -31.58 37.69 16.48
C THR E 145 -31.51 36.25 15.97
N ASN E 146 -31.59 35.28 16.88
CA ASN E 146 -31.47 33.86 16.54
C ASN E 146 -32.74 33.06 16.85
N VAL E 147 -33.16 32.23 15.91
CA VAL E 147 -34.33 31.37 16.11
C VAL E 147 -33.95 29.99 16.64
N SER E 148 -34.69 29.51 17.63
CA SER E 148 -34.45 28.20 18.24
C SER E 148 -35.60 27.21 17.99
N GLN E 149 -35.26 25.93 17.91
CA GLN E 149 -36.26 24.88 17.77
C GLN E 149 -37.15 24.81 19.00
N SER E 150 -38.36 24.30 18.84
CA SER E 150 -39.27 24.13 19.97
C SER E 150 -38.94 22.85 20.75
N LYS E 151 -39.01 22.95 22.07
CA LYS E 151 -38.77 21.82 22.95
C LYS E 151 -39.92 20.83 22.86
N ASP E 152 -41.04 21.30 22.33
CA ASP E 152 -42.18 20.44 22.01
C ASP E 152 -42.03 19.94 20.57
N SER E 153 -42.05 18.62 20.40
CA SER E 153 -41.80 18.02 19.09
C SER E 153 -43.03 18.03 18.17
N ASP E 154 -44.17 18.44 18.69
CA ASP E 154 -45.40 18.53 17.90
C ASP E 154 -45.61 19.94 17.32
N VAL E 155 -44.64 20.81 17.56
CA VAL E 155 -44.59 22.16 16.96
C VAL E 155 -43.32 22.35 16.14
N TYR E 156 -43.48 22.76 14.88
CA TYR E 156 -42.35 22.89 13.96
C TYR E 156 -41.95 24.35 13.74
N ILE E 157 -40.64 24.61 13.69
CA ILE E 157 -40.15 25.96 13.45
C ILE E 157 -38.97 25.95 12.48
N THR E 158 -39.01 26.84 11.49
CA THR E 158 -37.98 26.90 10.45
C THR E 158 -36.81 27.82 10.83
N ASP E 159 -35.69 27.69 10.11
CA ASP E 159 -34.56 28.60 10.30
C ASP E 159 -34.97 29.99 9.86
N LYS E 160 -34.16 30.98 10.19
CA LYS E 160 -34.45 32.31 9.68
C LYS E 160 -34.05 32.31 8.22
N CYS E 161 -34.65 33.19 7.43
CA CYS E 161 -34.41 33.21 6.00
C CYS E 161 -34.55 34.64 5.49
N VAL E 162 -33.72 35.03 4.51
CA VAL E 162 -33.74 36.39 4.00
C VAL E 162 -34.44 36.50 2.67
N LEU E 163 -35.50 37.30 2.61
CA LEU E 163 -36.11 37.58 1.31
C LEU E 163 -35.73 38.99 0.95
N ASP E 164 -35.65 39.24 -0.34
CA ASP E 164 -35.08 40.48 -0.82
C ASP E 164 -36.00 41.10 -1.87
N MET E 165 -36.76 42.10 -1.47
CA MET E 165 -37.56 42.87 -2.42
C MET E 165 -36.71 43.93 -3.14
N ARG E 166 -35.93 43.50 -4.12
CA ARG E 166 -34.92 44.32 -4.82
C ARG E 166 -35.38 45.68 -5.34
N SER E 167 -36.57 45.73 -5.94
CA SER E 167 -37.05 46.98 -6.53
C SER E 167 -37.19 48.07 -5.47
N MET E 168 -37.44 47.64 -4.23
CA MET E 168 -37.71 48.57 -3.14
C MET E 168 -36.54 48.74 -2.18
N ASP E 169 -35.39 48.20 -2.54
CA ASP E 169 -34.20 48.26 -1.68
C ASP E 169 -34.59 47.79 -0.28
N PHE E 170 -35.09 46.56 -0.19
CA PHE E 170 -35.65 46.07 1.07
C PHE E 170 -35.23 44.64 1.36
N LYS E 171 -34.69 44.42 2.55
CA LYS E 171 -34.35 43.09 3.01
C LYS E 171 -35.23 42.72 4.21
N SER E 172 -35.41 41.44 4.48
CA SER E 172 -36.27 41.01 5.57
C SER E 172 -35.93 39.61 6.04
N ASN E 173 -35.74 39.45 7.34
CA ASN E 173 -35.61 38.14 7.95
C ASN E 173 -36.96 37.60 8.36
N SER E 174 -37.11 36.29 8.38
CA SER E 174 -38.38 35.71 8.79
C SER E 174 -38.26 34.23 9.10
N ALA E 175 -39.14 33.77 9.97
CA ALA E 175 -39.20 32.36 10.32
C ALA E 175 -40.65 31.94 10.52
N VAL E 176 -40.94 30.68 10.26
CA VAL E 176 -42.31 30.20 10.34
C VAL E 176 -42.47 29.17 11.44
N ALA E 177 -43.60 29.22 12.15
CA ALA E 177 -43.95 28.18 13.10
C ALA E 177 -45.36 27.74 12.79
N TRP E 178 -45.61 26.43 12.86
CA TRP E 178 -46.93 25.89 12.54
C TRP E 178 -47.19 24.61 13.34
N SER E 179 -48.46 24.31 13.57
CA SER E 179 -48.83 23.09 14.27
C SER E 179 -50.30 22.72 14.07
N ALA E 185 -51.15 28.02 19.67
CA ALA E 185 -51.39 29.44 19.43
C ALA E 185 -50.11 30.29 19.43
N CYS E 186 -50.15 31.41 18.71
CA CYS E 186 -48.96 32.19 18.33
C CYS E 186 -48.23 32.89 19.47
N ALA E 187 -48.98 33.30 20.50
CA ALA E 187 -48.42 34.04 21.62
C ALA E 187 -47.25 33.29 22.23
N ASN E 188 -47.39 31.96 22.30
CA ASN E 188 -46.39 31.10 22.95
C ASN E 188 -45.47 30.37 21.96
N ALA E 189 -45.56 30.74 20.68
CA ALA E 189 -44.86 30.05 19.58
C ALA E 189 -43.33 30.10 19.59
N PHE E 190 -42.75 31.28 19.77
CA PHE E 190 -41.29 31.41 19.74
C PHE E 190 -40.73 31.71 21.14
N ASN E 191 -41.39 31.16 22.16
CA ASN E 191 -41.02 31.38 23.55
C ASN E 191 -39.66 30.78 23.91
N ASN E 192 -39.22 29.79 23.14
CA ASN E 192 -37.90 29.19 23.33
C ASN E 192 -36.82 29.98 22.58
N SER E 193 -37.26 30.98 21.82
CA SER E 193 -36.34 31.84 21.09
C SER E 193 -36.25 33.21 21.76
N ILE E 194 -35.05 33.79 21.78
CA ILE E 194 -34.90 35.15 22.29
C ILE E 194 -35.35 36.15 21.22
N ILE E 195 -36.62 36.51 21.24
CA ILE E 195 -37.15 37.48 20.30
C ILE E 195 -36.97 38.87 20.90
N PRO E 196 -36.85 39.90 20.05
CA PRO E 196 -36.70 41.27 20.56
C PRO E 196 -37.82 41.63 21.53
N GLU E 197 -37.51 42.54 22.43
CA GLU E 197 -38.42 42.97 23.48
C GLU E 197 -39.54 43.86 22.92
N ASP E 198 -39.25 44.57 21.84
CA ASP E 198 -40.21 45.46 21.21
C ASP E 198 -40.99 44.74 20.10
N THR E 199 -41.06 43.41 20.19
CA THR E 199 -41.77 42.61 19.20
C THR E 199 -43.28 42.85 19.25
N PHE E 200 -43.84 43.17 18.09
CA PHE E 200 -45.24 43.55 17.97
C PHE E 200 -46.16 42.33 17.92
N PHE E 201 -47.08 42.24 18.89
CA PHE E 201 -48.07 41.15 18.93
C PHE E 201 -49.49 41.68 18.79
N PRO E 202 -50.05 41.57 17.58
CA PRO E 202 -51.40 42.08 17.29
C PRO E 202 -52.51 41.18 17.83
N GLY F 3 -23.70 23.86 -21.39
CA GLY F 3 -22.45 23.51 -20.72
C GLY F 3 -22.37 22.05 -20.31
N VAL F 4 -22.49 21.78 -19.02
CA VAL F 4 -22.47 20.41 -18.50
C VAL F 4 -23.83 19.98 -17.96
N THR F 5 -24.39 18.90 -18.49
CA THR F 5 -25.72 18.50 -18.03
C THR F 5 -25.74 17.06 -17.54
N GLN F 6 -26.55 16.81 -16.51
CA GLN F 6 -26.67 15.51 -15.86
C GLN F 6 -28.12 15.07 -15.92
N THR F 7 -28.33 13.77 -16.09
CA THR F 7 -29.64 13.18 -16.19
C THR F 7 -29.64 11.86 -15.49
N PRO F 8 -30.63 11.61 -14.63
CA PRO F 8 -31.70 12.49 -14.16
C PRO F 8 -31.19 13.45 -13.09
N LYS F 9 -32.02 14.35 -12.58
CA LYS F 9 -31.57 15.23 -11.49
C LYS F 9 -31.90 14.63 -10.14
N PHE F 10 -32.94 13.81 -10.09
CA PHE F 10 -33.32 13.06 -8.90
C PHE F 10 -33.63 11.59 -9.21
N ARG F 11 -33.37 10.69 -8.27
CA ARG F 11 -33.89 9.34 -8.40
C ARG F 11 -33.99 8.58 -7.08
N VAL F 12 -35.08 7.80 -6.95
CA VAL F 12 -35.30 6.89 -5.83
C VAL F 12 -35.05 5.45 -6.33
N LEU F 13 -34.35 4.64 -5.55
CA LEU F 13 -34.06 3.25 -5.94
C LEU F 13 -34.35 2.28 -4.81
N LYS F 14 -35.03 1.19 -5.11
CA LYS F 14 -35.15 0.12 -4.13
C LYS F 14 -33.80 -0.53 -4.10
N THR F 15 -33.36 -1.01 -2.95
CA THR F 15 -32.10 -1.72 -2.86
C THR F 15 -32.00 -2.84 -3.90
N GLY F 16 -30.88 -2.89 -4.59
CA GLY F 16 -30.59 -3.98 -5.52
C GLY F 16 -30.81 -3.60 -6.96
N GLN F 17 -31.58 -2.54 -7.18
CA GLN F 17 -31.86 -2.05 -8.51
C GLN F 17 -30.65 -1.36 -9.10
N SER F 18 -30.65 -1.19 -10.41
CA SER F 18 -29.54 -0.57 -11.10
C SER F 18 -29.94 0.77 -11.69
N MET F 19 -28.94 1.55 -12.08
CA MET F 19 -29.23 2.87 -12.64
C MET F 19 -28.03 3.38 -13.42
N THR F 20 -28.29 4.12 -14.50
CA THR F 20 -27.20 4.76 -15.21
C THR F 20 -27.37 6.28 -15.12
N LEU F 21 -26.31 6.97 -14.73
CA LEU F 21 -26.32 8.42 -14.74
C LEU F 21 -25.58 8.87 -15.98
N LEU F 22 -26.09 9.91 -16.60
CA LEU F 22 -25.54 10.34 -17.86
C LEU F 22 -25.11 11.78 -17.75
N CYS F 23 -23.85 12.03 -18.07
CA CYS F 23 -23.34 13.37 -18.13
C CYS F 23 -22.98 13.74 -19.55
N ALA F 24 -23.40 14.91 -19.99
CA ALA F 24 -23.06 15.33 -21.32
C ALA F 24 -22.48 16.75 -21.36
N GLN F 25 -21.52 16.98 -22.25
CA GLN F 25 -20.97 18.31 -22.46
C GLN F 25 -20.65 18.57 -23.93
N ASP F 26 -21.10 19.71 -24.41
CA ASP F 26 -20.93 20.07 -25.80
C ASP F 26 -19.83 21.09 -25.92
N MET F 27 -18.89 21.04 -24.99
CA MET F 27 -17.82 22.04 -24.88
C MET F 27 -16.54 21.50 -25.43
N ASN F 28 -16.64 20.27 -25.92
CA ASN F 28 -15.53 19.61 -26.59
C ASN F 28 -14.38 19.31 -25.61
N HIS F 29 -14.73 19.04 -24.36
CA HIS F 29 -13.72 18.83 -23.33
C HIS F 29 -13.18 17.41 -23.33
N GLU F 30 -11.87 17.30 -23.13
CA GLU F 30 -11.23 15.99 -23.06
C GLU F 30 -11.44 15.29 -21.72
N TYR F 31 -11.22 15.98 -20.60
CA TYR F 31 -11.35 15.41 -19.26
C TYR F 31 -12.79 15.37 -18.77
N MET F 32 -13.23 14.25 -18.20
CA MET F 32 -14.53 14.21 -17.52
C MET F 32 -14.47 13.43 -16.21
N TYR F 33 -15.31 13.80 -15.25
CA TYR F 33 -15.22 13.24 -13.89
C TYR F 33 -16.59 12.92 -13.32
N TRP F 34 -16.68 11.86 -12.52
CA TRP F 34 -17.85 11.63 -11.67
C TRP F 34 -17.45 11.67 -10.19
N TYR F 35 -18.04 12.63 -9.45
CA TYR F 35 -17.83 12.76 -8.00
C TYR F 35 -19.12 12.47 -7.26
N ARG F 36 -18.97 12.06 -6.01
CA ARG F 36 -20.09 12.07 -5.08
C ARG F 36 -19.74 13.02 -3.95
N GLN F 37 -20.75 13.61 -3.32
CA GLN F 37 -20.52 14.50 -2.21
C GLN F 37 -21.47 14.15 -1.09
N ASP F 38 -20.92 13.68 0.03
CA ASP F 38 -21.75 13.38 1.19
C ASP F 38 -21.54 14.44 2.25
N PRO F 39 -22.63 14.93 2.89
CA PRO F 39 -22.45 15.85 4.00
C PRO F 39 -21.67 15.20 5.16
N GLY F 40 -20.69 15.88 5.74
CA GLY F 40 -20.26 17.18 5.25
C GLY F 40 -18.86 17.05 4.67
N MET F 41 -18.62 15.95 3.94
CA MET F 41 -17.33 15.72 3.31
C MET F 41 -17.28 16.60 2.07
N GLY F 42 -16.18 16.51 1.36
CA GLY F 42 -16.03 17.25 0.15
C GLY F 42 -16.41 16.33 -0.97
N LEU F 43 -15.82 16.59 -2.12
CA LEU F 43 -16.00 15.77 -3.28
C LEU F 43 -15.06 14.59 -3.21
N ARG F 44 -15.59 13.41 -3.41
CA ARG F 44 -14.75 12.26 -3.66
C ARG F 44 -14.89 11.82 -5.13
N LEU F 45 -13.76 11.65 -5.81
CA LEU F 45 -13.76 11.20 -7.20
C LEU F 45 -14.08 9.71 -7.26
N ILE F 46 -15.10 9.35 -8.06
CA ILE F 46 -15.42 7.94 -8.26
C ILE F 46 -14.61 7.41 -9.42
N HIS F 47 -14.82 8.01 -10.57
CA HIS F 47 -14.09 7.65 -11.77
C HIS F 47 -13.89 8.89 -12.59
N TYR F 48 -12.95 8.82 -13.53
CA TYR F 48 -12.78 9.93 -14.45
C TYR F 48 -12.29 9.38 -15.80
N SER F 49 -12.30 10.22 -16.82
CA SER F 49 -11.84 9.79 -18.13
C SER F 49 -10.98 10.86 -18.75
N VAL F 50 -9.83 10.46 -19.27
CA VAL F 50 -8.91 11.42 -19.85
C VAL F 50 -9.18 11.61 -21.33
N GLY F 51 -10.21 10.94 -21.83
CA GLY F 51 -10.56 11.02 -23.24
C GLY F 51 -11.48 9.91 -23.72
N GLU F 52 -11.85 9.99 -24.99
CA GLU F 52 -12.77 9.04 -25.59
C GLU F 52 -12.17 7.63 -25.52
N GLY F 53 -12.96 6.68 -25.03
CA GLY F 53 -12.55 5.29 -24.99
C GLY F 53 -11.72 4.82 -23.81
N THR F 54 -11.23 5.73 -22.95
CA THR F 54 -10.54 5.29 -21.73
C THR F 54 -11.23 5.81 -20.49
N THR F 55 -11.10 5.07 -19.39
CA THR F 55 -11.62 5.49 -18.08
C THR F 55 -10.65 5.02 -16.99
N ALA F 56 -10.73 5.62 -15.80
CA ALA F 56 -9.80 5.30 -14.71
C ALA F 56 -10.43 5.43 -13.31
N LYS F 57 -9.83 4.78 -12.31
CA LYS F 57 -10.39 4.81 -10.96
C LYS F 57 -10.00 6.06 -10.15
N GLY F 58 -10.95 6.53 -9.35
CA GLY F 58 -10.76 7.66 -8.46
C GLY F 58 -10.50 7.14 -7.07
N GLU F 59 -10.96 7.87 -6.06
CA GLU F 59 -10.71 7.46 -4.67
C GLU F 59 -11.74 6.46 -4.18
N VAL F 60 -12.97 6.57 -4.65
CA VAL F 60 -14.03 5.73 -4.12
C VAL F 60 -14.82 5.03 -5.23
N PRO F 61 -14.11 4.24 -6.05
CA PRO F 61 -14.65 3.66 -7.29
C PRO F 61 -15.54 2.44 -7.08
N ASP F 62 -15.41 1.75 -5.94
CA ASP F 62 -16.14 0.49 -5.76
C ASP F 62 -17.67 0.62 -5.81
N GLY F 63 -18.30 -0.26 -6.58
CA GLY F 63 -19.75 -0.29 -6.66
C GLY F 63 -20.29 0.54 -7.80
N TYR F 64 -19.38 1.22 -8.50
CA TYR F 64 -19.73 2.03 -9.65
C TYR F 64 -18.97 1.54 -10.88
N ASN F 65 -19.44 1.91 -12.08
CA ASN F 65 -18.64 1.72 -13.29
C ASN F 65 -18.86 2.90 -14.21
N VAL F 66 -18.00 3.05 -15.21
CA VAL F 66 -18.16 4.16 -16.13
C VAL F 66 -17.95 3.80 -17.59
N SER F 67 -18.40 4.70 -18.46
CA SER F 67 -18.35 4.48 -19.89
C SER F 67 -18.18 5.84 -20.50
N ARG F 68 -17.07 6.03 -21.22
CA ARG F 68 -16.87 7.21 -22.01
C ARG F 68 -17.13 6.80 -23.45
N LEU F 69 -18.40 6.78 -23.84
CA LEU F 69 -18.74 6.27 -25.13
C LEU F 69 -18.32 7.22 -26.24
N LYS F 70 -18.78 8.46 -26.17
CA LYS F 70 -18.26 9.46 -27.11
C LYS F 70 -17.39 10.43 -26.33
N LYS F 71 -16.95 11.49 -26.99
CA LYS F 71 -16.30 12.56 -26.27
C LYS F 71 -17.32 13.25 -25.38
N GLN F 72 -18.53 13.40 -25.90
CA GLN F 72 -19.57 14.19 -25.23
C GLN F 72 -20.12 13.56 -23.96
N ASN F 73 -20.20 12.23 -23.89
CA ASN F 73 -20.93 11.59 -22.80
C ASN F 73 -20.05 10.80 -21.85
N PHE F 74 -20.34 10.90 -20.56
CA PHE F 74 -19.66 10.10 -19.57
C PHE F 74 -20.70 9.46 -18.67
N LEU F 75 -20.83 8.13 -18.78
CA LEU F 75 -21.86 7.42 -18.04
C LEU F 75 -21.36 6.90 -16.72
N LEU F 76 -22.18 7.02 -15.69
CA LEU F 76 -21.90 6.41 -14.41
C LEU F 76 -22.98 5.36 -14.16
N GLY F 77 -22.58 4.16 -13.77
CA GLY F 77 -23.57 3.12 -13.61
C GLY F 77 -23.50 2.44 -12.26
N LEU F 78 -24.64 2.31 -11.60
CA LEU F 78 -24.76 1.53 -10.38
C LEU F 78 -25.31 0.17 -10.73
N GLU F 79 -24.54 -0.89 -10.57
CA GLU F 79 -25.02 -2.23 -10.93
C GLU F 79 -26.03 -2.79 -9.93
N SER F 80 -25.82 -2.54 -8.64
CA SER F 80 -26.75 -2.98 -7.58
C SER F 80 -26.78 -2.00 -6.39
N ALA F 81 -27.80 -1.14 -6.37
CA ALA F 81 -27.90 -0.06 -5.37
C ALA F 81 -27.82 -0.56 -3.94
N ALA F 82 -27.00 0.12 -3.14
CA ALA F 82 -26.90 -0.17 -1.73
C ALA F 82 -27.09 1.14 -0.98
N PRO F 83 -27.61 1.06 0.25
CA PRO F 83 -27.96 2.24 1.06
C PRO F 83 -26.84 3.27 1.14
N SER F 84 -25.60 2.79 1.15
CA SER F 84 -24.42 3.66 1.20
C SER F 84 -24.32 4.55 -0.04
N GLN F 85 -24.95 4.15 -1.14
CA GLN F 85 -24.84 4.93 -2.35
C GLN F 85 -25.84 6.10 -2.38
N THR F 86 -26.66 6.21 -1.32
CA THR F 86 -27.50 7.39 -1.15
C THR F 86 -26.59 8.59 -1.03
N SER F 87 -26.65 9.50 -1.99
CA SER F 87 -25.73 10.64 -2.03
C SER F 87 -26.10 11.64 -3.14
N VAL F 88 -25.29 12.68 -3.31
CA VAL F 88 -25.45 13.60 -4.43
C VAL F 88 -24.26 13.48 -5.37
N TYR F 89 -24.54 13.39 -6.67
CA TYR F 89 -23.53 13.06 -7.65
C TYR F 89 -23.21 14.21 -8.58
N PHE F 90 -21.93 14.45 -8.78
CA PHE F 90 -21.53 15.58 -9.61
C PHE F 90 -20.65 15.14 -10.73
N CYS F 91 -21.03 15.58 -11.91
CA CYS F 91 -20.28 15.38 -13.12
C CYS F 91 -19.46 16.62 -13.38
N ALA F 92 -18.27 16.47 -13.94
CA ALA F 92 -17.45 17.65 -14.24
C ALA F 92 -16.60 17.43 -15.48
N SER F 93 -16.31 18.50 -16.18
CA SER F 93 -15.41 18.41 -17.31
C SER F 93 -14.50 19.63 -17.45
N ARG F 94 -13.40 19.46 -18.18
CA ARG F 94 -12.49 20.56 -18.43
C ARG F 94 -11.53 20.18 -19.56
N TYR F 95 -11.06 21.16 -20.32
CA TYR F 95 -10.06 20.91 -21.37
C TYR F 95 -8.86 20.14 -20.85
N PHE F 96 -8.15 19.49 -21.75
CA PHE F 96 -6.93 18.81 -21.37
C PHE F 96 -5.87 19.84 -21.07
N LEU F 97 -5.76 20.79 -21.98
CA LEU F 97 -4.83 21.87 -21.86
C LEU F 97 -5.67 23.13 -21.99
N PRO F 98 -6.33 23.52 -20.90
CA PRO F 98 -7.23 24.68 -20.94
C PRO F 98 -6.42 25.90 -21.25
N THR F 99 -7.06 26.94 -21.77
CA THR F 99 -6.31 28.13 -22.15
C THR F 99 -6.61 29.28 -21.21
N GLN F 100 -7.80 29.25 -20.62
CA GLN F 100 -8.20 30.27 -19.69
C GLN F 100 -8.13 29.75 -18.27
N GLY F 101 -7.06 29.02 -17.98
CA GLY F 101 -6.81 28.59 -16.62
C GLY F 101 -7.37 27.23 -16.21
N MET F 102 -6.92 26.75 -15.07
CA MET F 102 -7.41 25.47 -14.57
C MET F 102 -8.73 25.71 -13.86
N GLY F 103 -9.34 24.64 -13.38
CA GLY F 103 -10.70 24.73 -12.90
C GLY F 103 -11.58 23.93 -13.85
N ALA F 104 -12.60 23.30 -13.29
CA ALA F 104 -13.51 22.45 -14.05
C ALA F 104 -14.93 22.98 -13.99
N PHE F 105 -15.73 22.64 -15.00
CA PHE F 105 -17.14 22.96 -15.03
C PHE F 105 -17.89 21.83 -14.34
N PHE F 106 -18.89 22.15 -13.53
CA PHE F 106 -19.63 21.10 -12.81
C PHE F 106 -21.10 21.02 -13.24
N GLY F 107 -21.66 19.81 -13.14
CA GLY F 107 -23.07 19.62 -13.37
C GLY F 107 -23.80 20.19 -12.19
N GLN F 108 -25.14 20.21 -12.23
CA GLN F 108 -25.89 20.76 -11.10
C GLN F 108 -26.19 19.70 -10.05
N GLY F 109 -25.83 18.46 -10.35
CA GLY F 109 -25.91 17.41 -9.35
C GLY F 109 -27.08 16.48 -9.53
N THR F 110 -26.90 15.25 -9.09
CA THR F 110 -27.95 14.26 -9.15
C THR F 110 -28.16 13.71 -7.74
N ARG F 111 -29.33 14.00 -7.17
CA ARG F 111 -29.67 13.53 -5.84
C ARG F 111 -30.28 12.15 -5.95
N LEU F 112 -29.60 11.18 -5.39
CA LEU F 112 -30.09 9.82 -5.45
C LEU F 112 -30.30 9.31 -4.04
N THR F 113 -31.49 8.76 -3.80
CA THR F 113 -31.83 8.16 -2.50
C THR F 113 -32.17 6.68 -2.70
N VAL F 114 -31.51 5.81 -1.95
CA VAL F 114 -31.80 4.38 -1.98
C VAL F 114 -32.67 3.97 -0.78
N VAL F 115 -33.81 3.36 -1.05
CA VAL F 115 -34.70 2.95 0.02
C VAL F 115 -34.87 1.43 0.05
N GLU F 116 -35.18 0.91 1.23
CA GLU F 116 -35.36 -0.52 1.43
C GLU F 116 -36.72 -0.97 0.89
N ASP F 117 -37.69 -0.07 0.91
CA ASP F 117 -39.03 -0.36 0.43
C ASP F 117 -39.62 0.89 -0.21
N LEU F 118 -40.29 0.71 -1.37
CA LEU F 118 -40.90 1.83 -2.09
C LEU F 118 -42.18 2.39 -1.47
N ASN F 119 -42.75 1.70 -0.48
CA ASN F 119 -43.97 2.19 0.19
C ASN F 119 -43.68 3.38 1.10
N LYS F 120 -42.40 3.75 1.21
CA LYS F 120 -41.99 4.85 2.06
C LYS F 120 -42.14 6.18 1.32
N VAL F 121 -42.58 6.11 0.07
CA VAL F 121 -42.64 7.31 -0.78
C VAL F 121 -43.99 8.00 -0.75
N PHE F 122 -43.99 9.30 -0.47
CA PHE F 122 -45.21 10.08 -0.42
C PHE F 122 -44.97 11.39 -1.13
N PRO F 123 -45.96 11.85 -1.88
CA PRO F 123 -45.90 13.18 -2.47
C PRO F 123 -46.23 14.21 -1.42
N PRO F 124 -45.87 15.46 -1.67
CA PRO F 124 -46.19 16.50 -0.69
C PRO F 124 -47.66 16.92 -0.76
N GLU F 125 -48.16 17.47 0.34
CA GLU F 125 -49.41 18.22 0.37
C GLU F 125 -49.08 19.70 0.48
N VAL F 126 -49.78 20.52 -0.30
CA VAL F 126 -49.44 21.95 -0.35
C VAL F 126 -50.59 22.83 0.15
N ALA F 127 -50.23 23.81 0.96
CA ALA F 127 -51.18 24.79 1.48
C ALA F 127 -50.60 26.18 1.37
N VAL F 128 -51.44 27.14 1.01
CA VAL F 128 -51.04 28.53 0.94
C VAL F 128 -51.72 29.30 2.06
N PHE F 129 -50.98 30.19 2.70
CA PHE F 129 -51.55 30.97 3.78
C PHE F 129 -51.55 32.46 3.45
N GLU F 130 -52.69 33.09 3.67
CA GLU F 130 -52.88 34.47 3.27
C GLU F 130 -52.34 35.50 4.29
N PRO F 131 -51.85 36.64 3.79
CA PRO F 131 -51.32 37.73 4.61
C PRO F 131 -52.23 38.17 5.75
N SER F 132 -51.61 38.50 6.88
CA SER F 132 -52.32 39.05 8.03
C SER F 132 -52.79 40.50 7.78
N GLU F 133 -54.01 40.84 8.18
CA GLU F 133 -54.42 42.25 8.10
C GLU F 133 -53.50 43.10 8.98
N ALA F 134 -53.06 42.55 10.10
CA ALA F 134 -52.15 43.25 11.01
C ALA F 134 -50.85 43.67 10.32
N GLU F 135 -50.21 42.70 9.67
CA GLU F 135 -48.96 42.92 8.93
C GLU F 135 -49.13 44.02 7.89
N ILE F 136 -50.18 43.88 7.08
CA ILE F 136 -50.51 44.84 6.03
C ILE F 136 -50.66 46.25 6.56
N SER F 137 -51.48 46.43 7.59
CA SER F 137 -51.71 47.77 8.14
C SER F 137 -50.49 48.32 8.88
N HIS F 138 -49.59 47.44 9.31
CA HIS F 138 -48.43 47.83 10.11
C HIS F 138 -47.19 48.12 9.27
N THR F 139 -46.96 47.30 8.24
CA THR F 139 -45.74 47.37 7.44
C THR F 139 -45.99 47.79 5.99
N GLN F 140 -47.26 47.91 5.62
CA GLN F 140 -47.66 48.19 4.24
C GLN F 140 -47.14 47.11 3.28
N LYS F 141 -46.90 45.93 3.80
CA LYS F 141 -46.47 44.80 3.00
C LYS F 141 -47.30 43.57 3.32
N ALA F 142 -47.23 42.55 2.45
CA ALA F 142 -48.04 41.35 2.65
C ALA F 142 -47.25 40.08 2.35
N THR F 143 -46.98 39.29 3.39
CA THR F 143 -46.24 38.04 3.20
C THR F 143 -47.21 36.88 3.07
N LEU F 144 -47.05 36.12 1.98
CA LEU F 144 -47.76 34.85 1.83
C LEU F 144 -46.79 33.79 2.28
N VAL F 145 -47.30 32.71 2.85
CA VAL F 145 -46.44 31.59 3.20
C VAL F 145 -46.96 30.34 2.52
N CYS F 146 -46.05 29.57 1.92
CA CYS F 146 -46.39 28.27 1.37
C CYS F 146 -45.87 27.19 2.28
N LEU F 147 -46.61 26.09 2.34
CA LEU F 147 -46.23 25.05 3.26
C LEU F 147 -46.34 23.70 2.56
N ALA F 148 -45.19 23.11 2.26
CA ALA F 148 -45.15 21.77 1.69
C ALA F 148 -44.95 20.78 2.82
N THR F 149 -45.85 19.81 2.90
CA THR F 149 -45.82 18.90 4.04
C THR F 149 -46.04 17.43 3.64
N GLY F 150 -45.39 16.54 4.38
CA GLY F 150 -45.63 15.10 4.29
C GLY F 150 -44.99 14.30 3.18
N PHE F 151 -43.89 14.79 2.61
CA PHE F 151 -43.28 14.11 1.47
C PHE F 151 -42.00 13.35 1.81
N TYR F 152 -41.77 12.27 1.08
CA TYR F 152 -40.53 11.52 1.18
C TYR F 152 -40.27 10.92 -0.19
N PRO F 153 -39.02 10.99 -0.69
CA PRO F 153 -37.84 11.53 -0.02
C PRO F 153 -37.71 13.03 -0.22
N ASP F 154 -36.55 13.58 0.13
CA ASP F 154 -36.28 15.02 0.11
C ASP F 154 -36.12 15.54 -1.34
N HIS F 155 -37.03 15.17 -2.23
CA HIS F 155 -36.85 15.48 -3.64
C HIS F 155 -37.90 16.44 -4.18
N VAL F 156 -37.80 17.71 -3.80
CA VAL F 156 -38.77 18.69 -4.24
C VAL F 156 -38.11 19.97 -4.79
N GLU F 157 -38.86 20.67 -5.63
CA GLU F 157 -38.49 21.99 -6.12
C GLU F 157 -39.72 22.90 -5.97
N LEU F 158 -39.60 23.92 -5.12
CA LEU F 158 -40.73 24.79 -4.83
C LEU F 158 -40.63 26.14 -5.56
N SER F 159 -41.73 26.63 -6.12
CA SER F 159 -41.69 27.91 -6.83
C SER F 159 -42.99 28.68 -6.70
N TRP F 160 -42.90 30.01 -6.83
CA TRP F 160 -44.08 30.85 -6.78
C TRP F 160 -44.43 31.39 -8.16
N TRP F 161 -45.73 31.42 -8.46
CA TRP F 161 -46.23 31.87 -9.74
C TRP F 161 -47.30 32.93 -9.56
N VAL F 162 -47.01 34.12 -10.06
CA VAL F 162 -47.93 35.23 -9.93
C VAL F 162 -48.46 35.62 -11.29
N ASN F 163 -49.79 35.57 -11.42
CA ASN F 163 -50.48 35.81 -12.69
C ASN F 163 -49.96 34.90 -13.79
N GLY F 164 -49.61 33.66 -13.42
CA GLY F 164 -49.19 32.63 -14.36
C GLY F 164 -47.74 32.67 -14.78
N LYS F 165 -46.98 33.62 -14.25
CA LYS F 165 -45.54 33.71 -14.55
C LYS F 165 -44.73 33.42 -13.30
N GLU F 166 -43.62 32.71 -13.44
CA GLU F 166 -42.77 32.40 -12.28
C GLU F 166 -42.10 33.69 -11.79
N VAL F 167 -41.90 33.79 -10.49
CA VAL F 167 -41.36 35.00 -9.88
C VAL F 167 -40.21 34.65 -8.92
N HIS F 168 -39.27 35.56 -8.71
CA HIS F 168 -38.12 35.33 -7.81
C HIS F 168 -37.91 36.43 -6.77
N SER F 169 -38.19 37.67 -7.16
CA SER F 169 -38.07 38.76 -6.20
C SER F 169 -39.11 38.58 -5.11
N GLY F 170 -38.69 38.77 -3.87
CA GLY F 170 -39.58 38.71 -2.72
C GLY F 170 -39.77 37.32 -2.18
N VAL F 171 -39.09 36.36 -2.79
CA VAL F 171 -39.24 34.97 -2.40
C VAL F 171 -38.10 34.55 -1.51
N CYS F 172 -38.41 33.70 -0.54
CA CYS F 172 -37.43 33.02 0.29
C CYS F 172 -37.93 31.61 0.60
N THR F 173 -37.20 30.60 0.12
CA THR F 173 -37.54 29.22 0.46
C THR F 173 -36.50 28.60 1.40
N ASP F 174 -36.94 27.83 2.38
CA ASP F 174 -36.03 27.10 3.25
C ASP F 174 -35.01 26.37 2.40
N PRO F 175 -33.73 26.48 2.75
CA PRO F 175 -32.69 25.70 2.06
C PRO F 175 -32.74 24.19 2.33
N GLN F 176 -33.15 23.78 3.53
CA GLN F 176 -33.27 22.36 3.84
C GLN F 176 -34.59 22.11 4.55
N PRO F 177 -35.18 20.92 4.37
CA PRO F 177 -36.46 20.60 5.00
C PRO F 177 -36.37 20.13 6.44
N LEU F 178 -37.50 20.16 7.14
CA LEU F 178 -37.62 19.63 8.49
C LEU F 178 -38.03 18.17 8.38
N LYS F 179 -37.61 17.35 9.34
CA LYS F 179 -38.22 16.05 9.52
C LYS F 179 -39.47 16.21 10.40
N GLU F 180 -40.61 15.74 9.92
CA GLU F 180 -41.84 15.88 10.68
C GLU F 180 -41.79 15.07 11.96
N GLN F 181 -41.04 13.99 11.92
CA GLN F 181 -40.84 13.11 13.07
C GLN F 181 -39.39 12.68 13.12
N PRO F 182 -38.53 13.54 13.70
CA PRO F 182 -37.06 13.43 13.68
C PRO F 182 -36.58 12.16 14.36
N ALA F 183 -37.40 11.64 15.27
CA ALA F 183 -37.08 10.44 16.01
C ALA F 183 -37.14 9.17 15.15
N LEU F 184 -37.59 9.30 13.91
CA LEU F 184 -37.69 8.17 12.99
C LEU F 184 -36.74 8.33 11.80
N ASN F 185 -36.27 7.21 11.24
CA ASN F 185 -35.39 7.23 10.08
C ASN F 185 -36.14 7.52 8.79
N ASP F 186 -37.34 6.95 8.68
CA ASP F 186 -38.16 7.10 7.48
C ASP F 186 -39.13 8.25 7.60
N SER F 187 -38.69 9.29 8.27
CA SER F 187 -39.54 10.43 8.51
C SER F 187 -39.86 11.16 7.22
N ARG F 188 -41.10 11.59 7.09
CA ARG F 188 -41.49 12.43 5.98
C ARG F 188 -41.07 13.87 6.28
N TYR F 189 -41.13 14.74 5.28
CA TYR F 189 -40.50 16.06 5.36
C TYR F 189 -41.46 17.22 5.21
N ALA F 190 -41.04 18.38 5.69
CA ALA F 190 -41.81 19.61 5.51
C ALA F 190 -40.90 20.71 4.99
N LEU F 191 -41.47 21.62 4.21
CA LEU F 191 -40.71 22.68 3.58
C LEU F 191 -41.56 23.91 3.58
N SER F 192 -40.96 25.07 3.84
CA SER F 192 -41.77 26.29 3.87
C SER F 192 -41.18 27.35 2.99
N SER F 193 -42.00 28.31 2.59
CA SER F 193 -41.50 29.39 1.75
C SER F 193 -42.36 30.62 1.93
N ARG F 194 -41.75 31.79 1.80
CA ARG F 194 -42.51 33.02 1.89
C ARG F 194 -42.39 33.78 0.57
N LEU F 195 -43.43 34.55 0.28
CA LEU F 195 -43.42 35.48 -0.83
C LEU F 195 -44.02 36.78 -0.32
N ARG F 196 -43.26 37.85 -0.40
CA ARG F 196 -43.71 39.15 0.09
C ARG F 196 -43.94 40.11 -1.08
N VAL F 197 -45.05 40.83 -1.01
CA VAL F 197 -45.39 41.83 -2.01
C VAL F 197 -45.99 43.06 -1.34
N SER F 198 -46.05 44.16 -2.09
CA SER F 198 -46.62 45.40 -1.59
C SER F 198 -48.06 45.17 -1.23
N ALA F 199 -48.55 45.88 -0.22
CA ALA F 199 -49.90 45.66 0.27
C ALA F 199 -50.93 45.97 -0.82
N THR F 200 -50.64 46.95 -1.66
CA THR F 200 -51.54 47.32 -2.73
C THR F 200 -51.58 46.29 -3.85
N PHE F 201 -50.53 45.48 -3.96
CA PHE F 201 -50.51 44.42 -4.97
C PHE F 201 -51.24 43.17 -4.50
N TRP F 202 -51.42 43.05 -3.20
CA TRP F 202 -52.12 41.90 -2.66
C TRP F 202 -53.60 42.20 -2.62
N GLN F 203 -53.95 43.44 -2.32
CA GLN F 203 -55.34 43.83 -2.14
C GLN F 203 -56.16 43.82 -3.42
N ASN F 204 -55.51 43.61 -4.56
CA ASN F 204 -56.20 43.49 -5.84
C ASN F 204 -56.70 42.06 -6.07
N PRO F 205 -58.03 41.88 -6.09
CA PRO F 205 -58.61 40.54 -6.29
C PRO F 205 -58.44 40.01 -7.71
N ARG F 206 -57.82 40.80 -8.58
CA ARG F 206 -57.51 40.35 -9.93
C ARG F 206 -56.21 39.53 -9.95
N ASN F 207 -55.32 39.82 -9.02
CA ASN F 207 -54.02 39.14 -8.94
C ASN F 207 -54.07 37.73 -8.34
N HIS F 208 -53.38 36.81 -9.02
CA HIS F 208 -53.43 35.39 -8.70
C HIS F 208 -52.10 34.82 -8.24
N PHE F 209 -52.07 34.28 -7.03
CA PHE F 209 -50.87 33.71 -6.45
C PHE F 209 -50.94 32.20 -6.38
N ARG F 210 -49.93 31.52 -6.90
CA ARG F 210 -49.89 30.07 -6.84
C ARG F 210 -48.54 29.56 -6.39
N CYS F 211 -48.58 28.73 -5.35
CA CYS F 211 -47.40 28.02 -4.88
C CYS F 211 -47.35 26.62 -5.48
N GLN F 212 -46.32 26.34 -6.26
CA GLN F 212 -46.19 25.07 -6.94
C GLN F 212 -45.00 24.27 -6.40
N VAL F 213 -45.22 22.98 -6.14
CA VAL F 213 -44.14 22.11 -5.67
C VAL F 213 -43.95 20.94 -6.63
N GLN F 214 -42.77 20.87 -7.21
CA GLN F 214 -42.39 19.74 -8.03
C GLN F 214 -41.87 18.61 -7.17
N PHE F 215 -42.53 17.47 -7.20
CA PHE F 215 -42.07 16.31 -6.45
C PHE F 215 -41.48 15.27 -7.40
N TYR F 216 -40.36 14.65 -6.98
CA TYR F 216 -39.79 13.56 -7.75
C TYR F 216 -39.84 12.25 -6.98
N GLY F 217 -40.74 11.35 -7.38
CA GLY F 217 -40.88 10.07 -6.73
C GLY F 217 -40.72 8.92 -7.72
N LEU F 218 -41.68 8.02 -7.71
CA LEU F 218 -41.54 6.82 -8.49
C LEU F 218 -41.64 7.13 -9.98
N SER F 219 -41.03 6.26 -10.79
CA SER F 219 -41.17 6.33 -12.24
C SER F 219 -42.41 5.56 -12.61
N GLU F 220 -42.83 5.62 -13.87
CA GLU F 220 -44.02 4.88 -14.27
C GLU F 220 -43.76 3.37 -14.26
N ASN F 221 -42.48 3.00 -14.38
CA ASN F 221 -42.09 1.60 -14.51
C ASN F 221 -42.19 0.80 -13.23
N ASP F 222 -42.08 1.50 -12.10
CA ASP F 222 -42.05 0.88 -10.78
C ASP F 222 -43.37 0.18 -10.46
N GLU F 223 -43.27 -0.92 -9.73
CA GLU F 223 -44.42 -1.73 -9.35
C GLU F 223 -45.13 -1.13 -8.15
N TRP F 224 -46.45 -1.10 -8.18
CA TRP F 224 -47.23 -0.49 -7.08
C TRP F 224 -48.46 -1.30 -6.72
N THR F 225 -48.54 -1.74 -5.46
CA THR F 225 -49.60 -2.64 -5.01
C THR F 225 -50.55 -2.06 -3.95
N GLN F 226 -50.35 -0.82 -3.54
CA GLN F 226 -51.09 -0.24 -2.42
C GLN F 226 -52.44 0.35 -2.83
N ASP F 227 -53.25 0.71 -1.84
CA ASP F 227 -54.54 1.35 -2.06
C ASP F 227 -54.34 2.79 -2.51
N ARG F 228 -53.56 3.54 -1.75
CA ARG F 228 -53.30 4.94 -2.08
C ARG F 228 -52.61 5.04 -3.44
N ALA F 229 -52.77 6.20 -4.07
CA ALA F 229 -52.26 6.40 -5.41
C ALA F 229 -50.76 6.25 -5.49
N LYS F 230 -50.30 5.64 -6.57
CA LYS F 230 -48.88 5.53 -6.85
C LYS F 230 -48.25 6.92 -6.80
N PRO F 231 -47.28 7.13 -5.88
CA PRO F 231 -46.59 8.40 -5.62
C PRO F 231 -45.56 8.72 -6.71
N VAL F 232 -46.06 9.01 -7.91
CA VAL F 232 -45.16 9.26 -9.01
C VAL F 232 -44.73 10.69 -9.02
N THR F 233 -43.70 10.96 -9.81
CA THR F 233 -43.27 12.31 -10.07
C THR F 233 -44.47 13.14 -10.48
N GLN F 234 -44.66 14.27 -9.81
CA GLN F 234 -45.87 15.07 -9.99
C GLN F 234 -45.70 16.50 -9.44
N ILE F 235 -46.59 17.40 -9.85
CA ILE F 235 -46.66 18.76 -9.31
C ILE F 235 -47.88 18.90 -8.40
N VAL F 236 -47.67 19.40 -7.20
CA VAL F 236 -48.77 19.72 -6.31
C VAL F 236 -48.74 21.21 -6.01
N SER F 237 -49.86 21.90 -6.22
CA SER F 237 -49.88 23.34 -5.99
C SER F 237 -50.99 23.79 -5.05
N ALA F 238 -50.87 25.02 -4.58
CA ALA F 238 -51.93 25.70 -3.83
C ALA F 238 -51.95 27.16 -4.26
N GLU F 239 -53.12 27.78 -4.19
CA GLU F 239 -53.26 29.09 -4.80
C GLU F 239 -54.11 30.04 -3.98
N ALA F 240 -54.02 31.33 -4.30
CA ALA F 240 -54.81 32.38 -3.66
C ALA F 240 -55.10 33.59 -4.57
N TRP F 241 -56.22 34.28 -4.31
CA TRP F 241 -56.53 35.52 -5.01
C TRP F 241 -56.48 36.74 -4.09
N GLY F 242 -56.40 37.92 -4.68
CA GLY F 242 -56.33 39.18 -3.96
C GLY F 242 -57.55 39.60 -3.15
N ARG F 243 -57.33 40.42 -2.12
CA ARG F 243 -58.41 40.80 -1.20
C ARG F 243 -58.49 42.31 -0.96
N GLU G 3 1.37 -13.97 -0.78
CA GLU G 3 -0.05 -13.69 -0.51
C GLU G 3 -0.78 -14.99 -0.22
N VAL G 4 -1.85 -14.88 0.56
CA VAL G 4 -2.63 -16.02 0.98
C VAL G 4 -4.12 -15.78 0.75
N GLU G 5 -4.70 -16.37 -0.28
CA GLU G 5 -6.13 -16.21 -0.55
C GLU G 5 -6.92 -17.33 0.08
N GLN G 6 -7.95 -16.93 0.80
CA GLN G 6 -8.75 -17.83 1.63
C GLN G 6 -10.22 -17.64 1.26
N ASP G 7 -10.99 -18.73 1.26
CA ASP G 7 -12.38 -18.65 0.85
C ASP G 7 -13.08 -17.74 1.80
N PRO G 8 -13.70 -16.68 1.29
CA PRO G 8 -14.28 -15.64 2.15
C PRO G 8 -15.48 -16.13 2.95
N GLY G 9 -16.19 -17.12 2.40
CA GLY G 9 -17.42 -17.57 3.01
C GLY G 9 -18.45 -16.46 2.94
N PRO G 10 -19.31 -16.37 3.97
CA PRO G 10 -19.40 -17.27 5.12
C PRO G 10 -20.01 -18.63 4.78
N LEU G 11 -19.76 -19.63 5.61
CA LEU G 11 -20.36 -20.96 5.43
C LEU G 11 -21.43 -21.26 6.48
N SER G 12 -22.58 -21.71 5.99
CA SER G 12 -23.59 -22.20 6.90
C SER G 12 -23.88 -23.64 6.53
N VAL G 13 -23.53 -24.55 7.41
CA VAL G 13 -23.72 -25.98 7.17
C VAL G 13 -24.62 -26.61 8.22
N PRO G 14 -25.30 -27.70 7.86
CA PRO G 14 -26.02 -28.37 8.93
C PRO G 14 -25.13 -29.25 9.76
N GLU G 15 -25.53 -29.44 11.01
CA GLU G 15 -24.83 -30.28 11.95
C GLU G 15 -24.69 -31.67 11.37
N GLY G 16 -23.48 -32.20 11.41
CA GLY G 16 -23.18 -33.53 10.92
C GLY G 16 -22.37 -33.48 9.63
N ALA G 17 -22.35 -32.31 9.00
CA ALA G 17 -21.75 -32.16 7.70
C ALA G 17 -20.24 -32.20 7.78
N ILE G 18 -19.61 -32.66 6.72
CA ILE G 18 -18.17 -32.46 6.55
C ILE G 18 -17.98 -31.07 6.00
N VAL G 19 -17.11 -30.31 6.67
CA VAL G 19 -16.80 -28.97 6.25
C VAL G 19 -15.38 -28.96 5.70
N SER G 20 -15.18 -28.23 4.61
CA SER G 20 -13.86 -28.10 4.04
C SER G 20 -13.44 -26.63 3.96
N LEU G 21 -12.33 -26.30 4.62
CA LEU G 21 -11.82 -24.92 4.62
C LEU G 21 -10.52 -24.85 3.86
N ASN G 22 -10.36 -23.88 2.98
CA ASN G 22 -9.19 -23.89 2.09
C ASN G 22 -8.46 -22.59 1.90
N CYS G 23 -7.13 -22.70 1.82
CA CYS G 23 -6.30 -21.55 1.45
C CYS G 23 -5.39 -21.90 0.27
N THR G 24 -5.16 -20.88 -0.52
CA THR G 24 -4.29 -20.90 -1.67
C THR G 24 -3.18 -19.89 -1.45
N TYR G 25 -1.95 -20.22 -1.83
CA TYR G 25 -0.87 -19.25 -1.75
C TYR G 25 -0.08 -19.16 -3.03
N SER G 26 0.73 -18.13 -3.16
CA SER G 26 1.48 -17.94 -4.39
C SER G 26 2.97 -18.14 -4.17
N ASN G 27 3.41 -17.94 -2.93
CA ASN G 27 4.83 -18.03 -2.57
C ASN G 27 5.28 -19.44 -2.23
N SER G 28 6.13 -20.02 -3.07
CA SER G 28 6.56 -21.40 -2.90
C SER G 28 7.50 -21.62 -1.73
N ALA G 29 7.99 -20.53 -1.16
CA ALA G 29 8.92 -20.64 -0.05
C ALA G 29 8.23 -21.09 1.24
N PHE G 30 6.90 -20.96 1.29
CA PHE G 30 6.11 -21.38 2.45
C PHE G 30 6.33 -22.85 2.83
N GLN G 31 6.55 -23.10 4.12
CA GLN G 31 6.87 -24.43 4.60
C GLN G 31 6.18 -24.83 5.88
N TYR G 32 5.70 -23.83 6.62
CA TYR G 32 5.00 -24.08 7.87
C TYR G 32 3.58 -23.61 7.75
N PHE G 33 2.63 -24.47 8.11
CA PHE G 33 1.23 -24.17 7.85
C PHE G 33 0.40 -24.29 9.12
N MET G 34 -0.25 -23.20 9.50
CA MET G 34 -0.97 -23.14 10.76
C MET G 34 -2.43 -22.88 10.46
N TRP G 35 -3.31 -23.56 11.19
CA TRP G 35 -4.73 -23.21 11.20
C TRP G 35 -5.10 -22.69 12.59
N TYR G 36 -5.70 -21.50 12.63
CA TYR G 36 -6.21 -20.95 13.89
C TYR G 36 -7.73 -20.95 13.87
N ARG G 37 -8.32 -21.20 15.04
CA ARG G 37 -9.76 -21.01 15.22
C ARG G 37 -10.01 -19.84 16.16
N GLN G 38 -10.88 -18.92 15.75
CA GLN G 38 -11.19 -17.74 16.56
C GLN G 38 -12.69 -17.58 16.83
N TYR G 39 -13.10 -17.79 18.07
CA TYR G 39 -14.50 -17.60 18.45
C TYR G 39 -14.84 -16.11 18.57
N SER G 40 -16.12 -15.81 18.46
CA SER G 40 -16.62 -14.43 18.48
C SER G 40 -16.18 -13.65 19.70
N ARG G 41 -15.61 -12.47 19.43
CA ARG G 41 -15.17 -11.57 20.47
C ARG G 41 -14.08 -12.19 21.35
N LYS G 42 -13.26 -13.07 20.78
CA LYS G 42 -12.12 -13.64 21.51
C LYS G 42 -10.91 -13.76 20.57
N GLY G 43 -9.76 -14.18 21.09
CA GLY G 43 -8.55 -14.23 20.26
C GLY G 43 -8.29 -15.52 19.49
N PRO G 44 -7.45 -15.47 18.46
CA PRO G 44 -7.08 -16.66 17.68
C PRO G 44 -6.48 -17.74 18.56
N GLU G 45 -6.87 -18.98 18.34
CA GLU G 45 -6.27 -20.09 19.08
C GLU G 45 -5.76 -21.13 18.09
N LEU G 46 -4.50 -21.54 18.21
CA LEU G 46 -3.96 -22.53 17.29
C LEU G 46 -4.74 -23.83 17.37
N LEU G 47 -5.18 -24.30 16.20
CA LEU G 47 -6.00 -25.49 16.06
C LEU G 47 -5.23 -26.66 15.46
N MET G 48 -4.54 -26.43 14.34
CA MET G 48 -3.69 -27.43 13.69
C MET G 48 -2.42 -26.80 13.14
N TYR G 49 -1.33 -27.56 13.16
CA TYR G 49 -0.05 -27.13 12.57
C TYR G 49 0.60 -28.31 11.83
N THR G 50 1.17 -28.03 10.67
CA THR G 50 1.77 -29.07 9.84
C THR G 50 3.08 -28.57 9.25
N TYR G 51 4.06 -29.47 9.11
CA TYR G 51 5.34 -29.11 8.49
C TYR G 51 5.43 -29.67 7.08
N SER G 52 5.52 -28.78 6.10
CA SER G 52 5.62 -29.18 4.69
C SER G 52 4.42 -29.97 4.20
N SER G 53 4.64 -30.75 3.14
CA SER G 53 3.61 -31.56 2.48
C SER G 53 3.07 -32.68 3.34
N GLY G 54 1.76 -32.89 3.31
CA GLY G 54 1.17 -33.98 4.03
C GLY G 54 -0.12 -33.74 4.79
N ASN G 55 -0.58 -34.80 5.45
CA ASN G 55 -1.78 -34.75 6.28
C ASN G 55 -1.45 -35.02 7.73
N LYS G 56 -2.21 -34.39 8.61
CA LYS G 56 -2.14 -34.69 10.04
C LYS G 56 -3.59 -34.77 10.56
N GLU G 57 -3.92 -35.88 11.21
CA GLU G 57 -5.27 -36.10 11.71
C GLU G 57 -5.31 -35.95 13.23
N ASP G 58 -6.15 -35.06 13.72
CA ASP G 58 -6.34 -34.90 15.15
C ASP G 58 -7.85 -34.91 15.46
N GLY G 59 -8.37 -36.06 15.88
CA GLY G 59 -9.80 -36.20 16.13
C GLY G 59 -10.63 -36.02 14.86
N ARG G 60 -11.59 -35.11 14.92
CA ARG G 60 -12.47 -34.85 13.79
C ARG G 60 -11.78 -33.95 12.75
N PHE G 61 -10.55 -33.53 13.06
CA PHE G 61 -9.87 -32.57 12.20
C PHE G 61 -8.75 -33.20 11.35
N THR G 62 -8.71 -32.83 10.08
CA THR G 62 -7.58 -33.21 9.25
C THR G 62 -7.03 -32.00 8.55
N ALA G 63 -5.75 -31.73 8.77
CA ALA G 63 -5.08 -30.65 8.09
C ALA G 63 -4.29 -31.25 6.96
N GLN G 64 -4.29 -30.58 5.83
CA GLN G 64 -3.79 -31.13 4.60
C GLN G 64 -3.01 -30.07 3.85
N VAL G 65 -1.84 -30.42 3.34
CA VAL G 65 -1.03 -29.43 2.64
C VAL G 65 -0.49 -30.01 1.37
N ASP G 66 -0.83 -29.36 0.26
CA ASP G 66 -0.41 -29.82 -1.05
C ASP G 66 0.49 -28.73 -1.68
N LYS G 67 1.80 -28.88 -1.47
CA LYS G 67 2.78 -27.88 -1.91
C LYS G 67 2.88 -27.66 -3.40
N SER G 68 2.69 -28.70 -4.20
CA SER G 68 2.76 -28.55 -5.66
C SER G 68 1.54 -27.79 -6.21
N SER G 69 0.39 -27.97 -5.57
CA SER G 69 -0.82 -27.26 -5.94
C SER G 69 -0.99 -25.98 -5.19
N LYS G 70 -0.11 -25.74 -4.21
CA LYS G 70 -0.20 -24.60 -3.29
C LYS G 70 -1.61 -24.47 -2.77
N TYR G 71 -2.05 -25.49 -2.08
CA TYR G 71 -3.41 -25.59 -1.63
C TYR G 71 -3.44 -26.30 -0.30
N ILE G 72 -4.01 -25.66 0.70
CA ILE G 72 -4.07 -26.29 1.99
C ILE G 72 -5.53 -26.35 2.42
N SER G 73 -5.87 -27.29 3.28
CA SER G 73 -7.25 -27.52 3.60
C SER G 73 -7.39 -27.98 5.03
N LEU G 74 -8.38 -27.44 5.72
CA LEU G 74 -8.78 -27.99 7.00
C LEU G 74 -10.12 -28.69 6.81
N PHE G 75 -10.19 -29.97 7.19
CA PHE G 75 -11.42 -30.72 7.09
C PHE G 75 -11.96 -30.90 8.47
N ILE G 76 -13.25 -30.65 8.67
CA ILE G 76 -13.88 -30.98 9.93
C ILE G 76 -14.92 -32.06 9.67
N ARG G 77 -14.75 -33.22 10.29
CA ARG G 77 -15.77 -34.26 10.25
C ARG G 77 -16.84 -34.03 11.31
N ASP G 78 -18.05 -34.51 11.01
CA ASP G 78 -19.20 -34.55 11.91
C ASP G 78 -19.35 -33.23 12.64
N SER G 79 -19.40 -32.13 11.90
CA SER G 79 -19.33 -30.81 12.51
C SER G 79 -20.41 -30.57 13.56
N GLN G 80 -19.96 -30.11 14.72
CA GLN G 80 -20.84 -29.81 15.84
C GLN G 80 -21.08 -28.30 15.81
N PRO G 81 -22.21 -27.84 16.40
CA PRO G 81 -22.51 -26.40 16.49
C PRO G 81 -21.41 -25.62 17.23
N SER G 82 -20.72 -26.31 18.14
CA SER G 82 -19.57 -25.76 18.86
C SER G 82 -18.43 -25.32 17.93
N ASP G 83 -18.48 -25.78 16.68
CA ASP G 83 -17.44 -25.48 15.72
C ASP G 83 -17.65 -24.12 15.09
N SER G 84 -18.76 -23.47 15.41
CA SER G 84 -19.05 -22.20 14.76
C SER G 84 -18.00 -21.19 15.19
N ALA G 85 -17.28 -20.68 14.22
CA ALA G 85 -16.18 -19.77 14.52
C ALA G 85 -15.56 -19.20 13.26
N THR G 86 -14.47 -18.47 13.41
CA THR G 86 -13.70 -18.06 12.27
C THR G 86 -12.43 -18.86 12.27
N TYR G 87 -12.07 -19.32 11.08
CA TYR G 87 -10.90 -20.15 10.91
C TYR G 87 -9.91 -19.35 10.09
N LEU G 88 -8.71 -19.17 10.62
CA LEU G 88 -7.71 -18.44 9.89
C LEU G 88 -6.54 -19.34 9.59
N CYS G 89 -6.04 -19.25 8.36
CA CYS G 89 -4.82 -19.98 8.07
C CYS G 89 -3.64 -19.03 8.11
N ALA G 90 -2.50 -19.56 8.51
CA ALA G 90 -1.29 -18.78 8.48
C ALA G 90 -0.14 -19.65 7.99
N MET G 91 0.84 -19.01 7.36
CA MET G 91 2.00 -19.70 6.80
C MET G 91 3.32 -18.96 7.03
N SER G 92 4.41 -19.70 7.29
CA SER G 92 5.76 -19.16 7.41
C SER G 92 6.66 -19.73 6.35
N THR G 93 7.65 -18.96 5.92
CA THR G 93 8.62 -19.49 4.95
C THR G 93 9.75 -20.24 5.68
N SER G 94 10.64 -20.86 4.92
CA SER G 94 11.75 -21.61 5.50
C SER G 94 12.62 -20.73 6.36
N LEU G 95 13.29 -21.35 7.32
CA LEU G 95 14.25 -20.67 8.19
C LEU G 95 15.43 -20.15 7.38
N PRO G 96 15.92 -18.94 7.72
CA PRO G 96 15.43 -18.05 8.76
C PRO G 96 14.18 -17.27 8.33
N ASN G 97 13.10 -17.37 9.11
CA ASN G 97 11.79 -16.83 8.70
C ASN G 97 11.36 -15.63 9.54
N ALA G 98 12.24 -15.22 10.45
CA ALA G 98 12.02 -14.09 11.37
C ALA G 98 10.87 -14.30 12.35
N GLY G 99 10.41 -15.54 12.48
CA GLY G 99 9.28 -15.84 13.34
C GLY G 99 7.97 -15.31 12.79
N LYS G 100 8.01 -14.75 11.59
CA LYS G 100 6.84 -14.11 10.98
C LYS G 100 5.93 -15.12 10.28
N SER G 101 4.64 -14.84 10.28
CA SER G 101 3.71 -15.67 9.50
C SER G 101 2.63 -14.79 8.83
N THR G 102 2.18 -15.20 7.64
CA THR G 102 1.16 -14.46 6.88
C THR G 102 -0.21 -15.09 7.07
N PHE G 103 -1.23 -14.26 7.31
CA PHE G 103 -2.57 -14.76 7.60
C PHE G 103 -3.53 -14.58 6.44
N GLY G 104 -4.30 -15.61 6.12
CA GLY G 104 -5.42 -15.46 5.20
C GLY G 104 -6.45 -14.58 5.90
N ASP G 105 -7.42 -14.02 5.18
CA ASP G 105 -8.37 -13.12 5.85
C ASP G 105 -9.48 -13.88 6.60
N GLY G 106 -9.34 -15.20 6.75
CA GLY G 106 -10.29 -15.99 7.52
C GLY G 106 -11.56 -16.38 6.77
N THR G 107 -12.20 -17.46 7.25
CA THR G 107 -13.51 -17.90 6.79
C THR G 107 -14.44 -18.07 7.99
N THR G 108 -15.62 -17.45 8.00
CA THR G 108 -16.49 -17.67 9.16
C THR G 108 -17.51 -18.78 8.92
N LEU G 109 -17.52 -19.77 9.82
CA LEU G 109 -18.34 -20.97 9.71
C LEU G 109 -19.41 -21.00 10.76
N THR G 110 -20.66 -21.15 10.32
CA THR G 110 -21.79 -21.35 11.20
C THR G 110 -22.32 -22.77 11.05
N VAL G 111 -22.36 -23.52 12.14
CA VAL G 111 -22.95 -24.86 12.09
C VAL G 111 -24.34 -24.88 12.75
N LYS G 112 -25.36 -24.93 11.89
CA LYS G 112 -26.76 -25.01 12.29
C LYS G 112 -27.08 -26.28 13.08
N PRO G 113 -27.68 -26.13 14.26
CA PRO G 113 -27.96 -27.33 15.07
C PRO G 113 -29.27 -27.97 14.65
N ASN G 114 -29.38 -29.29 14.77
CA ASN G 114 -30.61 -29.97 14.34
C ASN G 114 -31.72 -29.83 15.38
N ILE G 115 -32.81 -29.17 15.02
CA ILE G 115 -33.92 -29.04 15.96
C ILE G 115 -34.82 -30.27 15.94
N GLN G 116 -34.75 -31.06 17.02
CA GLN G 116 -35.45 -32.33 17.11
C GLN G 116 -36.97 -32.18 17.02
N ASN G 117 -37.53 -31.25 17.79
CA ASN G 117 -38.97 -31.01 17.75
C ASN G 117 -39.30 -29.53 17.66
N PRO G 118 -39.43 -29.01 16.43
CA PRO G 118 -39.71 -27.60 16.19
C PRO G 118 -41.13 -27.18 16.59
N ASP G 119 -41.26 -25.91 16.97
CA ASP G 119 -42.57 -25.37 17.36
C ASP G 119 -42.58 -23.86 17.19
N PRO G 120 -42.50 -23.40 15.92
CA PRO G 120 -42.38 -21.97 15.60
C PRO G 120 -43.57 -21.17 16.14
N ALA G 121 -43.26 -20.01 16.72
CA ALA G 121 -44.29 -19.12 17.26
C ALA G 121 -43.75 -17.71 17.38
N VAL G 122 -44.64 -16.74 17.46
CA VAL G 122 -44.24 -15.36 17.72
C VAL G 122 -44.95 -14.83 18.96
N TYR G 123 -44.18 -14.51 19.99
CA TYR G 123 -44.76 -14.05 21.24
C TYR G 123 -44.52 -12.55 21.46
N GLN G 124 -45.41 -11.90 22.22
CA GLN G 124 -45.19 -10.52 22.64
C GLN G 124 -44.68 -10.49 24.05
N LEU G 125 -43.68 -9.65 24.32
CA LEU G 125 -43.15 -9.55 25.67
C LEU G 125 -43.19 -8.10 26.14
N ARG G 126 -43.61 -7.92 27.38
CA ARG G 126 -43.83 -6.59 27.92
C ARG G 126 -42.74 -6.19 28.90
N ASP G 127 -42.41 -4.90 28.91
CA ASP G 127 -41.35 -4.39 29.76
C ASP G 127 -41.71 -4.56 31.23
N SER G 128 -40.79 -5.17 31.98
CA SER G 128 -40.94 -5.40 33.40
C SER G 128 -41.14 -4.12 34.25
N LYS G 129 -40.94 -2.97 33.62
CA LYS G 129 -41.04 -1.68 34.28
C LYS G 129 -42.28 -0.91 33.80
N SER G 130 -42.12 -0.26 32.66
CA SER G 130 -43.23 0.42 32.01
C SER G 130 -43.89 -0.54 31.03
N SER G 131 -45.07 -1.04 31.41
CA SER G 131 -45.78 -2.07 30.65
C SER G 131 -46.08 -1.67 29.19
N ASP G 132 -45.57 -0.52 28.77
CA ASP G 132 -45.86 0.02 27.44
C ASP G 132 -44.85 -0.44 26.40
N LYS G 133 -43.56 -0.38 26.74
CA LYS G 133 -42.52 -0.87 25.85
C LYS G 133 -42.79 -2.35 25.51
N SER G 134 -42.50 -2.74 24.27
CA SER G 134 -42.87 -4.07 23.79
C SER G 134 -41.91 -4.68 22.78
N VAL G 135 -41.65 -5.97 22.97
CA VAL G 135 -40.68 -6.72 22.18
C VAL G 135 -41.32 -7.97 21.58
N CYS G 136 -40.94 -8.32 20.34
CA CYS G 136 -41.48 -9.54 19.70
C CYS G 136 -40.44 -10.63 19.63
N LEU G 137 -40.82 -11.80 20.10
CA LEU G 137 -39.94 -12.96 20.10
C LEU G 137 -40.44 -14.04 19.16
N PHE G 138 -39.62 -14.31 18.15
CA PHE G 138 -39.81 -15.42 17.22
C PHE G 138 -38.89 -16.51 17.69
N THR G 139 -39.44 -17.66 18.08
CA THR G 139 -38.60 -18.68 18.69
C THR G 139 -39.06 -20.07 18.30
N ASP G 140 -38.20 -21.05 18.56
CA ASP G 140 -38.50 -22.49 18.38
C ASP G 140 -38.75 -22.90 16.93
N PHE G 141 -38.11 -22.21 15.99
CA PHE G 141 -38.18 -22.60 14.59
C PHE G 141 -37.00 -23.51 14.20
N ASP G 142 -37.13 -24.14 13.04
CA ASP G 142 -36.17 -25.08 12.51
C ASP G 142 -34.95 -24.37 11.99
N SER G 143 -33.85 -25.11 11.82
CA SER G 143 -32.59 -24.50 11.39
C SER G 143 -32.61 -24.15 9.90
N GLN G 144 -33.45 -24.84 9.12
CA GLN G 144 -33.61 -24.51 7.71
C GLN G 144 -34.40 -23.21 7.49
N THR G 145 -35.00 -22.68 8.56
CA THR G 145 -35.74 -21.42 8.52
C THR G 145 -34.80 -20.23 8.60
N ASN G 146 -35.04 -19.23 7.75
CA ASN G 146 -34.19 -18.05 7.68
C ASN G 146 -34.90 -16.76 8.08
N VAL G 147 -34.26 -15.97 8.93
CA VAL G 147 -34.79 -14.68 9.35
C VAL G 147 -34.25 -13.63 8.40
N SER G 148 -35.11 -12.72 7.98
CA SER G 148 -34.72 -11.68 7.03
C SER G 148 -34.69 -10.33 7.74
N GLN G 149 -33.81 -9.45 7.28
CA GLN G 149 -33.73 -8.10 7.83
C GLN G 149 -35.02 -7.35 7.54
N SER G 150 -35.33 -6.34 8.35
CA SER G 150 -36.53 -5.58 8.08
C SER G 150 -36.27 -4.56 6.97
N LYS G 151 -37.20 -4.46 6.02
CA LYS G 151 -37.14 -3.40 5.02
C LYS G 151 -37.66 -2.10 5.62
N ASP G 152 -38.30 -2.18 6.79
CA ASP G 152 -38.62 -0.99 7.54
C ASP G 152 -37.41 -0.68 8.43
N SER G 153 -36.82 0.50 8.25
CA SER G 153 -35.60 0.84 8.98
C SER G 153 -35.91 1.32 10.39
N ASP G 154 -37.19 1.53 10.67
CA ASP G 154 -37.65 1.88 12.02
C ASP G 154 -38.08 0.64 12.80
N VAL G 155 -37.95 -0.53 12.19
CA VAL G 155 -38.20 -1.78 12.87
C VAL G 155 -36.92 -2.58 12.85
N TYR G 156 -36.46 -3.00 14.01
CA TYR G 156 -35.17 -3.69 14.08
C TYR G 156 -35.40 -5.17 14.29
N ILE G 157 -34.62 -5.99 13.59
CA ILE G 157 -34.72 -7.42 13.76
C ILE G 157 -33.32 -8.03 13.82
N THR G 158 -33.09 -8.85 14.82
CA THR G 158 -31.78 -9.44 15.05
C THR G 158 -31.63 -10.75 14.28
N ASP G 159 -30.40 -11.23 14.13
CA ASP G 159 -30.13 -12.52 13.49
C ASP G 159 -30.65 -13.62 14.38
N LYS G 160 -30.70 -14.85 13.86
CA LYS G 160 -31.10 -15.94 14.72
C LYS G 160 -29.92 -16.26 15.63
N CYS G 161 -30.18 -16.88 16.78
CA CYS G 161 -29.15 -17.15 17.77
C CYS G 161 -29.55 -18.45 18.45
N VAL G 162 -28.59 -19.30 18.79
CA VAL G 162 -28.94 -20.59 19.36
C VAL G 162 -28.64 -20.62 20.87
N LEU G 163 -29.66 -20.90 21.67
CA LEU G 163 -29.41 -21.09 23.10
C LEU G 163 -29.53 -22.56 23.48
N ASP G 164 -28.84 -22.93 24.54
CA ASP G 164 -28.71 -24.31 24.94
C ASP G 164 -29.06 -24.46 26.40
N MET G 165 -30.25 -24.95 26.69
CA MET G 165 -30.61 -25.30 28.04
C MET G 165 -29.96 -26.65 28.35
N ARG G 166 -28.68 -26.60 28.72
CA ARG G 166 -27.82 -27.77 28.89
C ARG G 166 -28.46 -28.86 29.76
N SER G 167 -29.11 -28.44 30.84
CA SER G 167 -29.70 -29.39 31.78
C SER G 167 -30.82 -30.24 31.17
N MET G 168 -31.52 -29.67 30.19
CA MET G 168 -32.69 -30.33 29.62
C MET G 168 -32.42 -30.93 28.25
N ASP G 169 -31.15 -30.95 27.83
CA ASP G 169 -30.78 -31.46 26.52
C ASP G 169 -31.65 -30.80 25.45
N PHE G 170 -31.62 -29.46 25.42
CA PHE G 170 -32.57 -28.70 24.61
C PHE G 170 -31.94 -27.49 23.92
N LYS G 171 -32.08 -27.43 22.61
CA LYS G 171 -31.65 -26.24 21.87
C LYS G 171 -32.84 -25.53 21.24
N SER G 172 -32.64 -24.26 20.92
CA SER G 172 -33.70 -23.42 20.37
C SER G 172 -33.08 -22.24 19.64
N ASN G 173 -33.61 -21.99 18.45
CA ASN G 173 -33.35 -20.81 17.65
C ASN G 173 -34.31 -19.69 18.05
N SER G 174 -33.91 -18.44 17.85
CA SER G 174 -34.79 -17.32 18.16
C SER G 174 -34.32 -16.05 17.49
N ALA G 175 -35.25 -15.13 17.28
CA ALA G 175 -34.89 -13.81 16.77
C ALA G 175 -35.74 -12.73 17.44
N VAL G 176 -35.21 -11.53 17.59
CA VAL G 176 -35.98 -10.51 18.27
C VAL G 176 -36.31 -9.35 17.32
N ALA G 177 -37.53 -8.84 17.42
CA ALA G 177 -37.94 -7.69 16.66
C ALA G 177 -38.57 -6.66 17.56
N TRP G 178 -38.23 -5.40 17.34
CA TRP G 178 -38.75 -4.36 18.19
C TRP G 178 -38.80 -3.04 17.44
N SER G 179 -39.66 -2.15 17.95
CA SER G 179 -39.74 -0.76 17.51
C SER G 179 -40.52 0.05 18.54
N ASN G 180 -40.23 1.35 18.57
CA ASN G 180 -41.00 2.27 19.41
C ASN G 180 -41.89 3.12 18.51
N LYS G 181 -42.06 2.64 17.28
CA LYS G 181 -43.14 3.09 16.42
C LYS G 181 -44.43 2.47 16.99
N SER G 182 -45.53 3.22 16.97
CA SER G 182 -46.78 2.78 17.63
C SER G 182 -47.56 1.72 16.85
N ASP G 183 -47.56 1.82 15.52
CA ASP G 183 -48.33 0.91 14.69
C ASP G 183 -47.81 -0.52 14.75
N PHE G 184 -46.57 -0.67 15.21
CA PHE G 184 -45.87 -1.95 15.24
C PHE G 184 -46.57 -2.99 16.11
N ALA G 185 -46.74 -4.18 15.55
CA ALA G 185 -47.39 -5.30 16.23
C ALA G 185 -46.76 -6.61 15.75
N CYS G 186 -46.83 -7.62 16.62
CA CYS G 186 -46.01 -8.83 16.44
C CYS G 186 -46.38 -9.63 15.21
N ALA G 187 -47.67 -9.59 14.85
CA ALA G 187 -48.15 -10.31 13.69
C ALA G 187 -47.37 -9.92 12.43
N ASN G 188 -47.10 -8.63 12.27
CA ASN G 188 -46.47 -8.11 11.05
C ASN G 188 -44.97 -7.87 11.20
N ALA G 189 -44.43 -8.28 12.34
CA ALA G 189 -43.02 -8.04 12.68
C ALA G 189 -42.06 -8.75 11.72
N PHE G 190 -42.35 -10.02 11.43
CA PHE G 190 -41.47 -10.84 10.59
C PHE G 190 -42.08 -11.14 9.22
N ASN G 191 -42.87 -10.19 8.70
CA ASN G 191 -43.53 -10.34 7.40
C ASN G 191 -42.57 -10.37 6.22
N ASN G 192 -41.38 -9.82 6.41
CA ASN G 192 -40.38 -9.85 5.36
C ASN G 192 -39.58 -11.14 5.42
N SER G 193 -39.93 -12.00 6.38
CA SER G 193 -39.29 -13.29 6.52
C SER G 193 -40.19 -14.40 6.01
N ILE G 194 -39.62 -15.38 5.34
CA ILE G 194 -40.41 -16.54 4.97
C ILE G 194 -40.48 -17.44 6.20
N ILE G 195 -41.52 -17.18 7.00
CA ILE G 195 -41.82 -17.94 8.20
C ILE G 195 -42.79 -19.09 7.87
N PRO G 196 -42.72 -20.19 8.65
CA PRO G 196 -43.59 -21.37 8.48
C PRO G 196 -45.09 -21.03 8.48
N GLU G 197 -45.90 -21.89 7.84
CA GLU G 197 -47.35 -21.66 7.81
C GLU G 197 -47.97 -21.93 9.17
N ASP G 198 -47.39 -22.89 9.87
CA ASP G 198 -47.90 -23.35 11.16
C ASP G 198 -47.30 -22.61 12.35
N THR G 199 -46.80 -21.41 12.10
CA THR G 199 -46.24 -20.59 13.17
C THR G 199 -47.37 -20.10 14.09
N PHE G 200 -47.19 -20.31 15.39
CA PHE G 200 -48.23 -20.05 16.37
C PHE G 200 -48.28 -18.55 16.68
N PHE G 201 -49.44 -17.93 16.42
CA PHE G 201 -49.65 -16.50 16.70
C PHE G 201 -50.75 -16.27 17.73
N PRO G 202 -50.38 -16.02 18.99
CA PRO G 202 -51.34 -15.83 20.09
C PRO G 202 -52.02 -14.47 20.11
N GLY H 3 -1.18 -16.74 30.87
CA GLY H 3 -0.54 -16.75 29.56
C GLY H 3 -0.13 -15.39 29.00
N VAL H 4 -0.89 -14.92 28.01
CA VAL H 4 -0.67 -13.64 27.36
C VAL H 4 -1.79 -12.67 27.73
N THR H 5 -1.44 -11.52 28.30
CA THR H 5 -2.46 -10.58 28.73
C THR H 5 -2.26 -9.20 28.11
N GLN H 6 -3.36 -8.50 27.85
CA GLN H 6 -3.37 -7.18 27.23
C GLN H 6 -4.12 -6.22 28.13
N THR H 7 -3.66 -4.98 28.15
CA THR H 7 -4.26 -3.94 28.97
C THR H 7 -4.13 -2.67 28.16
N PRO H 8 -5.21 -1.90 28.05
CA PRO H 8 -6.58 -2.14 28.49
C PRO H 8 -7.30 -3.10 27.54
N LYS H 9 -8.56 -3.43 27.85
CA LYS H 9 -9.34 -4.27 26.95
C LYS H 9 -10.20 -3.42 26.03
N PHE H 10 -10.61 -2.24 26.47
CA PHE H 10 -11.35 -1.30 25.63
C PHE H 10 -10.76 0.09 25.73
N ARG H 11 -10.89 0.89 24.68
CA ARG H 11 -10.59 2.32 24.80
C ARG H 11 -11.21 3.20 23.71
N VAL H 12 -11.68 4.38 24.10
CA VAL H 12 -12.17 5.43 23.19
C VAL H 12 -11.17 6.57 23.06
N LEU H 13 -10.90 7.06 21.84
CA LEU H 13 -9.94 8.16 21.65
C LEU H 13 -10.46 9.28 20.79
N LYS H 14 -10.26 10.53 21.23
CA LYS H 14 -10.58 11.64 20.35
C LYS H 14 -9.47 11.64 19.31
N THR H 15 -9.82 12.04 18.09
CA THR H 15 -8.83 12.14 17.03
C THR H 15 -7.66 12.96 17.52
N GLY H 16 -6.46 12.44 17.32
CA GLY H 16 -5.28 13.20 17.65
C GLY H 16 -4.67 12.79 18.98
N GLN H 17 -5.45 12.15 19.85
CA GLN H 17 -4.96 11.73 21.16
C GLN H 17 -4.00 10.57 21.04
N SER H 18 -3.26 10.32 22.11
CA SER H 18 -2.29 9.25 22.14
C SER H 18 -2.67 8.16 23.14
N MET H 19 -2.03 7.00 23.01
CA MET H 19 -2.34 5.91 23.89
C MET H 19 -1.23 4.86 23.83
N THR H 20 -1.00 4.20 24.96
CA THR H 20 -0.10 3.06 24.99
C THR H 20 -0.85 1.79 25.40
N LEU H 21 -0.60 0.69 24.69
CA LEU H 21 -1.20 -0.60 24.99
C LEU H 21 -0.07 -1.41 25.57
N LEU H 22 -0.36 -2.29 26.50
CA LEU H 22 0.71 -3.03 27.14
C LEU H 22 0.39 -4.51 27.08
N CYS H 23 1.31 -5.28 26.51
CA CYS H 23 1.23 -6.73 26.51
C CYS H 23 2.27 -7.39 27.37
N ALA H 24 1.84 -8.32 28.21
CA ALA H 24 2.77 -9.03 29.04
C ALA H 24 2.52 -10.55 28.94
N GLN H 25 3.62 -11.32 29.04
CA GLN H 25 3.53 -12.77 29.08
C GLN H 25 4.59 -13.33 30.01
N ASP H 26 4.19 -14.28 30.86
CA ASP H 26 5.06 -14.87 31.87
C ASP H 26 5.53 -16.25 31.41
N MET H 27 5.58 -16.42 30.10
CA MET H 27 5.84 -17.72 29.51
C MET H 27 7.26 -17.85 29.01
N ASN H 28 8.05 -16.81 29.24
CA ASN H 28 9.45 -16.78 28.89
C ASN H 28 9.71 -16.79 27.39
N HIS H 29 8.80 -16.18 26.63
CA HIS H 29 8.90 -16.19 25.17
C HIS H 29 9.85 -15.13 24.64
N GLU H 30 10.65 -15.49 23.64
CA GLU H 30 11.56 -14.55 23.01
C GLU H 30 10.79 -13.65 22.04
N TYR H 31 9.98 -14.23 21.16
CA TYR H 31 9.21 -13.50 20.13
C TYR H 31 7.92 -12.87 20.67
N MET H 32 7.65 -11.60 20.33
CA MET H 32 6.34 -10.96 20.61
C MET H 32 5.86 -10.12 19.42
N TYR H 33 4.54 -9.98 19.30
CA TYR H 33 3.91 -9.41 18.12
C TYR H 33 2.73 -8.49 18.46
N TRP H 34 2.55 -7.42 17.68
CA TRP H 34 1.30 -6.66 17.75
C TRP H 34 0.60 -6.72 16.40
N TYR H 35 -0.63 -7.26 16.41
CA TYR H 35 -1.48 -7.31 15.22
C TYR H 35 -2.69 -6.40 15.36
N ARG H 36 -3.22 -5.96 14.23
CA ARG H 36 -4.56 -5.37 14.23
C ARG H 36 -5.41 -6.25 13.37
N GLN H 37 -6.70 -6.31 13.67
CA GLN H 37 -7.68 -7.08 12.93
C GLN H 37 -8.92 -6.27 12.70
N ASP H 38 -9.26 -6.03 11.45
CA ASP H 38 -10.46 -5.29 11.09
C ASP H 38 -11.48 -6.34 10.71
N PRO H 39 -12.76 -6.11 11.07
CA PRO H 39 -13.84 -7.08 10.92
C PRO H 39 -13.94 -7.67 9.53
N GLY H 40 -14.10 -8.99 9.49
CA GLY H 40 -14.11 -9.74 8.25
C GLY H 40 -12.72 -10.20 7.82
N MET H 41 -11.72 -9.32 8.01
CA MET H 41 -10.33 -9.59 7.65
C MET H 41 -9.60 -10.44 8.69
N GLY H 42 -8.33 -10.72 8.37
CA GLY H 42 -7.48 -11.46 9.28
C GLY H 42 -6.59 -10.53 10.09
N LEU H 43 -5.47 -11.09 10.54
CA LEU H 43 -4.46 -10.33 11.26
C LEU H 43 -3.40 -9.72 10.35
N ARG H 44 -3.18 -8.42 10.48
CA ARG H 44 -2.01 -7.77 9.89
C ARG H 44 -1.03 -7.38 11.03
N LEU H 45 0.24 -7.73 10.85
CA LEU H 45 1.30 -7.43 11.80
C LEU H 45 1.70 -5.96 11.74
N ILE H 46 1.69 -5.29 12.89
CA ILE H 46 2.12 -3.90 12.99
C ILE H 46 3.62 -3.80 13.26
N HIS H 47 4.03 -4.36 14.39
CA HIS H 47 5.45 -4.41 14.78
C HIS H 47 5.71 -5.75 15.48
N TYR H 48 6.97 -6.14 15.58
CA TYR H 48 7.28 -7.32 16.38
C TYR H 48 8.69 -7.20 16.97
N SER H 49 9.01 -8.08 17.92
CA SER H 49 10.31 -8.06 18.58
C SER H 49 10.89 -9.45 18.79
N VAL H 50 12.14 -9.64 18.42
CA VAL H 50 12.77 -10.97 18.51
C VAL H 50 13.47 -11.17 19.86
N GLY H 51 13.34 -10.20 20.75
CA GLY H 51 14.03 -10.29 22.03
C GLY H 51 14.05 -8.95 22.74
N GLU H 52 14.61 -8.95 23.93
CA GLU H 52 14.64 -7.74 24.74
C GLU H 52 15.41 -6.61 24.04
N GLY H 53 14.80 -5.44 23.98
CA GLY H 53 15.52 -4.28 23.48
C GLY H 53 15.59 -4.08 21.97
N THR H 54 15.17 -5.07 21.21
CA THR H 54 15.12 -4.87 19.77
C THR H 54 13.67 -4.99 19.29
N THR H 55 13.32 -4.23 18.25
CA THR H 55 12.00 -4.30 17.63
C THR H 55 12.10 -4.11 16.11
N ALA H 56 11.07 -4.50 15.38
CA ALA H 56 11.08 -4.41 13.92
C ALA H 56 9.70 -4.12 13.33
N LYS H 57 9.69 -3.62 12.10
CA LYS H 57 8.42 -3.26 11.46
C LYS H 57 7.70 -4.46 10.80
N GLY H 58 6.39 -4.46 10.89
CA GLY H 58 5.61 -5.50 10.27
C GLY H 58 5.10 -5.03 8.94
N GLU H 59 3.88 -5.46 8.59
CA GLU H 59 3.31 -5.13 7.30
C GLU H 59 2.66 -3.75 7.31
N VAL H 60 2.11 -3.35 8.46
CA VAL H 60 1.37 -2.10 8.51
C VAL H 60 1.81 -1.24 9.70
N PRO H 61 3.09 -0.82 9.73
CA PRO H 61 3.72 -0.20 10.90
C PRO H 61 3.40 1.28 11.09
N ASP H 62 2.99 1.96 10.03
CA ASP H 62 2.79 3.40 10.07
C ASP H 62 1.76 3.87 11.10
N GLY H 63 2.15 4.88 11.88
CA GLY H 63 1.30 5.49 12.88
C GLY H 63 1.44 4.85 14.25
N TYR H 64 2.20 3.77 14.30
CA TYR H 64 2.40 3.05 15.55
C TYR H 64 3.89 3.02 15.88
N ASN H 65 4.19 2.84 17.17
CA ASN H 65 5.56 2.56 17.59
C ASN H 65 5.53 1.48 18.69
N VAL H 66 6.67 0.84 18.93
CA VAL H 66 6.72 -0.19 19.97
C VAL H 66 7.95 -0.09 20.82
N SER H 67 7.91 -0.79 21.93
CA SER H 67 8.94 -0.73 22.93
C SER H 67 9.00 -2.11 23.57
N ARG H 68 10.13 -2.80 23.48
CA ARG H 68 10.27 -4.07 24.15
C ARG H 68 11.10 -3.89 25.41
N LEU H 69 10.44 -3.49 26.49
CA LEU H 69 11.14 -3.05 27.68
C LEU H 69 11.82 -4.17 28.48
N LYS H 70 11.06 -5.17 28.88
CA LYS H 70 11.66 -6.37 29.45
C LYS H 70 11.46 -7.51 28.45
N LYS H 71 11.78 -8.73 28.86
CA LYS H 71 11.38 -9.87 28.07
C LYS H 71 9.86 -10.00 28.12
N GLN H 72 9.29 -9.73 29.30
CA GLN H 72 7.85 -9.93 29.52
C GLN H 72 6.95 -8.94 28.81
N ASN H 73 7.38 -7.70 28.64
CA ASN H 73 6.48 -6.65 28.18
C ASN H 73 6.78 -6.17 26.79
N PHE H 74 5.72 -5.93 26.03
CA PHE H 74 5.81 -5.35 24.71
C PHE H 74 4.74 -4.27 24.55
N LEU H 75 5.17 -3.00 24.53
CA LEU H 75 4.24 -1.87 24.50
C LEU H 75 3.94 -1.39 23.08
N LEU H 76 2.68 -1.06 22.82
CA LEU H 76 2.29 -0.48 21.53
C LEU H 76 1.77 0.91 21.71
N GLY H 77 2.23 1.82 20.86
CA GLY H 77 1.87 3.21 21.07
C GLY H 77 1.28 3.89 19.87
N LEU H 78 0.16 4.56 20.09
CA LEU H 78 -0.45 5.35 19.03
C LEU H 78 0.02 6.77 19.16
N GLU H 79 0.72 7.22 18.13
CA GLU H 79 1.38 8.50 18.14
C GLU H 79 0.33 9.62 18.10
N SER H 80 -0.62 9.48 17.18
CA SER H 80 -1.73 10.42 17.02
C SER H 80 -2.95 9.74 16.43
N ALA H 81 -3.94 9.45 17.28
CA ALA H 81 -5.10 8.69 16.88
C ALA H 81 -5.77 9.23 15.62
N ALA H 82 -6.13 8.33 14.73
CA ALA H 82 -6.91 8.67 13.54
C ALA H 82 -8.05 7.66 13.43
N PRO H 83 -9.17 8.07 12.81
CA PRO H 83 -10.34 7.20 12.68
C PRO H 83 -9.96 5.85 12.10
N SER H 84 -8.99 5.85 11.18
CA SER H 84 -8.54 4.63 10.52
C SER H 84 -7.99 3.59 11.48
N GLN H 85 -7.55 4.04 12.66
CA GLN H 85 -6.95 3.14 13.65
C GLN H 85 -7.99 2.43 14.53
N THR H 86 -9.26 2.76 14.33
CA THR H 86 -10.36 2.04 14.97
C THR H 86 -10.26 0.58 14.53
N SER H 87 -9.99 -0.32 15.46
CA SER H 87 -9.76 -1.72 15.11
C SER H 87 -9.68 -2.57 16.37
N VAL H 88 -9.38 -3.86 16.20
CA VAL H 88 -9.09 -4.68 17.37
C VAL H 88 -7.64 -5.09 17.32
N TYR H 89 -6.94 -4.97 18.45
CA TYR H 89 -5.50 -5.16 18.47
C TYR H 89 -5.17 -6.42 19.25
N PHE H 90 -4.30 -7.26 18.68
CA PHE H 90 -3.91 -8.51 19.34
C PHE H 90 -2.41 -8.62 19.50
N CYS H 91 -2.05 -8.92 20.73
CA CYS H 91 -0.68 -9.18 21.13
C CYS H 91 -0.47 -10.68 21.05
N ALA H 92 0.72 -11.09 20.65
CA ALA H 92 1.01 -12.51 20.56
C ALA H 92 2.46 -12.75 20.90
N SER H 93 2.74 -13.92 21.46
CA SER H 93 4.10 -14.29 21.73
C SER H 93 4.32 -15.75 21.42
N ARG H 94 5.59 -16.13 21.26
CA ARG H 94 5.94 -17.51 21.03
C ARG H 94 7.44 -17.70 21.24
N TYR H 95 7.85 -18.89 21.66
CA TYR H 95 9.27 -19.21 21.79
C TYR H 95 10.06 -18.91 20.51
N PHE H 96 11.39 -18.77 20.62
CA PHE H 96 12.20 -18.57 19.42
C PHE H 96 12.26 -19.82 18.59
N LEU H 97 12.61 -20.90 19.27
CA LEU H 97 12.75 -22.21 18.67
C LEU H 97 11.87 -23.18 19.46
N PRO H 98 10.55 -23.16 19.22
CA PRO H 98 9.62 -24.00 19.99
C PRO H 98 9.91 -25.45 19.71
N THR H 99 9.55 -26.35 20.61
CA THR H 99 9.90 -27.75 20.42
C THR H 99 8.70 -28.59 20.10
N GLN H 100 7.52 -28.12 20.47
CA GLN H 100 6.28 -28.84 20.20
C GLN H 100 5.54 -28.20 19.04
N GLY H 101 6.27 -27.76 18.02
CA GLY H 101 5.64 -27.22 16.83
C GLY H 101 5.46 -25.71 16.81
N MET H 102 5.17 -25.19 15.63
CA MET H 102 5.01 -23.74 15.47
C MET H 102 3.59 -23.34 15.85
N GLY H 103 3.28 -22.06 15.71
CA GLY H 103 2.05 -21.50 16.24
C GLY H 103 2.37 -20.52 17.37
N ALA H 104 1.57 -19.47 17.50
CA ALA H 104 1.78 -18.44 18.50
C ALA H 104 0.59 -18.38 19.47
N PHE H 105 0.84 -17.89 20.69
CA PHE H 105 -0.24 -17.65 21.67
C PHE H 105 -0.80 -16.25 21.55
N PHE H 106 -2.12 -16.10 21.66
CA PHE H 106 -2.74 -14.78 21.47
C PHE H 106 -3.46 -14.19 22.70
N GLY H 107 -3.44 -12.88 22.81
CA GLY H 107 -4.20 -12.21 23.84
C GLY H 107 -5.66 -12.22 23.43
N GLN H 108 -6.52 -11.74 24.31
CA GLN H 108 -7.94 -11.74 24.03
C GLN H 108 -8.37 -10.46 23.32
N GLY H 109 -7.44 -9.55 23.11
CA GLY H 109 -7.69 -8.42 22.24
C GLY H 109 -8.07 -7.11 22.89
N THR H 110 -7.73 -6.04 22.18
CA THR H 110 -8.08 -4.71 22.64
C THR H 110 -8.87 -3.98 21.59
N ARG H 111 -10.11 -3.68 21.96
CA ARG H 111 -11.06 -3.00 21.11
C ARG H 111 -10.86 -1.49 21.29
N LEU H 112 -10.42 -0.84 20.23
CA LEU H 112 -10.16 0.59 20.27
C LEU H 112 -10.97 1.31 19.21
N THR H 113 -11.66 2.38 19.62
CA THR H 113 -12.45 3.18 18.70
C THR H 113 -12.00 4.64 18.70
N VAL H 114 -11.67 5.19 17.54
CA VAL H 114 -11.31 6.60 17.45
C VAL H 114 -12.46 7.48 16.92
N VAL H 115 -12.85 8.49 17.68
CA VAL H 115 -13.94 9.38 17.28
C VAL H 115 -13.49 10.84 17.14
N GLU H 116 -14.20 11.59 16.31
CA GLU H 116 -13.87 13.00 16.09
C GLU H 116 -14.33 13.87 17.25
N ASP H 117 -15.35 13.41 17.96
CA ASP H 117 -15.95 14.17 19.05
C ASP H 117 -16.29 13.24 20.19
N LEU H 118 -15.95 13.64 21.41
CA LEU H 118 -16.27 12.84 22.57
C LEU H 118 -17.75 12.94 22.91
N ASN H 119 -18.47 13.87 22.28
CA ASN H 119 -19.90 14.02 22.57
C ASN H 119 -20.73 12.90 21.94
N LYS H 120 -20.06 12.06 21.14
CA LYS H 120 -20.73 10.96 20.46
C LYS H 120 -20.84 9.71 21.31
N VAL H 121 -20.34 9.77 22.53
CA VAL H 121 -20.35 8.61 23.41
C VAL H 121 -21.58 8.56 24.30
N PHE H 122 -22.24 7.41 24.31
CA PHE H 122 -23.45 7.19 25.10
C PHE H 122 -23.42 5.85 25.80
N PRO H 123 -23.91 5.79 27.04
CA PRO H 123 -24.09 4.53 27.76
C PRO H 123 -25.36 3.83 27.30
N PRO H 124 -25.45 2.52 27.56
CA PRO H 124 -26.66 1.85 27.13
C PRO H 124 -27.82 2.16 28.06
N GLU H 125 -29.02 1.97 27.52
CA GLU H 125 -30.24 1.91 28.31
C GLU H 125 -30.64 0.45 28.35
N VAL H 126 -31.02 -0.05 29.51
CA VAL H 126 -31.31 -1.48 29.60
C VAL H 126 -32.73 -1.75 30.08
N ALA H 127 -33.41 -2.66 29.39
CA ALA H 127 -34.75 -3.07 29.76
C ALA H 127 -34.87 -4.58 29.66
N VAL H 128 -35.57 -5.18 30.62
CA VAL H 128 -35.79 -6.62 30.61
C VAL H 128 -37.25 -6.85 30.28
N PHE H 129 -37.52 -7.82 29.41
CA PHE H 129 -38.89 -8.07 29.02
C PHE H 129 -39.33 -9.42 29.51
N GLU H 130 -40.51 -9.48 30.13
CA GLU H 130 -41.00 -10.68 30.80
C GLU H 130 -41.63 -11.67 29.82
N PRO H 131 -41.50 -12.98 30.13
CA PRO H 131 -42.03 -14.07 29.32
C PRO H 131 -43.46 -13.84 28.92
N SER H 132 -43.82 -14.25 27.70
CA SER H 132 -45.20 -14.22 27.25
C SER H 132 -46.04 -15.29 27.98
N GLU H 133 -47.25 -14.94 28.38
CA GLU H 133 -48.14 -15.94 28.96
C GLU H 133 -48.38 -17.06 27.96
N ALA H 134 -48.47 -16.68 26.68
CA ALA H 134 -48.66 -17.64 25.60
C ALA H 134 -47.55 -18.67 25.54
N GLU H 135 -46.29 -18.21 25.55
CA GLU H 135 -45.15 -19.10 25.47
C GLU H 135 -45.18 -20.14 26.59
N ILE H 136 -45.34 -19.65 27.80
CA ILE H 136 -45.39 -20.48 28.99
C ILE H 136 -46.45 -21.56 28.87
N SER H 137 -47.66 -21.16 28.50
CA SER H 137 -48.77 -22.10 28.39
C SER H 137 -48.60 -23.09 27.24
N HIS H 138 -47.82 -22.72 26.24
CA HIS H 138 -47.67 -23.55 25.05
C HIS H 138 -46.44 -24.44 25.10
N THR H 139 -45.35 -23.93 25.65
CA THR H 139 -44.09 -24.67 25.58
C THR H 139 -43.62 -25.15 26.95
N GLN H 140 -44.30 -24.69 27.99
CA GLN H 140 -43.87 -24.97 29.36
C GLN H 140 -42.45 -24.46 29.61
N LYS H 141 -42.06 -23.45 28.86
CA LYS H 141 -40.78 -22.76 29.04
C LYS H 141 -41.05 -21.25 29.06
N ALA H 142 -40.09 -20.47 29.54
CA ALA H 142 -40.27 -19.03 29.69
C ALA H 142 -39.04 -18.27 29.26
N THR H 143 -39.14 -17.50 28.18
CA THR H 143 -38.00 -16.72 27.69
C THR H 143 -37.98 -15.26 28.17
N LEU H 144 -36.87 -14.86 28.77
CA LEU H 144 -36.65 -13.45 29.05
C LEU H 144 -35.80 -12.84 27.93
N VAL H 145 -36.05 -11.59 27.60
CA VAL H 145 -35.24 -10.86 26.63
C VAL H 145 -34.67 -9.58 27.21
N CYS H 146 -33.38 -9.36 27.00
CA CYS H 146 -32.74 -8.12 27.38
C CYS H 146 -32.46 -7.24 26.18
N LEU H 147 -32.55 -5.94 26.38
CA LEU H 147 -32.36 -5.00 25.29
C LEU H 147 -31.50 -3.82 25.71
N ALA H 148 -30.26 -3.79 25.23
CA ALA H 148 -29.39 -2.65 25.49
C ALA H 148 -29.43 -1.72 24.28
N THR H 149 -29.76 -0.44 24.50
CA THR H 149 -30.00 0.45 23.38
C THR H 149 -29.36 1.82 23.51
N GLY H 150 -28.93 2.35 22.37
CA GLY H 150 -28.49 3.74 22.26
C GLY H 150 -27.10 4.04 22.76
N PHE H 151 -26.24 3.03 22.78
CA PHE H 151 -24.91 3.20 23.31
C PHE H 151 -23.90 3.33 22.19
N TYR H 152 -22.86 4.12 22.42
CA TYR H 152 -21.74 4.25 21.51
C TYR H 152 -20.53 4.54 22.37
N PRO H 153 -19.39 3.91 22.08
CA PRO H 153 -19.20 3.00 20.97
C PRO H 153 -19.62 1.58 21.28
N ASP H 154 -19.24 0.67 20.39
CA ASP H 154 -19.62 -0.72 20.43
C ASP H 154 -18.86 -1.51 21.51
N HIS H 155 -18.76 -0.96 22.71
CA HIS H 155 -17.92 -1.60 23.72
C HIS H 155 -18.72 -2.08 24.91
N VAL H 156 -19.43 -3.20 24.77
CA VAL H 156 -20.24 -3.67 25.88
C VAL H 156 -20.01 -5.13 26.19
N GLU H 157 -20.31 -5.51 27.42
CA GLU H 157 -20.28 -6.91 27.84
C GLU H 157 -21.55 -7.25 28.63
N LEU H 158 -22.37 -8.13 28.05
CA LEU H 158 -23.68 -8.44 28.60
C LEU H 158 -23.71 -9.79 29.32
N SER H 159 -24.35 -9.84 30.48
CA SER H 159 -24.44 -11.09 31.24
C SER H 159 -25.75 -11.18 32.00
N TRP H 160 -26.17 -12.40 32.30
CA TRP H 160 -27.38 -12.63 33.07
C TRP H 160 -27.08 -13.08 34.47
N TRP H 161 -27.85 -12.58 35.43
CA TRP H 161 -27.64 -12.92 36.83
C TRP H 161 -28.93 -13.42 37.45
N VAL H 162 -28.90 -14.68 37.87
CA VAL H 162 -30.07 -15.31 38.46
C VAL H 162 -29.79 -15.65 39.91
N ASN H 163 -30.61 -15.09 40.81
CA ASN H 163 -30.42 -15.22 42.24
C ASN H 163 -29.01 -14.81 42.67
N GLY H 164 -28.43 -13.84 41.96
CA GLY H 164 -27.15 -13.28 42.32
C GLY H 164 -25.93 -14.02 41.81
N LYS H 165 -26.14 -15.06 41.03
CA LYS H 165 -25.05 -15.80 40.40
C LYS H 165 -25.09 -15.58 38.88
N GLU H 166 -23.93 -15.42 38.25
CA GLU H 166 -23.90 -15.27 36.81
C GLU H 166 -24.32 -16.62 36.21
N VAL H 167 -24.98 -16.57 35.06
CA VAL H 167 -25.51 -17.77 34.42
C VAL H 167 -25.07 -17.83 32.97
N HIS H 168 -24.95 -19.04 32.43
CA HIS H 168 -24.53 -19.20 31.05
C HIS H 168 -25.47 -20.13 30.28
N SER H 169 -25.94 -21.18 30.96
CA SER H 169 -26.88 -22.10 30.37
C SER H 169 -28.22 -21.40 30.14
N GLY H 170 -28.79 -21.60 28.96
CA GLY H 170 -30.07 -21.03 28.61
C GLY H 170 -29.89 -19.65 28.03
N VAL H 171 -28.64 -19.22 27.91
CA VAL H 171 -28.34 -17.87 27.43
C VAL H 171 -27.91 -17.81 25.98
N CYS H 172 -28.36 -16.75 25.30
CA CYS H 172 -27.92 -16.42 23.96
C CYS H 172 -27.90 -14.92 23.72
N THR H 173 -26.72 -14.35 23.50
CA THR H 173 -26.61 -12.94 23.18
C THR H 173 -26.16 -12.73 21.74
N ASP H 174 -26.72 -11.72 21.06
CA ASP H 174 -26.27 -11.33 19.73
C ASP H 174 -24.75 -11.17 19.70
N PRO H 175 -24.10 -11.81 18.71
CA PRO H 175 -22.65 -11.70 18.52
C PRO H 175 -22.23 -10.31 18.03
N GLN H 176 -23.11 -9.61 17.32
CA GLN H 176 -22.82 -8.27 16.85
C GLN H 176 -24.02 -7.38 17.10
N PRO H 177 -23.79 -6.09 17.39
CA PRO H 177 -24.93 -5.21 17.59
C PRO H 177 -25.53 -4.61 16.30
N LEU H 178 -26.76 -4.14 16.38
CA LEU H 178 -27.42 -3.46 15.27
C LEU H 178 -27.10 -1.98 15.33
N LYS H 179 -27.03 -1.34 14.17
CA LYS H 179 -27.01 0.11 14.14
C LYS H 179 -28.44 0.67 14.26
N GLU H 180 -28.69 1.53 15.22
CA GLU H 180 -30.02 2.13 15.35
C GLU H 180 -30.34 3.04 14.17
N GLN H 181 -29.30 3.59 13.56
CA GLN H 181 -29.43 4.45 12.42
C GLN H 181 -28.34 4.11 11.43
N PRO H 182 -28.56 3.08 10.60
CA PRO H 182 -27.51 2.56 9.72
C PRO H 182 -27.00 3.64 8.78
N ALA H 183 -27.83 4.66 8.57
CA ALA H 183 -27.54 5.76 7.66
C ALA H 183 -26.42 6.67 8.15
N LEU H 184 -25.94 6.44 9.38
CA LEU H 184 -24.86 7.24 9.95
C LEU H 184 -23.60 6.42 10.21
N ASN H 185 -22.46 7.09 10.16
CA ASN H 185 -21.19 6.44 10.46
C ASN H 185 -21.05 6.32 11.97
N ASP H 186 -21.44 7.38 12.67
CA ASP H 186 -21.35 7.44 14.13
C ASP H 186 -22.66 7.01 14.78
N SER H 187 -23.31 6.01 14.18
CA SER H 187 -24.59 5.51 14.67
C SER H 187 -24.45 4.83 16.00
N ARG H 188 -25.46 5.02 16.86
CA ARG H 188 -25.50 4.31 18.14
C ARG H 188 -26.01 2.90 17.92
N TYR H 189 -25.87 2.06 18.94
CA TYR H 189 -26.05 0.61 18.76
C TYR H 189 -27.11 0.01 19.65
N ALA H 190 -27.60 -1.14 19.24
CA ALA H 190 -28.55 -1.91 20.03
C ALA H 190 -28.08 -3.34 20.10
N LEU H 191 -28.37 -4.00 21.21
CA LEU H 191 -27.94 -5.37 21.43
C LEU H 191 -28.98 -6.14 22.23
N SER H 192 -29.22 -7.40 21.89
CA SER H 192 -30.24 -8.17 22.61
C SER H 192 -29.69 -9.49 23.10
N SER H 193 -30.39 -10.08 24.06
CA SER H 193 -29.99 -11.35 24.65
C SER H 193 -31.20 -12.09 25.22
N ARG H 194 -31.15 -13.42 25.18
CA ARG H 194 -32.23 -14.25 25.69
C ARG H 194 -31.72 -15.10 26.83
N LEU H 195 -32.62 -15.39 27.75
CA LEU H 195 -32.38 -16.36 28.80
C LEU H 195 -33.63 -17.17 28.88
N ARG H 196 -33.49 -18.47 28.69
CA ARG H 196 -34.64 -19.34 28.75
C ARG H 196 -34.51 -20.22 30.00
N VAL H 197 -35.60 -20.36 30.73
CA VAL H 197 -35.69 -21.23 31.89
C VAL H 197 -37.05 -21.92 31.89
N SER H 198 -37.18 -23.00 32.66
CA SER H 198 -38.45 -23.70 32.72
C SER H 198 -39.51 -22.78 33.31
N ALA H 199 -40.76 -23.00 32.91
CA ALA H 199 -41.89 -22.16 33.32
C ALA H 199 -42.10 -22.20 34.81
N THR H 200 -41.83 -23.34 35.42
CA THR H 200 -42.00 -23.48 36.85
C THR H 200 -40.90 -22.72 37.63
N PHE H 201 -39.77 -22.45 36.98
CA PHE H 201 -38.72 -21.67 37.62
C PHE H 201 -38.95 -20.17 37.49
N TRP H 202 -39.79 -19.78 36.54
CA TRP H 202 -40.11 -18.38 36.34
C TRP H 202 -41.32 -17.96 37.18
N GLN H 203 -42.29 -18.84 37.34
CA GLN H 203 -43.51 -18.51 38.07
C GLN H 203 -43.32 -18.34 39.58
N ASN H 204 -42.11 -18.61 40.06
CA ASN H 204 -41.74 -18.44 41.47
C ASN H 204 -41.31 -17.01 41.82
N PRO H 205 -42.07 -16.33 42.68
CA PRO H 205 -41.75 -14.94 43.05
C PRO H 205 -40.52 -14.79 43.94
N ARG H 206 -39.90 -15.90 44.34
CA ARG H 206 -38.63 -15.82 45.07
C ARG H 206 -37.47 -15.59 44.12
N ASN H 207 -37.60 -16.05 42.87
CA ASN H 207 -36.52 -15.96 41.89
C ASN H 207 -36.31 -14.55 41.29
N HIS H 208 -35.05 -14.16 41.22
CA HIS H 208 -34.67 -12.82 40.76
C HIS H 208 -33.81 -12.89 39.49
N PHE H 209 -34.29 -12.28 38.41
CA PHE H 209 -33.56 -12.25 37.15
C PHE H 209 -33.04 -10.86 36.85
N ARG H 210 -31.73 -10.73 36.66
CA ARG H 210 -31.14 -9.44 36.35
C ARG H 210 -30.21 -9.49 35.14
N CYS H 211 -30.48 -8.62 34.18
CA CYS H 211 -29.67 -8.45 32.99
C CYS H 211 -28.66 -7.32 33.16
N GLN H 212 -27.38 -7.64 33.08
CA GLN H 212 -26.34 -6.64 33.31
C GLN H 212 -25.54 -6.31 32.05
N VAL H 213 -25.36 -5.00 31.80
CA VAL H 213 -24.52 -4.57 30.69
C VAL H 213 -23.40 -3.69 31.21
N GLN H 214 -22.17 -4.17 31.01
CA GLN H 214 -20.96 -3.44 31.31
C GLN H 214 -20.61 -2.54 30.14
N PHE H 215 -20.57 -1.24 30.35
CA PHE H 215 -20.22 -0.31 29.28
C PHE H 215 -18.81 0.22 29.50
N TYR H 216 -18.02 0.36 28.43
CA TYR H 216 -16.67 0.97 28.51
C TYR H 216 -16.61 2.26 27.71
N GLY H 217 -16.60 3.39 28.40
CA GLY H 217 -16.58 4.66 27.72
C GLY H 217 -15.44 5.56 28.13
N LEU H 218 -15.76 6.79 28.53
CA LEU H 218 -14.74 7.76 28.86
C LEU H 218 -14.10 7.47 30.22
N SER H 219 -12.84 7.86 30.37
CA SER H 219 -12.13 7.79 31.65
C SER H 219 -12.39 9.06 32.42
N GLU H 220 -11.93 9.10 33.67
CA GLU H 220 -12.15 10.30 34.48
C GLU H 220 -11.29 11.44 33.94
N ASN H 221 -10.22 11.08 33.27
CA ASN H 221 -9.28 12.08 32.77
C ASN H 221 -9.84 12.83 31.57
N ASP H 222 -10.75 12.19 30.85
CA ASP H 222 -11.32 12.80 29.68
C ASP H 222 -12.10 14.03 30.11
N GLU H 223 -12.02 15.08 29.30
CA GLU H 223 -12.70 16.34 29.58
C GLU H 223 -14.16 16.28 29.13
N TRP H 224 -15.07 16.82 29.94
CA TRP H 224 -16.50 16.77 29.61
C TRP H 224 -17.25 18.05 29.93
N THR H 225 -17.78 18.70 28.88
CA THR H 225 -18.38 20.02 29.02
C THR H 225 -19.89 20.05 28.72
N GLN H 226 -20.48 18.88 28.44
CA GLN H 226 -21.87 18.83 27.97
C GLN H 226 -22.87 18.83 29.11
N ASP H 227 -24.15 18.96 28.75
CA ASP H 227 -25.23 19.00 29.74
C ASP H 227 -25.43 17.66 30.41
N ARG H 228 -25.65 16.62 29.59
CA ARG H 228 -25.86 15.26 30.07
C ARG H 228 -24.66 14.73 30.85
N ALA H 229 -24.90 13.71 31.67
CA ALA H 229 -23.85 13.14 32.52
C ALA H 229 -22.71 12.52 31.70
N LYS H 230 -21.50 12.72 32.19
CA LYS H 230 -20.31 12.19 31.53
C LYS H 230 -20.46 10.69 31.25
N PRO H 231 -20.38 10.31 29.98
CA PRO H 231 -20.60 8.91 29.58
C PRO H 231 -19.45 8.00 29.97
N VAL H 232 -19.27 7.81 31.27
CA VAL H 232 -18.13 7.06 31.75
C VAL H 232 -18.41 5.56 31.74
N THR H 233 -17.34 4.78 31.88
CA THR H 233 -17.44 3.35 32.10
C THR H 233 -18.34 3.01 33.26
N GLN H 234 -19.30 2.14 33.02
CA GLN H 234 -20.36 1.90 33.98
C GLN H 234 -21.14 0.61 33.72
N ILE H 235 -21.89 0.19 34.72
CA ILE H 235 -22.83 -0.92 34.60
C ILE H 235 -24.23 -0.37 34.57
N VAL H 236 -25.00 -0.82 33.59
CA VAL H 236 -26.42 -0.55 33.56
C VAL H 236 -27.13 -1.90 33.65
N SER H 237 -28.07 -2.02 34.59
CA SER H 237 -28.77 -3.27 34.79
C SER H 237 -30.26 -3.06 34.67
N ALA H 238 -30.98 -4.17 34.51
CA ALA H 238 -32.44 -4.18 34.60
C ALA H 238 -32.83 -5.48 35.27
N GLU H 239 -33.97 -5.50 35.94
CA GLU H 239 -34.31 -6.68 36.72
C GLU H 239 -35.80 -7.07 36.61
N ALA H 240 -36.09 -8.31 36.99
CA ALA H 240 -37.46 -8.79 37.06
C ALA H 240 -37.58 -9.90 38.11
N TRP H 241 -38.76 -10.00 38.70
CA TRP H 241 -39.04 -11.06 39.67
C TRP H 241 -40.03 -12.07 39.07
N GLY H 242 -40.13 -13.24 39.70
CA GLY H 242 -41.08 -14.25 39.25
C GLY H 242 -42.54 -13.90 39.46
N ARG H 243 -43.39 -14.42 38.58
CA ARG H 243 -44.81 -14.10 38.53
C ARG H 243 -45.67 -15.35 38.52
N ALA H 244 -46.53 -15.51 39.53
CA ALA H 244 -47.47 -16.63 39.54
C ALA H 244 -48.86 -16.19 39.08
C1 NAG I . 19.45 -15.96 -1.71
C2 NAG I . 17.89 -15.86 -1.50
C3 NAG I . 16.96 -16.75 -2.33
C4 NAG I . 17.59 -17.54 -3.45
C5 NAG I . 19.00 -17.93 -3.12
C6 NAG I . 19.60 -18.40 -4.40
C7 NAG I . 18.20 -15.74 0.88
C8 NAG I . 17.48 -14.93 1.90
N2 NAG I . 17.50 -16.13 -0.14
O3 NAG I . 15.94 -15.96 -2.95
O4 NAG I . 16.79 -18.71 -3.68
O5 NAG I . 19.73 -16.76 -2.84
O6 NAG I . 20.39 -17.29 -4.80
O7 NAG I . 19.36 -16.05 0.99
C1 NAG I . 16.01 -18.50 -4.86
C2 NAG I . 15.05 -19.64 -5.14
C3 NAG I . 14.31 -19.35 -6.42
C4 NAG I . 13.62 -18.01 -6.35
C5 NAG I . 14.67 -16.96 -6.02
C6 NAG I . 14.14 -15.56 -5.83
C7 NAG I . 16.33 -21.55 -4.33
C8 NAG I . 15.75 -21.36 -2.97
N2 NAG I . 15.77 -20.88 -5.33
O3 NAG I . 13.34 -20.34 -6.72
O4 NAG I . 13.00 -17.79 -7.61
O5 NAG I . 15.24 -17.32 -4.77
O6 NAG I . 14.79 -15.06 -4.66
O7 NAG I . 17.26 -22.29 -4.54
C1 FUC I . 19.84 -16.72 -5.98
C2 FUC I . 20.88 -15.69 -6.38
C3 FUC I . 21.15 -15.56 -7.86
C4 FUC I . 19.93 -15.87 -8.70
C5 FUC I . 19.30 -17.20 -8.29
C6 FUC I . 17.78 -17.17 -8.35
O2 FUC I . 22.10 -16.11 -5.78
O3 FUC I . 21.54 -14.21 -8.09
O4 FUC I . 19.02 -14.78 -8.54
O5 FUC I . 19.72 -17.69 -7.01
C1 NAG J . 11.04 10.45 -10.28
C2 NAG J . 9.71 11.11 -9.76
C3 NAG J . 9.84 12.24 -8.74
C4 NAG J . 11.16 12.29 -8.01
C5 NAG J . 12.30 11.98 -8.95
C6 NAG J . 13.64 12.08 -8.23
C7 NAG J . 7.80 12.16 -10.74
C8 NAG J . 7.70 13.50 -11.39
N2 NAG J . 8.94 11.52 -10.90
O3 NAG J . 8.81 12.06 -7.77
O4 NAG J . 11.28 13.63 -7.54
O5 NAG J . 12.11 10.64 -9.36
O6 NAG J . 14.35 10.84 -8.36
O7 NAG J . 6.89 11.67 -10.09
C1 NAG J . 11.52 13.64 -6.13
C2 NAG J . 11.75 15.09 -5.71
C3 NAG J . 12.05 15.17 -4.21
C4 NAG J . 10.97 14.45 -3.41
C5 NAG J . 10.80 13.03 -3.94
C6 NAG J . 9.70 12.26 -3.25
C7 NAG J . 12.65 16.53 -7.50
C8 NAG J . 13.88 17.04 -8.17
N2 NAG J . 12.84 15.70 -6.47
O3 NAG J . 12.13 16.52 -3.79
O4 NAG J . 11.31 14.43 -2.03
O5 NAG J . 10.47 13.07 -5.34
O6 NAG J . 8.91 11.54 -4.19
O7 NAG J . 11.52 16.86 -7.86
C1 FUC J . 13.99 9.99 -7.27
C2 FUC J . 14.79 8.69 -7.32
C3 FUC J . 16.19 8.81 -6.74
C4 FUC J . 16.22 9.68 -5.51
C5 FUC J . 15.51 10.99 -5.80
C6 FUC J . 15.61 11.94 -4.61
O2 FUC J . 14.94 8.31 -8.69
O3 FUC J . 16.64 7.50 -6.37
O4 FUC J . 15.50 9.02 -4.47
O5 FUC J . 14.16 10.65 -6.01
C1 OLA K . 22.78 -29.81 15.41
O1 OLA K . 22.10 -30.85 15.59
O2 OLA K . 23.95 -29.74 15.86
C2 OLA K . 22.18 -28.64 14.65
C3 OLA K . 22.00 -29.00 13.19
C4 OLA K . 22.45 -27.88 12.28
C5 OLA K . 22.52 -28.33 10.83
C6 OLA K . 23.74 -27.75 10.14
C7 OLA K . 23.43 -27.35 8.71
C8 OLA K . 23.45 -25.84 8.52
C9 OLA K . 23.61 -25.56 7.04
C10 OLA K . 23.83 -24.19 6.58
C11 OLA K . 22.85 -23.10 6.92
C12 OLA K . 23.54 -22.00 7.73
C13 OLA K . 24.71 -21.37 7.00
C14 OLA K . 25.65 -20.64 7.97
C15 OLA K . 26.49 -21.56 8.87
C16 OLA K . 26.84 -20.89 10.20
C17 OLA K . 28.34 -20.94 10.51
C18 OLA K . 28.65 -20.97 12.01
C1 PAM L . 7.57 23.48 -24.40
O1 PAM L . 7.50 24.23 -23.41
O2 PAM L . 6.62 23.45 -25.21
C2 PAM L . 8.79 22.61 -24.62
C3 PAM L . 9.01 21.76 -23.38
C4 PAM L . 10.50 21.62 -23.05
C5 PAM L . 10.64 20.87 -21.72
C6 PAM L . 10.44 19.37 -21.96
C7 PAM L . 10.70 18.56 -20.70
C8 PAM L . 9.68 17.44 -20.68
C9 PAM L . 10.16 16.25 -19.87
C10 PAM L . 10.12 14.90 -20.45
C11 PAM L . 9.40 14.69 -21.75
C12 PAM L . 10.23 13.81 -22.70
C13 PAM L . 9.91 14.17 -24.15
C14 PAM L . 10.67 13.27 -25.12
C15 PAM L . 9.94 13.11 -26.45
C16 PAM L . 10.01 14.36 -27.32
#